data_5QS1
# 
_entry.id   5QS1 
# 
_audit_conform.dict_name       mmcif_pdbx.dic 
_audit_conform.dict_version    5.387 
_audit_conform.dict_location   http://mmcif.pdb.org/dictionaries/ascii/mmcif_pdbx.dic 
# 
loop_
_database_2.database_id 
_database_2.database_code 
_database_2.pdbx_database_accession 
_database_2.pdbx_DOI 
PDB   5QS1         pdb_00005qs1 10.2210/pdb5qs1/pdb 
WWPDB D_1001402334 ?            ?                   
# 
loop_
_pdbx_audit_revision_history.ordinal 
_pdbx_audit_revision_history.data_content_type 
_pdbx_audit_revision_history.major_revision 
_pdbx_audit_revision_history.minor_revision 
_pdbx_audit_revision_history.revision_date 
1 'Structure model' 1 0 2019-07-10 
2 'Structure model' 1 1 2019-08-07 
3 'Structure model' 1 2 2024-03-06 
# 
_pdbx_audit_revision_details.ordinal             1 
_pdbx_audit_revision_details.revision_ordinal    1 
_pdbx_audit_revision_details.data_content_type   'Structure model' 
_pdbx_audit_revision_details.provider            repository 
_pdbx_audit_revision_details.type                'Initial release' 
_pdbx_audit_revision_details.description         ? 
_pdbx_audit_revision_details.details             ? 
# 
loop_
_pdbx_audit_revision_group.ordinal 
_pdbx_audit_revision_group.revision_ordinal 
_pdbx_audit_revision_group.data_content_type 
_pdbx_audit_revision_group.group 
1 2 'Structure model' 'Author supporting evidence' 
2 2 'Structure model' 'Data collection'            
3 2 'Structure model' 'Structure summary'          
4 3 'Structure model' 'Data collection'            
5 3 'Structure model' 'Database references'        
6 3 'Structure model' 'Derived calculations'       
# 
loop_
_pdbx_audit_revision_category.ordinal 
_pdbx_audit_revision_category.revision_ordinal 
_pdbx_audit_revision_category.data_content_type 
_pdbx_audit_revision_category.category 
1 2 'Structure model' pdbx_entity_instance_feature 
2 2 'Structure model' pdbx_entry_details           
3 3 'Structure model' chem_comp_atom               
4 3 'Structure model' chem_comp_bond               
5 3 'Structure model' database_2                   
6 3 'Structure model' pdbx_struct_conn_angle       
7 3 'Structure model' struct_conn                  
# 
loop_
_pdbx_audit_revision_item.ordinal 
_pdbx_audit_revision_item.revision_ordinal 
_pdbx_audit_revision_item.data_content_type 
_pdbx_audit_revision_item.item 
1  3 'Structure model' '_database_2.pdbx_DOI'                        
2  3 'Structure model' '_database_2.pdbx_database_accession'         
3  3 'Structure model' '_pdbx_struct_conn_angle.ptnr1_auth_comp_id'  
4  3 'Structure model' '_pdbx_struct_conn_angle.ptnr1_auth_seq_id'   
5  3 'Structure model' '_pdbx_struct_conn_angle.ptnr1_label_alt_id'  
6  3 'Structure model' '_pdbx_struct_conn_angle.ptnr1_label_asym_id' 
7  3 'Structure model' '_pdbx_struct_conn_angle.ptnr1_label_atom_id' 
8  3 'Structure model' '_pdbx_struct_conn_angle.ptnr1_label_comp_id' 
9  3 'Structure model' '_pdbx_struct_conn_angle.ptnr1_label_seq_id'  
10 3 'Structure model' '_pdbx_struct_conn_angle.ptnr1_symmetry'      
11 3 'Structure model' '_pdbx_struct_conn_angle.ptnr2_auth_seq_id'   
12 3 'Structure model' '_pdbx_struct_conn_angle.ptnr2_label_asym_id' 
13 3 'Structure model' '_pdbx_struct_conn_angle.ptnr3_auth_comp_id'  
14 3 'Structure model' '_pdbx_struct_conn_angle.ptnr3_auth_seq_id'   
15 3 'Structure model' '_pdbx_struct_conn_angle.ptnr3_label_alt_id'  
16 3 'Structure model' '_pdbx_struct_conn_angle.ptnr3_label_asym_id' 
17 3 'Structure model' '_pdbx_struct_conn_angle.ptnr3_label_atom_id' 
18 3 'Structure model' '_pdbx_struct_conn_angle.ptnr3_label_comp_id' 
19 3 'Structure model' '_pdbx_struct_conn_angle.ptnr3_label_seq_id'  
20 3 'Structure model' '_pdbx_struct_conn_angle.ptnr3_symmetry'      
21 3 'Structure model' '_pdbx_struct_conn_angle.value'               
22 3 'Structure model' '_struct_conn.pdbx_dist_value'                
23 3 'Structure model' '_struct_conn.pdbx_ptnr1_label_alt_id'        
24 3 'Structure model' '_struct_conn.ptnr1_auth_comp_id'             
25 3 'Structure model' '_struct_conn.ptnr1_auth_seq_id'              
26 3 'Structure model' '_struct_conn.ptnr1_label_asym_id'            
27 3 'Structure model' '_struct_conn.ptnr1_label_atom_id'            
28 3 'Structure model' '_struct_conn.ptnr1_label_comp_id'            
29 3 'Structure model' '_struct_conn.ptnr1_label_seq_id'             
30 3 'Structure model' '_struct_conn.ptnr2_auth_comp_id'             
31 3 'Structure model' '_struct_conn.ptnr2_auth_seq_id'              
32 3 'Structure model' '_struct_conn.ptnr2_label_asym_id'            
33 3 'Structure model' '_struct_conn.ptnr2_label_atom_id'            
34 3 'Structure model' '_struct_conn.ptnr2_label_comp_id'            
35 3 'Structure model' '_struct_conn.ptnr2_symmetry'                 
# 
_pdbx_database_status.entry_id                        5QS1 
_pdbx_database_status.status_code                     REL 
_pdbx_database_status.status_code_sf                  REL 
_pdbx_database_status.status_code_mr                  ? 
_pdbx_database_status.status_code_cs                  ? 
_pdbx_database_status.recvd_initial_deposition_date   2019-05-25 
_pdbx_database_status.deposit_site                    RCSB 
_pdbx_database_status.process_site                    RCSB 
_pdbx_database_status.SG_entry                        ? 
_pdbx_database_status.pdb_format_compatible           Y 
_pdbx_database_status.methods_development_category    ? 
_pdbx_database_status.status_code_nmr_data            ? 
# 
loop_
_audit_author.name 
_audit_author.pdbx_ordinal 
'Newman, J.A.'        1  
'Gavard, A.E.'        2  
'Fernandez-Cid, A.'   3  
'Sherestha, L.'       4  
'Burgess-Brown, N.A.' 5  
'von Delft, F.'       6  
'Arrowsmith, C.H.'    7  
'Edwards, A.'         8  
'Bountra, C.'         9  
'Gileadi, O.'         10 
# 
_citation.id                        primary 
_citation.title                     'PanDDA analysis group deposition' 
_citation.journal_abbrev            'To Be Published' 
_citation.journal_volume            ? 
_citation.page_first                ? 
_citation.page_last                 ? 
_citation.year                      ? 
_citation.journal_id_ASTM           ? 
_citation.country                   ? 
_citation.journal_id_ISSN           ? 
_citation.journal_id_CSD            0353 
_citation.book_publisher            ? 
_citation.pdbx_database_id_PubMed   ? 
_citation.pdbx_database_id_DOI      ? 
# 
loop_
_citation_author.citation_id 
_citation_author.name 
_citation_author.identifier_ORCID 
_citation_author.ordinal 
primary 'Newman, J.A.'        ? 1  
primary 'Gavard, A.E.'        ? 2  
primary 'Fernandez-Cid, A.'   ? 3  
primary 'Sherestha, L.'       ? 4  
primary 'Burgess-Brown, N.A.' ? 5  
primary 'von Delft, F.'       ? 6  
primary 'Arrowsmith, C.H.'    ? 7  
primary 'Edwards, A.'         ? 8  
primary 'Bountra, C.'         ? 9  
primary 'Gileadi, O.'         ? 10 
# 
loop_
_entity.id 
_entity.type 
_entity.src_method 
_entity.pdbx_description 
_entity.formula_weight 
_entity.pdbx_number_of_molecules 
_entity.pdbx_ec 
_entity.pdbx_mutation 
_entity.pdbx_fragment 
_entity.details 
1 polymer     man 'T-box transcription factor T'     19597.586 1  ? ? ? ? 
2 non-polymer syn 'CADMIUM ION'                      112.411   5  ? ? ? ? 
3 non-polymer syn 5-methoxy-1,3-benzothiazol-2-amine 180.227   1  ? ? ? ? 
4 water       nat water                              18.015    72 ? ? ? ? 
# 
_entity_name_com.entity_id   1 
_entity_name_com.name        'Brachyury protein,Protein T' 
# 
_entity_poly.entity_id                      1 
_entity_poly.type                           'polypeptide(L)' 
_entity_poly.nstd_linkage                   no 
_entity_poly.nstd_monomer                   no 
_entity_poly.pdbx_seq_one_letter_code       
;GELRVGLEESELWLRFKELTNEMIVTKNGRRMFPVLKVNVSGLDPNAMYSFLLDFVAADNHRWKYVNGEWVPGGKPEPQA
PSCVYIHPDSPNFGAHWMKAPVSFSKVKLTNKLNGGGQIMLNSLHKYEPRIHIVRVGGPQRMITSHCFPETQFIAVTAYQ
NEEITALKIKYN
;
_entity_poly.pdbx_seq_one_letter_code_can   
;GELRVGLEESELWLRFKELTNEMIVTKNGRRMFPVLKVNVSGLDPNAMYSFLLDFVAADNHRWKYVNGEWVPGGKPEPQA
PSCVYIHPDSPNFGAHWMKAPVSFSKVKLTNKLNGGGQIMLNSLHKYEPRIHIVRVGGPQRMITSHCFPETQFIAVTAYQ
NEEITALKIKYN
;
_entity_poly.pdbx_strand_id                 A 
_entity_poly.pdbx_target_identifier         ? 
# 
loop_
_pdbx_entity_nonpoly.entity_id 
_pdbx_entity_nonpoly.name 
_pdbx_entity_nonpoly.comp_id 
2 'CADMIUM ION'                      CD  
3 5-methoxy-1,3-benzothiazol-2-amine NZ1 
4 water                              HOH 
# 
loop_
_entity_poly_seq.entity_id 
_entity_poly_seq.num 
_entity_poly_seq.mon_id 
_entity_poly_seq.hetero 
1 1   GLY n 
1 2   GLU n 
1 3   LEU n 
1 4   ARG n 
1 5   VAL n 
1 6   GLY n 
1 7   LEU n 
1 8   GLU n 
1 9   GLU n 
1 10  SER n 
1 11  GLU n 
1 12  LEU n 
1 13  TRP n 
1 14  LEU n 
1 15  ARG n 
1 16  PHE n 
1 17  LYS n 
1 18  GLU n 
1 19  LEU n 
1 20  THR n 
1 21  ASN n 
1 22  GLU n 
1 23  MET n 
1 24  ILE n 
1 25  VAL n 
1 26  THR n 
1 27  LYS n 
1 28  ASN n 
1 29  GLY n 
1 30  ARG n 
1 31  ARG n 
1 32  MET n 
1 33  PHE n 
1 34  PRO n 
1 35  VAL n 
1 36  LEU n 
1 37  LYS n 
1 38  VAL n 
1 39  ASN n 
1 40  VAL n 
1 41  SER n 
1 42  GLY n 
1 43  LEU n 
1 44  ASP n 
1 45  PRO n 
1 46  ASN n 
1 47  ALA n 
1 48  MET n 
1 49  TYR n 
1 50  SER n 
1 51  PHE n 
1 52  LEU n 
1 53  LEU n 
1 54  ASP n 
1 55  PHE n 
1 56  VAL n 
1 57  ALA n 
1 58  ALA n 
1 59  ASP n 
1 60  ASN n 
1 61  HIS n 
1 62  ARG n 
1 63  TRP n 
1 64  LYS n 
1 65  TYR n 
1 66  VAL n 
1 67  ASN n 
1 68  GLY n 
1 69  GLU n 
1 70  TRP n 
1 71  VAL n 
1 72  PRO n 
1 73  GLY n 
1 74  GLY n 
1 75  LYS n 
1 76  PRO n 
1 77  GLU n 
1 78  PRO n 
1 79  GLN n 
1 80  ALA n 
1 81  PRO n 
1 82  SER n 
1 83  CYS n 
1 84  VAL n 
1 85  TYR n 
1 86  ILE n 
1 87  HIS n 
1 88  PRO n 
1 89  ASP n 
1 90  SER n 
1 91  PRO n 
1 92  ASN n 
1 93  PHE n 
1 94  GLY n 
1 95  ALA n 
1 96  HIS n 
1 97  TRP n 
1 98  MET n 
1 99  LYS n 
1 100 ALA n 
1 101 PRO n 
1 102 VAL n 
1 103 SER n 
1 104 PHE n 
1 105 SER n 
1 106 LYS n 
1 107 VAL n 
1 108 LYS n 
1 109 LEU n 
1 110 THR n 
1 111 ASN n 
1 112 LYS n 
1 113 LEU n 
1 114 ASN n 
1 115 GLY n 
1 116 GLY n 
1 117 GLY n 
1 118 GLN n 
1 119 ILE n 
1 120 MET n 
1 121 LEU n 
1 122 ASN n 
1 123 SER n 
1 124 LEU n 
1 125 HIS n 
1 126 LYS n 
1 127 TYR n 
1 128 GLU n 
1 129 PRO n 
1 130 ARG n 
1 131 ILE n 
1 132 HIS n 
1 133 ILE n 
1 134 VAL n 
1 135 ARG n 
1 136 VAL n 
1 137 GLY n 
1 138 GLY n 
1 139 PRO n 
1 140 GLN n 
1 141 ARG n 
1 142 MET n 
1 143 ILE n 
1 144 THR n 
1 145 SER n 
1 146 HIS n 
1 147 CYS n 
1 148 PHE n 
1 149 PRO n 
1 150 GLU n 
1 151 THR n 
1 152 GLN n 
1 153 PHE n 
1 154 ILE n 
1 155 ALA n 
1 156 VAL n 
1 157 THR n 
1 158 ALA n 
1 159 TYR n 
1 160 GLN n 
1 161 ASN n 
1 162 GLU n 
1 163 GLU n 
1 164 ILE n 
1 165 THR n 
1 166 ALA n 
1 167 LEU n 
1 168 LYS n 
1 169 ILE n 
1 170 LYS n 
1 171 TYR n 
1 172 ASN n 
# 
_entity_src_gen.entity_id                          1 
_entity_src_gen.pdbx_src_id                        1 
_entity_src_gen.pdbx_alt_source_flag               sample 
_entity_src_gen.pdbx_seq_type                      'Biological sequence' 
_entity_src_gen.pdbx_beg_seq_num                   1 
_entity_src_gen.pdbx_end_seq_num                   172 
_entity_src_gen.gene_src_common_name               Human 
_entity_src_gen.gene_src_genus                     ? 
_entity_src_gen.pdbx_gene_src_gene                 'TBXT, T' 
_entity_src_gen.gene_src_species                   ? 
_entity_src_gen.gene_src_strain                    ? 
_entity_src_gen.gene_src_tissue                    ? 
_entity_src_gen.gene_src_tissue_fraction           ? 
_entity_src_gen.gene_src_details                   ? 
_entity_src_gen.pdbx_gene_src_fragment             ? 
_entity_src_gen.pdbx_gene_src_scientific_name      'Homo sapiens' 
_entity_src_gen.pdbx_gene_src_ncbi_taxonomy_id     9606 
_entity_src_gen.pdbx_gene_src_variant              ? 
_entity_src_gen.pdbx_gene_src_cell_line            ? 
_entity_src_gen.pdbx_gene_src_atcc                 ? 
_entity_src_gen.pdbx_gene_src_organ                ? 
_entity_src_gen.pdbx_gene_src_organelle            ? 
_entity_src_gen.pdbx_gene_src_cell                 ? 
_entity_src_gen.pdbx_gene_src_cellular_location    ? 
_entity_src_gen.host_org_common_name               ? 
_entity_src_gen.pdbx_host_org_scientific_name      'Escherichia coli' 
_entity_src_gen.pdbx_host_org_ncbi_taxonomy_id     562 
_entity_src_gen.host_org_genus                     ? 
_entity_src_gen.pdbx_host_org_gene                 ? 
_entity_src_gen.pdbx_host_org_organ                ? 
_entity_src_gen.host_org_species                   ? 
_entity_src_gen.pdbx_host_org_tissue               ? 
_entity_src_gen.pdbx_host_org_tissue_fraction      ? 
_entity_src_gen.pdbx_host_org_strain               ? 
_entity_src_gen.pdbx_host_org_variant              ? 
_entity_src_gen.pdbx_host_org_cell_line            ? 
_entity_src_gen.pdbx_host_org_atcc                 ? 
_entity_src_gen.pdbx_host_org_culture_collection   ? 
_entity_src_gen.pdbx_host_org_cell                 ? 
_entity_src_gen.pdbx_host_org_organelle            ? 
_entity_src_gen.pdbx_host_org_cellular_location    ? 
_entity_src_gen.pdbx_host_org_vector_type          ? 
_entity_src_gen.pdbx_host_org_vector               ? 
_entity_src_gen.host_org_details                   ? 
_entity_src_gen.expression_system_id               ? 
_entity_src_gen.plasmid_name                       ? 
_entity_src_gen.plasmid_details                    ? 
_entity_src_gen.pdbx_description                   ? 
# 
loop_
_chem_comp.id 
_chem_comp.type 
_chem_comp.mon_nstd_flag 
_chem_comp.name 
_chem_comp.pdbx_synonyms 
_chem_comp.formula 
_chem_comp.formula_weight 
ALA 'L-peptide linking' y ALANINE                            ? 'C3 H7 N O2'     89.093  
ARG 'L-peptide linking' y ARGININE                           ? 'C6 H15 N4 O2 1' 175.209 
ASN 'L-peptide linking' y ASPARAGINE                         ? 'C4 H8 N2 O3'    132.118 
ASP 'L-peptide linking' y 'ASPARTIC ACID'                    ? 'C4 H7 N O4'     133.103 
CD  non-polymer         . 'CADMIUM ION'                      ? 'Cd 2'           112.411 
CYS 'L-peptide linking' y CYSTEINE                           ? 'C3 H7 N O2 S'   121.158 
GLN 'L-peptide linking' y GLUTAMINE                          ? 'C5 H10 N2 O3'   146.144 
GLU 'L-peptide linking' y 'GLUTAMIC ACID'                    ? 'C5 H9 N O4'     147.129 
GLY 'peptide linking'   y GLYCINE                            ? 'C2 H5 N O2'     75.067  
HIS 'L-peptide linking' y HISTIDINE                          ? 'C6 H10 N3 O2 1' 156.162 
HOH non-polymer         . WATER                              ? 'H2 O'           18.015  
ILE 'L-peptide linking' y ISOLEUCINE                         ? 'C6 H13 N O2'    131.173 
LEU 'L-peptide linking' y LEUCINE                            ? 'C6 H13 N O2'    131.173 
LYS 'L-peptide linking' y LYSINE                             ? 'C6 H15 N2 O2 1' 147.195 
MET 'L-peptide linking' y METHIONINE                         ? 'C5 H11 N O2 S'  149.211 
NZ1 non-polymer         . 5-methoxy-1,3-benzothiazol-2-amine ? 'C8 H8 N2 O S'   180.227 
PHE 'L-peptide linking' y PHENYLALANINE                      ? 'C9 H11 N O2'    165.189 
PRO 'L-peptide linking' y PROLINE                            ? 'C5 H9 N O2'     115.130 
SER 'L-peptide linking' y SERINE                             ? 'C3 H7 N O3'     105.093 
THR 'L-peptide linking' y THREONINE                          ? 'C4 H9 N O3'     119.119 
TRP 'L-peptide linking' y TRYPTOPHAN                         ? 'C11 H12 N2 O2'  204.225 
TYR 'L-peptide linking' y TYROSINE                           ? 'C9 H11 N O3'    181.189 
VAL 'L-peptide linking' y VALINE                             ? 'C5 H11 N O2'    117.146 
# 
loop_
_pdbx_poly_seq_scheme.asym_id 
_pdbx_poly_seq_scheme.entity_id 
_pdbx_poly_seq_scheme.seq_id 
_pdbx_poly_seq_scheme.mon_id 
_pdbx_poly_seq_scheme.ndb_seq_num 
_pdbx_poly_seq_scheme.pdb_seq_num 
_pdbx_poly_seq_scheme.auth_seq_num 
_pdbx_poly_seq_scheme.pdb_mon_id 
_pdbx_poly_seq_scheme.auth_mon_id 
_pdbx_poly_seq_scheme.pdb_strand_id 
_pdbx_poly_seq_scheme.pdb_ins_code 
_pdbx_poly_seq_scheme.hetero 
A 1 1   GLY 1   40  ?   ?   ?   A . n 
A 1 2   GLU 2   41  41  GLU GLU A . n 
A 1 3   LEU 3   42  42  LEU LEU A . n 
A 1 4   ARG 4   43  43  ARG ARG A . n 
A 1 5   VAL 5   44  44  VAL VAL A . n 
A 1 6   GLY 6   45  45  GLY GLY A . n 
A 1 7   LEU 7   46  46  LEU LEU A . n 
A 1 8   GLU 8   47  47  GLU GLU A . n 
A 1 9   GLU 9   48  48  GLU GLU A . n 
A 1 10  SER 10  49  49  SER SER A . n 
A 1 11  GLU 11  50  50  GLU GLU A . n 
A 1 12  LEU 12  51  51  LEU LEU A . n 
A 1 13  TRP 13  52  52  TRP TRP A . n 
A 1 14  LEU 14  53  53  LEU LEU A . n 
A 1 15  ARG 15  54  54  ARG ARG A . n 
A 1 16  PHE 16  55  55  PHE PHE A . n 
A 1 17  LYS 17  56  56  LYS LYS A . n 
A 1 18  GLU 18  57  57  GLU GLU A . n 
A 1 19  LEU 19  58  58  LEU LEU A . n 
A 1 20  THR 20  59  59  THR THR A . n 
A 1 21  ASN 21  60  60  ASN ASN A . n 
A 1 22  GLU 22  61  61  GLU GLU A . n 
A 1 23  MET 23  62  62  MET MET A . n 
A 1 24  ILE 24  63  63  ILE ILE A . n 
A 1 25  VAL 25  64  64  VAL VAL A . n 
A 1 26  THR 26  65  65  THR THR A . n 
A 1 27  LYS 27  66  66  LYS LYS A . n 
A 1 28  ASN 28  67  67  ASN ASN A . n 
A 1 29  GLY 29  68  68  GLY GLY A . n 
A 1 30  ARG 30  69  69  ARG ARG A . n 
A 1 31  ARG 31  70  70  ARG ARG A . n 
A 1 32  MET 32  71  71  MET MET A . n 
A 1 33  PHE 33  72  72  PHE PHE A . n 
A 1 34  PRO 34  73  73  PRO PRO A . n 
A 1 35  VAL 35  74  74  VAL VAL A . n 
A 1 36  LEU 36  75  75  LEU LEU A . n 
A 1 37  LYS 37  76  76  LYS LYS A . n 
A 1 38  VAL 38  77  77  VAL VAL A . n 
A 1 39  ASN 39  78  78  ASN ASN A . n 
A 1 40  VAL 40  79  79  VAL VAL A . n 
A 1 41  SER 41  80  80  SER SER A . n 
A 1 42  GLY 42  81  81  GLY GLY A . n 
A 1 43  LEU 43  82  82  LEU LEU A . n 
A 1 44  ASP 44  83  83  ASP ASP A . n 
A 1 45  PRO 45  84  84  PRO PRO A . n 
A 1 46  ASN 46  85  85  ASN ASN A . n 
A 1 47  ALA 47  86  86  ALA ALA A . n 
A 1 48  MET 48  87  87  MET MET A . n 
A 1 49  TYR 49  88  88  TYR TYR A . n 
A 1 50  SER 50  89  89  SER SER A . n 
A 1 51  PHE 51  90  90  PHE PHE A . n 
A 1 52  LEU 52  91  91  LEU LEU A . n 
A 1 53  LEU 53  92  92  LEU LEU A . n 
A 1 54  ASP 54  93  93  ASP ASP A . n 
A 1 55  PHE 55  94  94  PHE PHE A . n 
A 1 56  VAL 56  95  95  VAL VAL A . n 
A 1 57  ALA 57  96  96  ALA ALA A . n 
A 1 58  ALA 58  97  97  ALA ALA A . n 
A 1 59  ASP 59  98  98  ASP ASP A . n 
A 1 60  ASN 60  99  99  ASN ASN A . n 
A 1 61  HIS 61  100 100 HIS HIS A . n 
A 1 62  ARG 62  101 101 ARG ARG A . n 
A 1 63  TRP 63  102 102 TRP TRP A . n 
A 1 64  LYS 64  103 103 LYS LYS A . n 
A 1 65  TYR 65  104 104 TYR TYR A . n 
A 1 66  VAL 66  105 105 VAL VAL A . n 
A 1 67  ASN 67  106 106 ASN ASN A . n 
A 1 68  GLY 68  107 107 GLY GLY A . n 
A 1 69  GLU 69  108 108 GLU GLU A . n 
A 1 70  TRP 70  109 109 TRP TRP A . n 
A 1 71  VAL 71  110 110 VAL VAL A . n 
A 1 72  PRO 72  111 111 PRO PRO A . n 
A 1 73  GLY 73  112 112 GLY GLY A . n 
A 1 74  GLY 74  113 113 GLY GLY A . n 
A 1 75  LYS 75  114 114 LYS LYS A . n 
A 1 76  PRO 76  115 115 PRO PRO A . n 
A 1 77  GLU 77  116 116 GLU GLU A . n 
A 1 78  PRO 78  117 117 PRO PRO A . n 
A 1 79  GLN 79  118 118 GLN GLN A . n 
A 1 80  ALA 80  119 119 ALA ALA A . n 
A 1 81  PRO 81  120 120 PRO PRO A . n 
A 1 82  SER 82  121 121 SER SER A . n 
A 1 83  CYS 83  122 122 CYS CYS A . n 
A 1 84  VAL 84  123 123 VAL VAL A . n 
A 1 85  TYR 85  124 124 TYR TYR A . n 
A 1 86  ILE 86  125 125 ILE ILE A . n 
A 1 87  HIS 87  126 126 HIS HIS A . n 
A 1 88  PRO 88  127 127 PRO PRO A . n 
A 1 89  ASP 89  128 128 ASP ASP A . n 
A 1 90  SER 90  129 129 SER SER A . n 
A 1 91  PRO 91  130 130 PRO PRO A . n 
A 1 92  ASN 92  131 131 ASN ASN A . n 
A 1 93  PHE 93  132 132 PHE PHE A . n 
A 1 94  GLY 94  133 133 GLY GLY A . n 
A 1 95  ALA 95  134 134 ALA ALA A . n 
A 1 96  HIS 96  135 135 HIS HIS A . n 
A 1 97  TRP 97  136 136 TRP TRP A . n 
A 1 98  MET 98  137 137 MET MET A . n 
A 1 99  LYS 99  138 138 LYS LYS A . n 
A 1 100 ALA 100 139 139 ALA ALA A . n 
A 1 101 PRO 101 140 140 PRO PRO A . n 
A 1 102 VAL 102 141 141 VAL VAL A . n 
A 1 103 SER 103 142 142 SER SER A . n 
A 1 104 PHE 104 143 143 PHE PHE A . n 
A 1 105 SER 105 144 144 SER SER A . n 
A 1 106 LYS 106 145 145 LYS LYS A . n 
A 1 107 VAL 107 146 146 VAL VAL A . n 
A 1 108 LYS 108 147 147 LYS LYS A . n 
A 1 109 LEU 109 148 148 LEU LEU A . n 
A 1 110 THR 110 149 149 THR THR A . n 
A 1 111 ASN 111 150 150 ASN ASN A . n 
A 1 112 LYS 112 151 151 LYS LYS A . n 
A 1 113 LEU 113 152 152 LEU LEU A . n 
A 1 114 ASN 114 153 153 ASN ASN A . n 
A 1 115 GLY 115 154 154 GLY GLY A . n 
A 1 116 GLY 116 155 155 GLY GLY A . n 
A 1 117 GLY 117 156 156 GLY GLY A . n 
A 1 118 GLN 118 157 157 GLN GLN A . n 
A 1 119 ILE 119 158 158 ILE ILE A . n 
A 1 120 MET 120 159 159 MET MET A . n 
A 1 121 LEU 121 160 160 LEU LEU A . n 
A 1 122 ASN 122 161 161 ASN ASN A . n 
A 1 123 SER 123 162 162 SER SER A . n 
A 1 124 LEU 124 163 163 LEU LEU A . n 
A 1 125 HIS 125 164 164 HIS HIS A . n 
A 1 126 LYS 126 165 165 LYS LYS A . n 
A 1 127 TYR 127 166 166 TYR TYR A . n 
A 1 128 GLU 128 167 167 GLU GLU A . n 
A 1 129 PRO 129 168 168 PRO PRO A . n 
A 1 130 ARG 130 169 169 ARG ARG A . n 
A 1 131 ILE 131 170 170 ILE ILE A . n 
A 1 132 HIS 132 171 171 HIS HIS A . n 
A 1 133 ILE 133 172 172 ILE ILE A . n 
A 1 134 VAL 134 173 173 VAL VAL A . n 
A 1 135 ARG 135 174 174 ARG ARG A . n 
A 1 136 VAL 136 175 175 VAL VAL A . n 
A 1 137 GLY 137 176 176 GLY GLY A . n 
A 1 138 GLY 138 177 177 GLY GLY A . n 
A 1 139 PRO 139 178 178 PRO PRO A . n 
A 1 140 GLN 140 179 179 GLN GLN A . n 
A 1 141 ARG 141 180 180 ARG ARG A . n 
A 1 142 MET 142 181 181 MET MET A . n 
A 1 143 ILE 143 182 182 ILE ILE A . n 
A 1 144 THR 144 183 183 THR THR A . n 
A 1 145 SER 145 184 184 SER SER A . n 
A 1 146 HIS 146 185 185 HIS HIS A . n 
A 1 147 CYS 147 186 186 CYS CYS A . n 
A 1 148 PHE 148 187 187 PHE PHE A . n 
A 1 149 PRO 149 188 188 PRO PRO A . n 
A 1 150 GLU 150 189 189 GLU GLU A . n 
A 1 151 THR 151 190 190 THR THR A . n 
A 1 152 GLN 152 191 191 GLN GLN A . n 
A 1 153 PHE 153 192 192 PHE PHE A . n 
A 1 154 ILE 154 193 193 ILE ILE A . n 
A 1 155 ALA 155 194 194 ALA ALA A . n 
A 1 156 VAL 156 195 195 VAL VAL A . n 
A 1 157 THR 157 196 196 THR THR A . n 
A 1 158 ALA 158 197 197 ALA ALA A . n 
A 1 159 TYR 159 198 198 TYR TYR A . n 
A 1 160 GLN 160 199 199 GLN GLN A . n 
A 1 161 ASN 161 200 200 ASN ASN A . n 
A 1 162 GLU 162 201 201 GLU GLU A . n 
A 1 163 GLU 163 202 202 GLU GLU A . n 
A 1 164 ILE 164 203 203 ILE ILE A . n 
A 1 165 THR 165 204 204 THR THR A . n 
A 1 166 ALA 166 205 205 ALA ALA A . n 
A 1 167 LEU 167 206 206 LEU LEU A . n 
A 1 168 LYS 168 207 207 LYS LYS A . n 
A 1 169 ILE 169 208 208 ILE ILE A . n 
A 1 170 LYS 170 209 209 LYS LYS A . n 
A 1 171 TYR 171 210 210 TYR TYR A . n 
A 1 172 ASN 172 211 211 ASN ASN A . n 
# 
loop_
_pdbx_nonpoly_scheme.asym_id 
_pdbx_nonpoly_scheme.entity_id 
_pdbx_nonpoly_scheme.mon_id 
_pdbx_nonpoly_scheme.ndb_seq_num 
_pdbx_nonpoly_scheme.pdb_seq_num 
_pdbx_nonpoly_scheme.auth_seq_num 
_pdbx_nonpoly_scheme.pdb_mon_id 
_pdbx_nonpoly_scheme.auth_mon_id 
_pdbx_nonpoly_scheme.pdb_strand_id 
_pdbx_nonpoly_scheme.pdb_ins_code 
B 2 CD  1  301 1  CD  CD  A . 
C 2 CD  1  302 2  CD  CD  A . 
D 2 CD  1  303 3  CD  CD  A . 
E 2 CD  1  304 4  CD  CD  A . 
F 2 CD  1  305 5  CD  CD  A . 
G 3 NZ1 1  306 1  NZ1 LIG A . 
H 4 HOH 1  401 79 HOH HOH A . 
H 4 HOH 2  402 68 HOH HOH A . 
H 4 HOH 3  403 48 HOH HOH A . 
H 4 HOH 4  404 53 HOH HOH A . 
H 4 HOH 5  405 61 HOH HOH A . 
H 4 HOH 6  406 56 HOH HOH A . 
H 4 HOH 7  407 52 HOH HOH A . 
H 4 HOH 8  408 70 HOH HOH A . 
H 4 HOH 9  409 58 HOH HOH A . 
H 4 HOH 10 410 21 HOH HOH A . 
H 4 HOH 11 411 51 HOH HOH A . 
H 4 HOH 12 412 16 HOH HOH A . 
H 4 HOH 13 413 32 HOH HOH A . 
H 4 HOH 14 414 41 HOH HOH A . 
H 4 HOH 15 415 50 HOH HOH A . 
H 4 HOH 16 416 71 HOH HOH A . 
H 4 HOH 17 417 44 HOH HOH A . 
H 4 HOH 18 418 45 HOH HOH A . 
H 4 HOH 19 419 54 HOH HOH A . 
H 4 HOH 20 420 55 HOH HOH A . 
H 4 HOH 21 421 24 HOH HOH A . 
H 4 HOH 22 422 17 HOH HOH A . 
H 4 HOH 23 423 14 HOH HOH A . 
H 4 HOH 24 424 33 HOH HOH A . 
H 4 HOH 25 425 63 HOH HOH A . 
H 4 HOH 26 426 4  HOH HOH A . 
H 4 HOH 27 427 69 HOH HOH A . 
H 4 HOH 28 428 52 HOH HOH A . 
H 4 HOH 29 429 49 HOH HOH A . 
H 4 HOH 30 430 31 HOH HOH A . 
H 4 HOH 31 431 67 HOH HOH A . 
H 4 HOH 32 432 6  HOH HOH A . 
H 4 HOH 33 433 10 HOH HOH A . 
H 4 HOH 34 434 47 HOH HOH A . 
H 4 HOH 35 435 75 HOH HOH A . 
H 4 HOH 36 436 45 HOH HOH A . 
H 4 HOH 37 437 1  HOH HOH A . 
H 4 HOH 38 438 73 HOH HOH A . 
H 4 HOH 39 439 18 HOH HOH A . 
H 4 HOH 40 440 30 HOH HOH A . 
H 4 HOH 41 441 8  HOH HOH A . 
H 4 HOH 42 442 14 HOH HOH A . 
H 4 HOH 43 443 8  HOH HOH A . 
H 4 HOH 44 444 46 HOH HOH A . 
H 4 HOH 45 445 57 HOH HOH A . 
H 4 HOH 46 446 11 HOH HOH A . 
H 4 HOH 47 447 60 HOH HOH A . 
H 4 HOH 48 448 28 HOH HOH A . 
H 4 HOH 49 449 64 HOH HOH A . 
H 4 HOH 50 450 66 HOH HOH A . 
H 4 HOH 51 451 12 HOH HOH A . 
H 4 HOH 52 452 2  HOH HOH A . 
H 4 HOH 53 453 1  HOH HOH A . 
H 4 HOH 54 454 77 HOH HOH A . 
H 4 HOH 55 455 23 HOH HOH A . 
H 4 HOH 56 456 4  HOH HOH A . 
H 4 HOH 57 457 65 HOH HOH A . 
H 4 HOH 58 458 3  HOH HOH A . 
H 4 HOH 59 459 6  HOH HOH A . 
H 4 HOH 60 460 7  HOH HOH A . 
H 4 HOH 61 461 15 HOH HOH A . 
H 4 HOH 62 462 5  HOH HOH A . 
H 4 HOH 63 463 72 HOH HOH A . 
H 4 HOH 64 464 10 HOH HOH A . 
H 4 HOH 65 465 59 HOH HOH A . 
H 4 HOH 66 466 62 HOH HOH A . 
H 4 HOH 67 467 43 HOH HOH A . 
H 4 HOH 68 468 13 HOH HOH A . 
H 4 HOH 69 469 78 HOH HOH A . 
H 4 HOH 70 470 16 HOH HOH A . 
H 4 HOH 71 471 17 HOH HOH A . 
H 4 HOH 72 472 18 HOH HOH A . 
# 
loop_
_pdbx_unobs_or_zero_occ_atoms.id 
_pdbx_unobs_or_zero_occ_atoms.PDB_model_num 
_pdbx_unobs_or_zero_occ_atoms.polymer_flag 
_pdbx_unobs_or_zero_occ_atoms.occupancy_flag 
_pdbx_unobs_or_zero_occ_atoms.auth_asym_id 
_pdbx_unobs_or_zero_occ_atoms.auth_comp_id 
_pdbx_unobs_or_zero_occ_atoms.auth_seq_id 
_pdbx_unobs_or_zero_occ_atoms.PDB_ins_code 
_pdbx_unobs_or_zero_occ_atoms.auth_atom_id 
_pdbx_unobs_or_zero_occ_atoms.label_alt_id 
_pdbx_unobs_or_zero_occ_atoms.label_asym_id 
_pdbx_unobs_or_zero_occ_atoms.label_comp_id 
_pdbx_unobs_or_zero_occ_atoms.label_seq_id 
_pdbx_unobs_or_zero_occ_atoms.label_atom_id 
1 1 Y 1 A ARG 43 ? CG  ? A ARG 4 CG  
2 1 Y 1 A ARG 43 ? CD  ? A ARG 4 CD  
3 1 Y 1 A ARG 43 ? NE  ? A ARG 4 NE  
4 1 Y 1 A ARG 43 ? CZ  ? A ARG 4 CZ  
5 1 Y 1 A ARG 43 ? NH1 ? A ARG 4 NH1 
6 1 Y 1 A ARG 43 ? NH2 ? A ARG 4 NH2 
# 
loop_
_software.pdbx_ordinal 
_software.name 
_software.version 
_software.date 
_software.type 
_software.contact_author 
_software.contact_author_email 
_software.classification 
_software.location 
_software.language 
_software.citation_id 
1 REFMAC      5.8.0238 ?               program 'Garib N. Murshudov' garib@ysbl.york.ac.uk    refinement        
http://www.ccp4.ac.uk/dist/html/refmac5.html        Fortran_77 ? 
2 Aimless     0.7.1    27/03/18        program 'Phil Evans'         ?                        'data scaling'    
http://www.mrc-lmb.cam.ac.uk/harry/pre/aimless.html ?          ? 
3 PDB_EXTRACT 3.23     'SEP. 23, 2016' package PDB                  deposit@deposit.rcsb.org 'data extraction' 
http://sw-tools.pdb.org/apps/PDB_EXTRACT/           C++        ? 
4 XDS         .        ?               program ?                    ?                        'data reduction'  ? ?          ? 
5 REFMAC      .        ?               program ?                    ?                        phasing           ? ?          ? 
# 
_cell.entry_id           5QS1 
_cell.length_a           59.600 
_cell.length_b           59.600 
_cell.length_c           109.990 
_cell.angle_alpha        90.000 
_cell.angle_beta         90.000 
_cell.angle_gamma        90.000 
_cell.Z_PDB              8 
_cell.pdbx_unique_axis   ? 
# 
_symmetry.entry_id                         5QS1 
_symmetry.Int_Tables_number                91 
_symmetry.space_group_name_H-M             'P 41 2 2' 
_symmetry.pdbx_full_space_group_name_H-M   ? 
_symmetry.cell_setting                     ? 
# 
_exptl.crystals_number   1 
_exptl.entry_id          5QS1 
_exptl.method            'X-RAY DIFFRACTION' 
# 
_exptl_crystal.id                    1 
_exptl_crystal.pdbx_mosaicity        0.000 
_exptl_crystal.pdbx_mosaicity_esd    ? 
_exptl_crystal.density_Matthews      2.49 
_exptl_crystal.density_diffrn        ? 
_exptl_crystal.density_meas          ? 
_exptl_crystal.density_meas_temp     ? 
_exptl_crystal.density_percent_sol   50.64 
_exptl_crystal.size_max              ? 
_exptl_crystal.size_mid              ? 
_exptl_crystal.size_min              ? 
_exptl_crystal.size_rad              ? 
_exptl_crystal.description           ? 
# 
_exptl_crystal_grow.crystal_id      1 
_exptl_crystal_grow.method          'VAPOR DIFFUSION, SITTING DROP' 
_exptl_crystal_grow.pH              4.5 
_exptl_crystal_grow.temp            298 
_exptl_crystal_grow.pdbx_details    '0.1 M CdCl, 0.1 M Acetate pH 4.5, 32% PEG 400' 
_exptl_crystal_grow.temp_details    ? 
_exptl_crystal_grow.pdbx_pH_range   ? 
# 
_diffrn.id                     1 
_diffrn.ambient_temp           100 
_diffrn.crystal_id             1 
_diffrn.ambient_temp_details   ? 
# 
_diffrn_detector.detector               PIXEL 
_diffrn_detector.type                   'DECTRIS PILATUS 6M' 
_diffrn_detector.pdbx_collection_date   2018-07-23 
_diffrn_detector.diffrn_id              1 
_diffrn_detector.details                ? 
# 
_diffrn_radiation.diffrn_id                        1 
_diffrn_radiation.wavelength_id                    1 
_diffrn_radiation.pdbx_diffrn_protocol             'SINGLE WAVELENGTH' 
_diffrn_radiation.pdbx_monochromatic_or_laue_m_l   M 
_diffrn_radiation.monochromator                    ? 
_diffrn_radiation.pdbx_scattering_type             x-ray 
# 
_diffrn_radiation_wavelength.id           1 
_diffrn_radiation_wavelength.wavelength   0.91587 
_diffrn_radiation_wavelength.wt           1.0 
# 
_diffrn_source.diffrn_id                   1 
_diffrn_source.source                      SYNCHROTRON 
_diffrn_source.type                        'DIAMOND BEAMLINE I04-1' 
_diffrn_source.pdbx_wavelength_list        0.91587 
_diffrn_source.pdbx_synchrotron_site       Diamond 
_diffrn_source.pdbx_synchrotron_beamline   I04-1 
_diffrn_source.pdbx_wavelength             ? 
# 
_reflns.entry_id                     5QS1 
_reflns.pdbx_diffrn_id               1 
_reflns.pdbx_ordinal                 1 
_reflns.observed_criterion_sigma_I   ? 
_reflns.observed_criterion_sigma_F   ? 
_reflns.d_resolution_low             52.400 
_reflns.d_resolution_high            1.660 
_reflns.number_obs                   24219 
_reflns.number_all                   ? 
_reflns.percent_possible_obs         99.900 
_reflns.pdbx_Rmerge_I_obs            0.057 
_reflns.pdbx_Rsym_value              ? 
_reflns.pdbx_netI_over_sigmaI        19.100 
_reflns.B_iso_Wilson_estimate        ? 
_reflns.pdbx_redundancy              12.300 
_reflns.pdbx_Rrim_I_all              0.060 
_reflns.pdbx_Rpim_I_all              0.017 
_reflns.pdbx_CC_half                 0.999 
_reflns.pdbx_netI_over_av_sigmaI     ? 
_reflns.pdbx_number_measured_all     296754 
_reflns.pdbx_scaling_rejects         1 
_reflns.pdbx_chi_squared             ? 
_reflns.Rmerge_F_all                 ? 
_reflns.Rmerge_F_obs                 ? 
_reflns.observed_criterion_F_max     ? 
_reflns.observed_criterion_F_min     ? 
_reflns.observed_criterion_I_max     ? 
_reflns.observed_criterion_I_min     ? 
_reflns.pdbx_d_res_high_opt          ? 
_reflns.pdbx_d_res_low_opt           ? 
_reflns.details                      ? 
# 
loop_
_reflns_shell.pdbx_diffrn_id 
_reflns_shell.pdbx_ordinal 
_reflns_shell.d_res_high 
_reflns_shell.d_res_low 
_reflns_shell.number_measured_obs 
_reflns_shell.number_measured_all 
_reflns_shell.number_unique_obs 
_reflns_shell.pdbx_rejects 
_reflns_shell.Rmerge_I_obs 
_reflns_shell.meanI_over_sigI_obs 
_reflns_shell.pdbx_Rsym_value 
_reflns_shell.pdbx_chi_squared 
_reflns_shell.pdbx_redundancy 
_reflns_shell.percent_possible_obs 
_reflns_shell.pdbx_netI_over_sigmaI_obs 
_reflns_shell.number_possible 
_reflns_shell.number_unique_all 
_reflns_shell.Rmerge_F_all 
_reflns_shell.Rmerge_F_obs 
_reflns_shell.Rmerge_I_all 
_reflns_shell.meanI_over_sigI_all 
_reflns_shell.percent_possible_all 
_reflns_shell.pdbx_Rrim_I_all 
_reflns_shell.pdbx_Rpim_I_all 
_reflns_shell.pdbx_CC_half 
1 1 1.660 1.700  ? 18476 ? ? 1.972 ? ? ? 10.500 ? 1.100  ? 1755 ? ? ? ? 99.700 2.073 0.633 0.712 
1 2 7.420 52.400 ? 3495  ? ? 0.034 ? ? ? 10.100 ? 57.500 ? 345  ? ? ? ? 99.800 0.036 0.011 0.998 
# 
_refine.entry_id                                 5QS1 
_refine.pdbx_refine_id                           'X-RAY DIFFRACTION' 
_refine.ls_d_res_high                            1.6600 
_refine.ls_d_res_low                             52.4600 
_refine.pdbx_ls_sigma_F                          0.000 
_refine.pdbx_data_cutoff_high_absF               ? 
_refine.pdbx_data_cutoff_low_absF                ? 
_refine.ls_percent_reflns_obs                    99.8400 
_refine.ls_number_reflns_obs                     22988 
_refine.ls_number_reflns_all                     ? 
_refine.pdbx_ls_cross_valid_method               THROUGHOUT 
_refine.ls_matrix_type                           ? 
_refine.pdbx_R_Free_selection_details            RANDOM 
_refine.details                                  
'HYDROGENS HAVE BEEN ADDED IN THE RIDING POSITIONS U VALUES      : REFINED INDIVIDUALLY' 
_refine.ls_R_factor_all                          ? 
_refine.ls_R_factor_obs                          0.2205 
_refine.ls_R_factor_R_work                       0.2190 
_refine.ls_wR_factor_R_work                      ? 
_refine.ls_R_factor_R_free                       0.2530 
_refine.ls_wR_factor_R_free                      ? 
_refine.ls_percent_reflns_R_free                 4.9000 
_refine.ls_number_reflns_R_free                  1183 
_refine.ls_number_reflns_R_work                  ? 
_refine.ls_R_factor_R_free_error                 ? 
_refine.B_iso_mean                               40.1310 
_refine.solvent_model_param_bsol                 ? 
_refine.solvent_model_param_ksol                 ? 
_refine.pdbx_isotropic_thermal_model             ? 
_refine.aniso_B[1][1]                            1.5400 
_refine.aniso_B[2][2]                            1.5400 
_refine.aniso_B[3][3]                            -3.0700 
_refine.aniso_B[1][2]                            -0.0000 
_refine.aniso_B[1][3]                            -0.0000 
_refine.aniso_B[2][3]                            -0.0000 
_refine.correlation_coeff_Fo_to_Fc               0.9600 
_refine.correlation_coeff_Fo_to_Fc_free          0.9450 
_refine.overall_SU_R_Cruickshank_DPI             ? 
_refine.pdbx_overall_SU_R_free_Cruickshank_DPI   ? 
_refine.pdbx_overall_SU_R_Blow_DPI               ? 
_refine.pdbx_overall_SU_R_free_Blow_DPI          ? 
_refine.overall_SU_R_free                        ? 
_refine.pdbx_overall_ESU_R                       0.1190 
_refine.pdbx_overall_ESU_R_Free                  0.1150 
_refine.overall_SU_ML                            0.1030 
_refine.overall_SU_B                             3.2890 
_refine.solvent_model_details                    MASK 
_refine.pdbx_solvent_vdw_probe_radii             1.2000 
_refine.pdbx_solvent_ion_probe_radii             0.8000 
_refine.pdbx_solvent_shrinkage_radii             0.8000 
_refine.ls_number_parameters                     ? 
_refine.ls_number_restraints                     ? 
_refine.pdbx_starting_model                      6f58 
_refine.pdbx_method_to_determine_struct          'FOURIER SYNTHESIS' 
_refine.pdbx_stereochemistry_target_values       'MAXIMUM LIKELIHOOD' 
_refine.pdbx_stereochem_target_val_spec_case     ? 
_refine.overall_FOM_work_R_set                   ? 
_refine.B_iso_max                                107.170 
_refine.B_iso_min                                21.910 
_refine.pdbx_overall_phase_error                 ? 
_refine.occupancy_max                            ? 
_refine.occupancy_min                            ? 
_refine.pdbx_diffrn_id                           1 
_refine.pdbx_TLS_residual_ADP_flag               ? 
_refine.pdbx_ls_sigma_I                          ? 
_refine.pdbx_data_cutoff_high_rms_absF           ? 
_refine.ls_R_factor_R_free_error_details         ? 
# 
_refine_hist.cycle_id                         final 
_refine_hist.pdbx_refine_id                   'X-RAY DIFFRACTION' 
_refine_hist.d_res_high                       1.6600 
_refine_hist.d_res_low                        52.4600 
_refine_hist.pdbx_number_atoms_ligand         16 
_refine_hist.number_atoms_solvent             72 
_refine_hist.number_atoms_total               1457 
_refine_hist.pdbx_number_residues_total       172 
_refine_hist.pdbx_B_iso_mean_ligand           56.11 
_refine_hist.pdbx_B_iso_mean_solvent          41.61 
_refine_hist.pdbx_number_atoms_protein        1369 
_refine_hist.pdbx_number_atoms_nucleic_acid   0 
# 
loop_
_refine_ls_restr.pdbx_refine_id 
_refine_ls_restr.type 
_refine_ls_restr.number 
_refine_ls_restr.dev_ideal 
_refine_ls_restr.dev_ideal_target 
_refine_ls_restr.weight 
_refine_ls_restr.pdbx_restraint_function 
'X-RAY DIFFRACTION' r_bond_refined_d       1787 0.009  0.013  ? ? 
'X-RAY DIFFRACTION' r_bond_other_d         1506 0.001  0.017  ? ? 
'X-RAY DIFFRACTION' r_angle_refined_deg    2243 1.579  1.638  ? ? 
'X-RAY DIFFRACTION' r_angle_other_deg      3501 1.321  1.570  ? ? 
'X-RAY DIFFRACTION' r_dihedral_angle_1_deg 204  7.580  5.000  ? ? 
'X-RAY DIFFRACTION' r_dihedral_angle_2_deg 83   28.525 21.928 ? ? 
'X-RAY DIFFRACTION' r_dihedral_angle_3_deg 280  16.615 15.000 ? ? 
'X-RAY DIFFRACTION' r_dihedral_angle_4_deg 10   21.333 15.000 ? ? 
'X-RAY DIFFRACTION' r_chiral_restr         200  0.082  0.200  ? ? 
'X-RAY DIFFRACTION' r_gen_planes_refined   1872 0.009  0.020  ? ? 
'X-RAY DIFFRACTION' r_gen_planes_other     358  0.001  0.020  ? ? 
'X-RAY DIFFRACTION' r_mcbond_it            856  3.561  4.023  ? ? 
'X-RAY DIFFRACTION' r_mcbond_other         855  3.563  4.019  ? ? 
'X-RAY DIFFRACTION' r_mcangle_it           1004 5.201  6.048  ? ? 
# 
_refine_ls_shell.d_res_high                       1.6600 
_refine_ls_shell.d_res_low                        1.7030 
_refine_ls_shell.pdbx_total_number_of_bins_used   20 
_refine_ls_shell.percent_reflns_obs               99.7100 
_refine_ls_shell.number_reflns_R_work             1651 
_refine_ls_shell.R_factor_all                     ? 
_refine_ls_shell.R_factor_R_work                  0.3570 
_refine_ls_shell.R_factor_R_free                  0.3470 
_refine_ls_shell.percent_reflns_R_free            ? 
_refine_ls_shell.number_reflns_R_free             95 
_refine_ls_shell.R_factor_R_free_error            ? 
_refine_ls_shell.number_reflns_all                1746 
_refine_ls_shell.number_reflns_obs                ? 
_refine_ls_shell.pdbx_refine_id                   'X-RAY DIFFRACTION' 
# 
_struct.entry_id                  5QS1 
_struct.title                     
'PanDDA analysis group deposition -- Crystal Structure of human Brachyury in complex with Z1954800564' 
_struct.pdbx_model_details        ? 
_struct.pdbx_CASP_flag            ? 
_struct.pdbx_model_type_details   ? 
# 
_struct_keywords.entry_id        5QS1 
_struct_keywords.text            'SGC - Diamond I04-1 fragment screening, PanDDA, XChemExplorer, TRANSCRIPTION' 
_struct_keywords.pdbx_keywords   TRANSCRIPTION 
# 
loop_
_struct_asym.id 
_struct_asym.pdbx_blank_PDB_chainid_flag 
_struct_asym.pdbx_modified 
_struct_asym.entity_id 
_struct_asym.details 
A N N 1 ? 
B N N 2 ? 
C N N 2 ? 
D N N 2 ? 
E N N 2 ? 
F N N 2 ? 
G N N 3 ? 
H N N 4 ? 
# 
_struct_ref.id                         1 
_struct_ref.db_name                    UNP 
_struct_ref.db_code                    TBXT_HUMAN 
_struct_ref.pdbx_db_accession          O15178 
_struct_ref.pdbx_db_isoform            ? 
_struct_ref.entity_id                  1 
_struct_ref.pdbx_seq_one_letter_code   
;ELRVGLEESELWLRFKELTNEMIVTKNGRRMFPVLKVNVSGLDPNAMYSFLLDFVAADNHRWKYVNGEWVPGGKPEPQAP
SCVYIHPDSPNFGAHWMKAPVSFSKVKLTNKLNGGGQIMLNSLHKYEPRIHIVRVGGPQRMITSHCFPETQFIAVTAYQN
EEITALKIKYN
;
_struct_ref.pdbx_align_begin           41 
# 
_struct_ref_seq.align_id                      1 
_struct_ref_seq.ref_id                        1 
_struct_ref_seq.pdbx_PDB_id_code              5QS1 
_struct_ref_seq.pdbx_strand_id                A 
_struct_ref_seq.seq_align_beg                 2 
_struct_ref_seq.pdbx_seq_align_beg_ins_code   ? 
_struct_ref_seq.seq_align_end                 172 
_struct_ref_seq.pdbx_seq_align_end_ins_code   ? 
_struct_ref_seq.pdbx_db_accession             O15178 
_struct_ref_seq.db_align_beg                  41 
_struct_ref_seq.pdbx_db_align_beg_ins_code    ? 
_struct_ref_seq.db_align_end                  211 
_struct_ref_seq.pdbx_db_align_end_ins_code    ? 
_struct_ref_seq.pdbx_auth_seq_align_beg       41 
_struct_ref_seq.pdbx_auth_seq_align_end       211 
# 
_struct_ref_seq_dif.align_id                     1 
_struct_ref_seq_dif.pdbx_pdb_id_code             5QS1 
_struct_ref_seq_dif.mon_id                       GLY 
_struct_ref_seq_dif.pdbx_pdb_strand_id           A 
_struct_ref_seq_dif.seq_num                      1 
_struct_ref_seq_dif.pdbx_pdb_ins_code            ? 
_struct_ref_seq_dif.pdbx_seq_db_name             UNP 
_struct_ref_seq_dif.pdbx_seq_db_accession_code   O15178 
_struct_ref_seq_dif.db_mon_id                    ? 
_struct_ref_seq_dif.pdbx_seq_db_seq_num          ? 
_struct_ref_seq_dif.details                      'expression tag' 
_struct_ref_seq_dif.pdbx_auth_seq_num            40 
_struct_ref_seq_dif.pdbx_ordinal                 1 
# 
_pdbx_struct_assembly.id                   1 
_pdbx_struct_assembly.details              author_defined_assembly 
_pdbx_struct_assembly.method_details       ? 
_pdbx_struct_assembly.oligomeric_details   monomeric 
_pdbx_struct_assembly.oligomeric_count     1 
# 
_pdbx_struct_assembly_gen.assembly_id       1 
_pdbx_struct_assembly_gen.oper_expression   1 
_pdbx_struct_assembly_gen.asym_id_list      A,B,C,D,E,F,G,H 
# 
_pdbx_struct_oper_list.id                   1 
_pdbx_struct_oper_list.type                 'identity operation' 
_pdbx_struct_oper_list.name                 1_555 
_pdbx_struct_oper_list.symmetry_operation   x,y,z 
_pdbx_struct_oper_list.matrix[1][1]         1.0000000000 
_pdbx_struct_oper_list.matrix[1][2]         0.0000000000 
_pdbx_struct_oper_list.matrix[1][3]         0.0000000000 
_pdbx_struct_oper_list.vector[1]            0.0000000000 
_pdbx_struct_oper_list.matrix[2][1]         0.0000000000 
_pdbx_struct_oper_list.matrix[2][2]         1.0000000000 
_pdbx_struct_oper_list.matrix[2][3]         0.0000000000 
_pdbx_struct_oper_list.vector[2]            0.0000000000 
_pdbx_struct_oper_list.matrix[3][1]         0.0000000000 
_pdbx_struct_oper_list.matrix[3][2]         0.0000000000 
_pdbx_struct_oper_list.matrix[3][3]         1.0000000000 
_pdbx_struct_oper_list.vector[3]            0.0000000000 
# 
loop_
_struct_conf.conf_type_id 
_struct_conf.id 
_struct_conf.pdbx_PDB_helix_id 
_struct_conf.beg_label_comp_id 
_struct_conf.beg_label_asym_id 
_struct_conf.beg_label_seq_id 
_struct_conf.pdbx_beg_PDB_ins_code 
_struct_conf.end_label_comp_id 
_struct_conf.end_label_asym_id 
_struct_conf.end_label_seq_id 
_struct_conf.pdbx_end_PDB_ins_code 
_struct_conf.beg_auth_comp_id 
_struct_conf.beg_auth_asym_id 
_struct_conf.beg_auth_seq_id 
_struct_conf.end_auth_comp_id 
_struct_conf.end_auth_asym_id 
_struct_conf.end_auth_seq_id 
_struct_conf.pdbx_PDB_helix_class 
_struct_conf.details 
_struct_conf.pdbx_PDB_helix_length 
HELX_P HELX_P1 AA1 GLU A 9   ? LEU A 19  ? GLU A 48  LEU A 58  1 ? 11 
HELX_P HELX_P2 AA2 GLY A 94  ? LYS A 99  ? GLY A 133 LYS A 138 1 ? 6  
HELX_P HELX_P3 AA3 PRO A 149 ? GLN A 152 ? PRO A 188 GLN A 191 5 ? 4  
HELX_P HELX_P4 AA4 ASN A 161 ? ASN A 172 ? ASN A 200 ASN A 211 1 ? 12 
# 
_struct_conf_type.id          HELX_P 
_struct_conf_type.criteria    ? 
_struct_conf_type.reference   ? 
# 
loop_
_struct_conn.id 
_struct_conn.conn_type_id 
_struct_conn.pdbx_leaving_atom_flag 
_struct_conn.pdbx_PDB_id 
_struct_conn.ptnr1_label_asym_id 
_struct_conn.ptnr1_label_comp_id 
_struct_conn.ptnr1_label_seq_id 
_struct_conn.ptnr1_label_atom_id 
_struct_conn.pdbx_ptnr1_label_alt_id 
_struct_conn.pdbx_ptnr1_PDB_ins_code 
_struct_conn.pdbx_ptnr1_standard_comp_id 
_struct_conn.ptnr1_symmetry 
_struct_conn.ptnr2_label_asym_id 
_struct_conn.ptnr2_label_comp_id 
_struct_conn.ptnr2_label_seq_id 
_struct_conn.ptnr2_label_atom_id 
_struct_conn.pdbx_ptnr2_label_alt_id 
_struct_conn.pdbx_ptnr2_PDB_ins_code 
_struct_conn.ptnr1_auth_asym_id 
_struct_conn.ptnr1_auth_comp_id 
_struct_conn.ptnr1_auth_seq_id 
_struct_conn.ptnr2_auth_asym_id 
_struct_conn.ptnr2_auth_comp_id 
_struct_conn.ptnr2_auth_seq_id 
_struct_conn.ptnr2_symmetry 
_struct_conn.pdbx_ptnr3_label_atom_id 
_struct_conn.pdbx_ptnr3_label_seq_id 
_struct_conn.pdbx_ptnr3_label_comp_id 
_struct_conn.pdbx_ptnr3_label_asym_id 
_struct_conn.pdbx_ptnr3_label_alt_id 
_struct_conn.pdbx_ptnr3_PDB_ins_code 
_struct_conn.details 
_struct_conn.pdbx_dist_value 
_struct_conn.pdbx_value_order 
_struct_conn.pdbx_role 
metalc1  metalc ? ? A HIS 61  NE2 ? ? ? 1_555 E CD  . CD ? ? A HIS 100 A CD  304 1_555 ? ? ? ? ? ? ? 2.222 ? ? 
metalc2  metalc ? ? A CYS 83  SG  ? ? ? 1_555 D CD  . CD ? ? A CYS 122 A CD  303 1_555 ? ? ? ? ? ? ? 2.618 ? ? 
metalc3  metalc ? ? A CYS 83  SG  ? ? ? 1_555 F CD  . CD ? ? A CYS 122 A CD  305 1_555 ? ? ? ? ? ? ? 2.524 ? ? 
metalc4  metalc ? ? A GLU 128 OE1 ? ? ? 1_555 B CD  . CD ? ? A GLU 167 A CD  301 1_555 ? ? ? ? ? ? ? 2.431 ? ? 
metalc5  metalc ? ? A GLU 128 OE1 ? ? ? 1_555 B CD  . CD ? ? A GLU 167 A CD  301 5_655 ? ? ? ? ? ? ? 2.431 ? ? 
metalc6  metalc ? ? A GLU 128 OE1 ? ? ? 1_555 C CD  . CD ? ? A GLU 167 A CD  302 1_555 ? ? ? ? ? ? ? 2.670 ? ? 
metalc7  metalc ? ? A GLU 128 OE2 ? ? ? 1_555 C CD  . CD ? ? A GLU 167 A CD  302 1_555 ? ? ? ? ? ? ? 2.284 ? ? 
metalc8  metalc ? ? A CYS 147 SG  A ? ? 1_555 B CD  . CD ? ? A CYS 186 A CD  301 1_555 ? ? ? ? ? ? ? 2.548 ? ? 
metalc9  metalc ? ? A CYS 147 SG  B ? ? 1_555 B CD  . CD ? ? A CYS 186 A CD  301 1_555 ? ? ? ? ? ? ? 2.549 ? ? 
metalc10 metalc ? ? A CYS 147 SG  A ? ? 1_555 B CD  . CD ? ? A CYS 186 A CD  301 5_655 ? ? ? ? ? ? ? 2.548 ? ? 
metalc11 metalc ? ? A CYS 147 SG  B ? ? 1_555 B CD  . CD ? ? A CYS 186 A CD  301 5_655 ? ? ? ? ? ? ? 2.549 ? ? 
metalc12 metalc ? ? A CYS 147 SG  A ? ? 1_555 C CD  . CD ? ? A CYS 186 A CD  302 5_655 ? ? ? ? ? ? ? 2.404 ? ? 
metalc13 metalc ? ? A CYS 147 SG  B ? ? 1_555 C CD  . CD ? ? A CYS 186 A CD  302 5_655 ? ? ? ? ? ? ? 2.425 ? ? 
metalc14 metalc ? ? B CD  .   CD  ? ? ? 1_555 H HOH . O  ? ? A CD  301 A HOH 453 1_555 ? ? ? ? ? ? ? 2.116 ? ? 
metalc15 metalc ? ? B CD  .   CD  ? ? ? 1_555 H HOH . O  ? ? A CD  301 A HOH 453 5_655 ? ? ? ? ? ? ? 2.116 ? ? 
metalc16 metalc ? ? C CD  .   CD  ? ? ? 1_555 H HOH . O  ? ? A CD  302 A HOH 456 5_655 ? ? ? ? ? ? ? 2.544 ? ? 
metalc17 metalc ? ? C CD  .   CD  ? ? ? 1_555 H HOH . O  ? ? A CD  302 A HOH 458 1_555 ? ? ? ? ? ? ? 2.458 ? ? 
metalc18 metalc ? ? D CD  .   CD  ? ? ? 1_555 H HOH . O  ? ? A CD  303 A HOH 454 1_555 ? ? ? ? ? ? ? 2.463 ? ? 
metalc19 metalc ? ? D CD  .   CD  ? ? ? 1_555 H HOH . O  ? ? A CD  303 A HOH 471 1_555 ? ? ? ? ? ? ? 2.617 ? ? 
metalc20 metalc ? ? E CD  .   CD  ? ? ? 1_555 H HOH . O  ? ? A CD  304 A HOH 459 1_555 ? ? ? ? ? ? ? 2.404 ? ? 
metalc21 metalc ? ? E CD  .   CD  ? ? ? 1_555 H HOH . O  ? ? A CD  304 A HOH 460 1_555 ? ? ? ? ? ? ? 2.405 ? ? 
metalc22 metalc ? ? E CD  .   CD  ? ? ? 1_555 H HOH . O  ? ? A CD  304 A HOH 462 1_555 ? ? ? ? ? ? ? 2.303 ? ? 
metalc23 metalc ? ? F CD  .   CD  ? ? ? 1_555 H HOH . O  ? ? A CD  305 A HOH 451 1_555 ? ? ? ? ? ? ? 2.524 ? ? 
metalc24 metalc ? ? F CD  .   CD  ? ? ? 1_555 H HOH . O  ? ? A CD  305 A HOH 471 1_555 ? ? ? ? ? ? ? 2.692 ? ? 
metalc25 metalc ? ? F CD  .   CD  ? ? ? 1_555 H HOH . O  ? ? A CD  305 A HOH 472 1_555 ? ? ? ? ? ? ? 2.588 ? ? 
# 
_struct_conn_type.id          metalc 
_struct_conn_type.criteria    ? 
_struct_conn_type.reference   ? 
# 
loop_
_pdbx_struct_conn_angle.id 
_pdbx_struct_conn_angle.ptnr1_label_atom_id 
_pdbx_struct_conn_angle.ptnr1_label_alt_id 
_pdbx_struct_conn_angle.ptnr1_label_asym_id 
_pdbx_struct_conn_angle.ptnr1_label_comp_id 
_pdbx_struct_conn_angle.ptnr1_label_seq_id 
_pdbx_struct_conn_angle.ptnr1_auth_atom_id 
_pdbx_struct_conn_angle.ptnr1_auth_asym_id 
_pdbx_struct_conn_angle.ptnr1_auth_comp_id 
_pdbx_struct_conn_angle.ptnr1_auth_seq_id 
_pdbx_struct_conn_angle.ptnr1_PDB_ins_code 
_pdbx_struct_conn_angle.ptnr1_symmetry 
_pdbx_struct_conn_angle.ptnr2_label_atom_id 
_pdbx_struct_conn_angle.ptnr2_label_alt_id 
_pdbx_struct_conn_angle.ptnr2_label_asym_id 
_pdbx_struct_conn_angle.ptnr2_label_comp_id 
_pdbx_struct_conn_angle.ptnr2_label_seq_id 
_pdbx_struct_conn_angle.ptnr2_auth_atom_id 
_pdbx_struct_conn_angle.ptnr2_auth_asym_id 
_pdbx_struct_conn_angle.ptnr2_auth_comp_id 
_pdbx_struct_conn_angle.ptnr2_auth_seq_id 
_pdbx_struct_conn_angle.ptnr2_PDB_ins_code 
_pdbx_struct_conn_angle.ptnr2_symmetry 
_pdbx_struct_conn_angle.ptnr3_label_atom_id 
_pdbx_struct_conn_angle.ptnr3_label_alt_id 
_pdbx_struct_conn_angle.ptnr3_label_asym_id 
_pdbx_struct_conn_angle.ptnr3_label_comp_id 
_pdbx_struct_conn_angle.ptnr3_label_seq_id 
_pdbx_struct_conn_angle.ptnr3_auth_atom_id 
_pdbx_struct_conn_angle.ptnr3_auth_asym_id 
_pdbx_struct_conn_angle.ptnr3_auth_comp_id 
_pdbx_struct_conn_angle.ptnr3_auth_seq_id 
_pdbx_struct_conn_angle.ptnr3_PDB_ins_code 
_pdbx_struct_conn_angle.ptnr3_symmetry 
_pdbx_struct_conn_angle.value 
_pdbx_struct_conn_angle.value_esd 
1  NE2 ? A HIS 61  ? A HIS 100 ? 1_555 CD ? E CD . ? A CD 304 ? 1_555 O   ? H HOH .   ? A HOH 459 ? 1_555 99.9  ? 
2  NE2 ? A HIS 61  ? A HIS 100 ? 1_555 CD ? E CD . ? A CD 304 ? 1_555 O   ? H HOH .   ? A HOH 460 ? 1_555 101.7 ? 
3  O   ? H HOH .   ? A HOH 459 ? 1_555 CD ? E CD . ? A CD 304 ? 1_555 O   ? H HOH .   ? A HOH 460 ? 1_555 120.1 ? 
4  NE2 ? A HIS 61  ? A HIS 100 ? 1_555 CD ? E CD . ? A CD 304 ? 1_555 O   ? H HOH .   ? A HOH 462 ? 1_555 112.0 ? 
5  O   ? H HOH .   ? A HOH 459 ? 1_555 CD ? E CD . ? A CD 304 ? 1_555 O   ? H HOH .   ? A HOH 462 ? 1_555 112.2 ? 
6  O   ? H HOH .   ? A HOH 460 ? 1_555 CD ? E CD . ? A CD 304 ? 1_555 O   ? H HOH .   ? A HOH 462 ? 1_555 109.9 ? 
7  SG  ? A CYS 83  ? A CYS 122 ? 1_555 CD ? D CD . ? A CD 303 ? 1_555 O   ? H HOH .   ? A HOH 454 ? 1_555 94.0  ? 
8  SG  ? A CYS 83  ? A CYS 122 ? 1_555 CD ? D CD . ? A CD 303 ? 1_555 O   ? H HOH .   ? A HOH 471 ? 1_555 86.8  ? 
9  O   ? H HOH .   ? A HOH 454 ? 1_555 CD ? D CD . ? A CD 303 ? 1_555 O   ? H HOH .   ? A HOH 471 ? 1_555 173.3 ? 
10 SG  ? A CYS 83  ? A CYS 122 ? 1_555 CD ? F CD . ? A CD 305 ? 1_555 O   ? H HOH .   ? A HOH 451 ? 1_555 99.8  ? 
11 SG  ? A CYS 83  ? A CYS 122 ? 1_555 CD ? F CD . ? A CD 305 ? 1_555 O   ? H HOH .   ? A HOH 471 ? 1_555 87.2  ? 
12 O   ? H HOH .   ? A HOH 451 ? 1_555 CD ? F CD . ? A CD 305 ? 1_555 O   ? H HOH .   ? A HOH 471 ? 1_555 107.1 ? 
13 SG  ? A CYS 83  ? A CYS 122 ? 1_555 CD ? F CD . ? A CD 305 ? 1_555 O   ? H HOH .   ? A HOH 472 ? 1_555 88.1  ? 
14 O   ? H HOH .   ? A HOH 451 ? 1_555 CD ? F CD . ? A CD 305 ? 1_555 O   ? H HOH .   ? A HOH 472 ? 1_555 171.9 ? 
15 O   ? H HOH .   ? A HOH 471 ? 1_555 CD ? F CD . ? A CD 305 ? 1_555 O   ? H HOH .   ? A HOH 472 ? 1_555 70.9  ? 
16 OE1 ? A GLU 128 ? A GLU 167 ? 1_555 CD ? B CD . ? A CD 301 ? 1_555 OE1 ? A GLU 128 ? A GLU 167 ? 1_555 0.0   ? 
17 OE1 ? A GLU 128 ? A GLU 167 ? 1_555 CD ? B CD . ? A CD 301 ? 1_555 SG  A A CYS 147 ? A CYS 186 ? 1_555 95.9  ? 
18 OE1 ? A GLU 128 ? A GLU 167 ? 1_555 CD ? B CD . ? A CD 301 ? 1_555 SG  A A CYS 147 ? A CYS 186 ? 1_555 95.9  ? 
19 OE1 ? A GLU 128 ? A GLU 167 ? 1_555 CD ? B CD . ? A CD 301 ? 1_555 SG  B A CYS 147 ? A CYS 186 ? 1_555 90.1  ? 
20 OE1 ? A GLU 128 ? A GLU 167 ? 1_555 CD ? B CD . ? A CD 301 ? 1_555 SG  B A CYS 147 ? A CYS 186 ? 1_555 90.1  ? 
21 SG  A A CYS 147 ? A CYS 186 ? 1_555 CD ? B CD . ? A CD 301 ? 1_555 SG  B A CYS 147 ? A CYS 186 ? 1_555 36.7  ? 
22 OE1 ? A GLU 128 ? A GLU 167 ? 1_555 CD ? B CD . ? A CD 301 ? 1_555 SG  A A CYS 147 ? A CYS 186 ? 1_555 95.9  ? 
23 OE1 ? A GLU 128 ? A GLU 167 ? 1_555 CD ? B CD . ? A CD 301 ? 1_555 SG  A A CYS 147 ? A CYS 186 ? 1_555 95.9  ? 
24 SG  A A CYS 147 ? A CYS 186 ? 1_555 CD ? B CD . ? A CD 301 ? 1_555 SG  A A CYS 147 ? A CYS 186 ? 1_555 0.0   ? 
25 SG  B A CYS 147 ? A CYS 186 ? 1_555 CD ? B CD . ? A CD 301 ? 1_555 SG  A A CYS 147 ? A CYS 186 ? 1_555 36.7  ? 
26 OE1 ? A GLU 128 ? A GLU 167 ? 1_555 CD ? B CD . ? A CD 301 ? 1_555 SG  B A CYS 147 ? A CYS 186 ? 1_555 90.1  ? 
27 OE1 ? A GLU 128 ? A GLU 167 ? 1_555 CD ? B CD . ? A CD 301 ? 1_555 SG  B A CYS 147 ? A CYS 186 ? 1_555 90.1  ? 
28 SG  A A CYS 147 ? A CYS 186 ? 1_555 CD ? B CD . ? A CD 301 ? 1_555 SG  B A CYS 147 ? A CYS 186 ? 1_555 36.7  ? 
29 SG  B A CYS 147 ? A CYS 186 ? 1_555 CD ? B CD . ? A CD 301 ? 1_555 SG  B A CYS 147 ? A CYS 186 ? 1_555 0.0   ? 
30 SG  A A CYS 147 ? A CYS 186 ? 1_555 CD ? B CD . ? A CD 301 ? 1_555 SG  B A CYS 147 ? A CYS 186 ? 1_555 36.7  ? 
31 OE1 ? A GLU 128 ? A GLU 167 ? 1_555 CD ? B CD . ? A CD 301 ? 1_555 O   ? H HOH .   ? A HOH 453 ? 1_555 89.3  ? 
32 OE1 ? A GLU 128 ? A GLU 167 ? 1_555 CD ? B CD . ? A CD 301 ? 1_555 O   ? H HOH .   ? A HOH 453 ? 1_555 89.3  ? 
33 SG  A A CYS 147 ? A CYS 186 ? 1_555 CD ? B CD . ? A CD 301 ? 1_555 O   ? H HOH .   ? A HOH 453 ? 1_555 71.9  ? 
34 SG  B A CYS 147 ? A CYS 186 ? 1_555 CD ? B CD . ? A CD 301 ? 1_555 O   ? H HOH .   ? A HOH 453 ? 1_555 108.0 ? 
35 SG  A A CYS 147 ? A CYS 186 ? 1_555 CD ? B CD . ? A CD 301 ? 1_555 O   ? H HOH .   ? A HOH 453 ? 1_555 71.9  ? 
36 SG  B A CYS 147 ? A CYS 186 ? 1_555 CD ? B CD . ? A CD 301 ? 1_555 O   ? H HOH .   ? A HOH 453 ? 1_555 108.0 ? 
37 OE1 ? A GLU 128 ? A GLU 167 ? 1_555 CD ? B CD . ? A CD 301 ? 1_555 O   ? H HOH .   ? A HOH 453 ? 5_655 93.7  ? 
38 OE1 ? A GLU 128 ? A GLU 167 ? 1_555 CD ? B CD . ? A CD 301 ? 1_555 O   ? H HOH .   ? A HOH 453 ? 5_655 93.7  ? 
39 SG  A A CYS 147 ? A CYS 186 ? 1_555 CD ? B CD . ? A CD 301 ? 1_555 O   ? H HOH .   ? A HOH 453 ? 5_655 116.6 ? 
40 SG  B A CYS 147 ? A CYS 186 ? 1_555 CD ? B CD . ? A CD 301 ? 1_555 O   ? H HOH .   ? A HOH 453 ? 5_655 153.2 ? 
41 SG  A A CYS 147 ? A CYS 186 ? 1_555 CD ? B CD . ? A CD 301 ? 1_555 O   ? H HOH .   ? A HOH 453 ? 5_655 116.6 ? 
42 SG  B A CYS 147 ? A CYS 186 ? 1_555 CD ? B CD . ? A CD 301 ? 1_555 O   ? H HOH .   ? A HOH 453 ? 5_655 153.2 ? 
43 O   ? H HOH .   ? A HOH 453 ? 1_555 CD ? B CD . ? A CD 301 ? 1_555 O   ? H HOH .   ? A HOH 453 ? 5_655 45.6  ? 
44 OE1 ? A GLU 128 ? A GLU 167 ? 1_555 CD ? C CD . ? A CD 302 ? 1_555 OE2 ? A GLU 128 ? A GLU 167 ? 1_555 51.7  ? 
45 OE1 ? A GLU 128 ? A GLU 167 ? 1_555 CD ? C CD . ? A CD 302 ? 1_555 SG  A A CYS 147 ? A CYS 186 ? 1_555 31.7  ? 
46 OE2 ? A GLU 128 ? A GLU 167 ? 1_555 CD ? C CD . ? A CD 302 ? 1_555 SG  A A CYS 147 ? A CYS 186 ? 1_555 75.6  ? 
47 OE1 ? A GLU 128 ? A GLU 167 ? 1_555 CD ? C CD . ? A CD 302 ? 1_555 SG  B A CYS 147 ? A CYS 186 ? 1_555 42.9  ? 
48 OE2 ? A GLU 128 ? A GLU 167 ? 1_555 CD ? C CD . ? A CD 302 ? 1_555 SG  B A CYS 147 ? A CYS 186 ? 1_555 76.6  ? 
49 SG  A A CYS 147 ? A CYS 186 ? 1_555 CD ? C CD . ? A CD 302 ? 1_555 SG  B A CYS 147 ? A CYS 186 ? 1_555 15.5  ? 
50 OE1 ? A GLU 128 ? A GLU 167 ? 1_555 CD ? C CD . ? A CD 302 ? 1_555 O   ? H HOH .   ? A HOH 456 ? 5_655 142.7 ? 
51 OE2 ? A GLU 128 ? A GLU 167 ? 1_555 CD ? C CD . ? A CD 302 ? 1_555 O   ? H HOH .   ? A HOH 456 ? 5_655 101.2 ? 
52 SG  A A CYS 147 ? A CYS 186 ? 1_555 CD ? C CD . ? A CD 302 ? 1_555 O   ? H HOH .   ? A HOH 456 ? 5_655 128.9 ? 
53 SG  B A CYS 147 ? A CYS 186 ? 1_555 CD ? C CD . ? A CD 302 ? 1_555 O   ? H HOH .   ? A HOH 456 ? 5_655 113.4 ? 
54 OE1 ? A GLU 128 ? A GLU 167 ? 1_555 CD ? C CD . ? A CD 302 ? 1_555 O   ? H HOH .   ? A HOH 458 ? 1_555 109.2 ? 
55 OE2 ? A GLU 128 ? A GLU 167 ? 1_555 CD ? C CD . ? A CD 302 ? 1_555 O   ? H HOH .   ? A HOH 458 ? 1_555 106.5 ? 
56 SG  A A CYS 147 ? A CYS 186 ? 1_555 CD ? C CD . ? A CD 302 ? 1_555 O   ? H HOH .   ? A HOH 458 ? 1_555 127.4 ? 
57 SG  B A CYS 147 ? A CYS 186 ? 1_555 CD ? C CD . ? A CD 302 ? 1_555 O   ? H HOH .   ? A HOH 458 ? 1_555 142.5 ? 
58 O   ? H HOH .   ? A HOH 456 ? 5_655 CD ? C CD . ? A CD 302 ? 1_555 O   ? H HOH .   ? A HOH 458 ? 1_555 102.8 ? 
# 
loop_
_struct_mon_prot_cis.pdbx_id 
_struct_mon_prot_cis.label_comp_id 
_struct_mon_prot_cis.label_seq_id 
_struct_mon_prot_cis.label_asym_id 
_struct_mon_prot_cis.label_alt_id 
_struct_mon_prot_cis.pdbx_PDB_ins_code 
_struct_mon_prot_cis.auth_comp_id 
_struct_mon_prot_cis.auth_seq_id 
_struct_mon_prot_cis.auth_asym_id 
_struct_mon_prot_cis.pdbx_label_comp_id_2 
_struct_mon_prot_cis.pdbx_label_seq_id_2 
_struct_mon_prot_cis.pdbx_label_asym_id_2 
_struct_mon_prot_cis.pdbx_PDB_ins_code_2 
_struct_mon_prot_cis.pdbx_auth_comp_id_2 
_struct_mon_prot_cis.pdbx_auth_seq_id_2 
_struct_mon_prot_cis.pdbx_auth_asym_id_2 
_struct_mon_prot_cis.pdbx_PDB_model_num 
_struct_mon_prot_cis.pdbx_omega_angle 
1 PHE 33 A . ? PHE 72  A PRO 34 A ? PRO 73  A 1 -6.72  
2 SER 90 A . ? SER 129 A PRO 91 A ? PRO 130 A 1 -13.30 
# 
loop_
_struct_sheet.id 
_struct_sheet.type 
_struct_sheet.number_strands 
_struct_sheet.details 
AA1 ? 3 ? 
AA2 ? 5 ? 
AA3 ? 4 ? 
AA4 ? 3 ? 
AA5 ? 2 ? 
# 
loop_
_struct_sheet_order.sheet_id 
_struct_sheet_order.range_id_1 
_struct_sheet_order.range_id_2 
_struct_sheet_order.offset 
_struct_sheet_order.sense 
AA1 1 2 ? anti-parallel 
AA1 2 3 ? anti-parallel 
AA2 1 2 ? parallel      
AA2 2 3 ? anti-parallel 
AA2 3 4 ? anti-parallel 
AA2 4 5 ? anti-parallel 
AA3 1 2 ? anti-parallel 
AA3 2 3 ? anti-parallel 
AA3 3 4 ? anti-parallel 
AA4 1 2 ? anti-parallel 
AA4 2 3 ? parallel      
AA5 1 2 ? anti-parallel 
# 
loop_
_struct_sheet_range.sheet_id 
_struct_sheet_range.id 
_struct_sheet_range.beg_label_comp_id 
_struct_sheet_range.beg_label_asym_id 
_struct_sheet_range.beg_label_seq_id 
_struct_sheet_range.pdbx_beg_PDB_ins_code 
_struct_sheet_range.end_label_comp_id 
_struct_sheet_range.end_label_asym_id 
_struct_sheet_range.end_label_seq_id 
_struct_sheet_range.pdbx_end_PDB_ins_code 
_struct_sheet_range.beg_auth_comp_id 
_struct_sheet_range.beg_auth_asym_id 
_struct_sheet_range.beg_auth_seq_id 
_struct_sheet_range.end_auth_comp_id 
_struct_sheet_range.end_auth_asym_id 
_struct_sheet_range.end_auth_seq_id 
AA1 1 ARG A 4   ? LEU A 7   ? ARG A 43  LEU A 46  
AA1 2 LYS A 37  ? SER A 41  ? LYS A 76  SER A 80  
AA1 3 VAL A 102 ? SER A 103 ? VAL A 141 SER A 142 
AA2 1 GLU A 22  ? ILE A 24  ? GLU A 61  ILE A 63  
AA2 2 PHE A 153 ? VAL A 156 ? PHE A 192 VAL A 195 
AA2 3 LYS A 126 ? VAL A 136 ? LYS A 165 VAL A 175 
AA2 4 MET A 48  ? ALA A 57  ? MET A 87  ALA A 96  
AA2 5 ASN A 92  ? PHE A 93  ? ASN A 131 PHE A 132 
AA3 1 TYR A 85  ? ILE A 86  ? TYR A 124 ILE A 125 
AA3 2 MET A 48  ? ALA A 57  ? MET A 87  ALA A 96  
AA3 3 LYS A 126 ? VAL A 136 ? LYS A 165 VAL A 175 
AA3 4 MET A 142 ? CYS A 147 ? MET A 181 CYS A 186 
AA4 1 ARG A 30  ? ARG A 31  ? ARG A 69  ARG A 70  
AA4 2 LYS A 108 ? THR A 110 ? LYS A 147 THR A 149 
AA4 3 ILE A 119 ? MET A 120 ? ILE A 158 MET A 159 
AA5 1 TRP A 63  ? VAL A 66  ? TRP A 102 VAL A 105 
AA5 2 GLU A 69  ? PRO A 72  ? GLU A 108 PRO A 111 
# 
loop_
_pdbx_struct_sheet_hbond.sheet_id 
_pdbx_struct_sheet_hbond.range_id_1 
_pdbx_struct_sheet_hbond.range_id_2 
_pdbx_struct_sheet_hbond.range_1_label_atom_id 
_pdbx_struct_sheet_hbond.range_1_label_comp_id 
_pdbx_struct_sheet_hbond.range_1_label_asym_id 
_pdbx_struct_sheet_hbond.range_1_label_seq_id 
_pdbx_struct_sheet_hbond.range_1_PDB_ins_code 
_pdbx_struct_sheet_hbond.range_1_auth_atom_id 
_pdbx_struct_sheet_hbond.range_1_auth_comp_id 
_pdbx_struct_sheet_hbond.range_1_auth_asym_id 
_pdbx_struct_sheet_hbond.range_1_auth_seq_id 
_pdbx_struct_sheet_hbond.range_2_label_atom_id 
_pdbx_struct_sheet_hbond.range_2_label_comp_id 
_pdbx_struct_sheet_hbond.range_2_label_asym_id 
_pdbx_struct_sheet_hbond.range_2_label_seq_id 
_pdbx_struct_sheet_hbond.range_2_PDB_ins_code 
_pdbx_struct_sheet_hbond.range_2_auth_atom_id 
_pdbx_struct_sheet_hbond.range_2_auth_comp_id 
_pdbx_struct_sheet_hbond.range_2_auth_asym_id 
_pdbx_struct_sheet_hbond.range_2_auth_seq_id 
AA1 1 2 N GLY A 6   ? N GLY A 45  O ASN A 39  ? O ASN A 78  
AA1 2 3 N VAL A 38  ? N VAL A 77  O VAL A 102 ? O VAL A 141 
AA2 1 2 N MET A 23  ? N MET A 62  O VAL A 156 ? O VAL A 195 
AA2 2 3 O PHE A 153 ? O PHE A 192 N TYR A 127 ? N TYR A 166 
AA2 3 4 O ARG A 130 ? O ARG A 169 N ASP A 54  ? N ASP A 93  
AA2 4 5 N TYR A 49  ? N TYR A 88  O ASN A 92  ? O ASN A 131 
AA3 1 2 O TYR A 85  ? O TYR A 124 N LEU A 53  ? N LEU A 92  
AA3 2 3 N ASP A 54  ? N ASP A 93  O ARG A 130 ? O ARG A 169 
AA3 3 4 N ILE A 133 ? N ILE A 172 O THR A 144 ? O THR A 183 
AA4 1 2 N ARG A 30  ? N ARG A 69  O LEU A 109 ? O LEU A 148 
AA4 2 3 N LYS A 108 ? N LYS A 147 O ILE A 119 ? O ILE A 158 
AA5 1 2 N VAL A 66  ? N VAL A 105 O GLU A 69  ? O GLU A 108 
# 
loop_
_struct_site.id 
_struct_site.pdbx_evidence_code 
_struct_site.pdbx_auth_asym_id 
_struct_site.pdbx_auth_comp_id 
_struct_site.pdbx_auth_seq_id 
_struct_site.pdbx_auth_ins_code 
_struct_site.pdbx_num_residues 
_struct_site.details 
AC1 Software A CD  301 ? 8 'binding site for residue CD A 301'  
AC2 Software A CD  302 ? 6 'binding site for residue CD A 302'  
AC3 Software A CD  303 ? 4 'binding site for residue CD A 303'  
AC4 Software A CD  304 ? 4 'binding site for residue CD A 304'  
AC5 Software A CD  305 ? 4 'binding site for residue CD A 305'  
AC6 Software A NZ1 306 ? 6 'binding site for residue NZ1 A 306' 
# 
loop_
_struct_site_gen.id 
_struct_site_gen.site_id 
_struct_site_gen.pdbx_num_res 
_struct_site_gen.label_comp_id 
_struct_site_gen.label_asym_id 
_struct_site_gen.label_seq_id 
_struct_site_gen.pdbx_auth_ins_code 
_struct_site_gen.auth_comp_id 
_struct_site_gen.auth_asym_id 
_struct_site_gen.auth_seq_id 
_struct_site_gen.label_atom_id 
_struct_site_gen.label_alt_id 
_struct_site_gen.symmetry 
_struct_site_gen.details 
1  AC1 8 GLU A 128 ? GLU A 167 . ? 1_555 ? 
2  AC1 8 GLU A 128 ? GLU A 167 . ? 5_655 ? 
3  AC1 8 CYS A 147 ? CYS A 186 . ? 1_555 ? 
4  AC1 8 CYS A 147 ? CYS A 186 . ? 5_655 ? 
5  AC1 8 CD  C .   ? CD  A 302 . ? 5_655 ? 
6  AC1 8 CD  C .   ? CD  A 302 . ? 1_555 ? 
7  AC1 8 HOH H .   ? HOH A 453 . ? 1_555 ? 
8  AC1 8 HOH H .   ? HOH A 453 . ? 5_655 ? 
9  AC2 6 GLU A 128 ? GLU A 167 . ? 1_555 ? 
10 AC2 6 CYS A 147 ? CYS A 186 . ? 5_655 ? 
11 AC2 6 CD  B .   ? CD  A 301 . ? 5_655 ? 
12 AC2 6 CD  B .   ? CD  A 301 . ? 1_555 ? 
13 AC2 6 HOH H .   ? HOH A 456 . ? 5_655 ? 
14 AC2 6 HOH H .   ? HOH A 458 . ? 1_555 ? 
15 AC3 4 CYS A 83  ? CYS A 122 . ? 1_555 ? 
16 AC3 4 HOH H .   ? HOH A 454 . ? 1_555 ? 
17 AC3 4 HOH H .   ? HOH A 455 . ? 1_555 ? 
18 AC3 4 HOH H .   ? HOH A 471 . ? 1_555 ? 
19 AC4 4 HIS A 61  ? HIS A 100 . ? 1_555 ? 
20 AC4 4 HOH H .   ? HOH A 459 . ? 1_555 ? 
21 AC4 4 HOH H .   ? HOH A 460 . ? 1_555 ? 
22 AC4 4 HOH H .   ? HOH A 462 . ? 1_555 ? 
23 AC5 4 CYS A 83  ? CYS A 122 . ? 1_555 ? 
24 AC5 4 HOH H .   ? HOH A 451 . ? 1_555 ? 
25 AC5 4 HOH H .   ? HOH A 471 . ? 1_555 ? 
26 AC5 4 HOH H .   ? HOH A 472 . ? 1_555 ? 
27 AC6 6 PRO A 78  ? PRO A 117 . ? 1_555 ? 
28 AC6 6 GLN A 79  ? GLN A 118 . ? 1_555 ? 
29 AC6 6 ALA A 80  ? ALA A 119 . ? 1_555 ? 
30 AC6 6 MET A 120 ? MET A 159 . ? 1_555 ? 
31 AC6 6 LEU A 121 ? LEU A 160 . ? 1_555 ? 
32 AC6 6 ASN A 122 ? ASN A 161 . ? 1_555 ? 
# 
loop_
_pdbx_validate_torsion.id 
_pdbx_validate_torsion.PDB_model_num 
_pdbx_validate_torsion.auth_comp_id 
_pdbx_validate_torsion.auth_asym_id 
_pdbx_validate_torsion.auth_seq_id 
_pdbx_validate_torsion.PDB_ins_code 
_pdbx_validate_torsion.label_alt_id 
_pdbx_validate_torsion.phi 
_pdbx_validate_torsion.psi 
1 1 THR A 59  ? ? 74.86  100.70 
2 1 PHE A 143 ? ? -92.61 52.92  
# 
loop_
_pdbx_struct_special_symmetry.id 
_pdbx_struct_special_symmetry.PDB_model_num 
_pdbx_struct_special_symmetry.auth_asym_id 
_pdbx_struct_special_symmetry.auth_comp_id 
_pdbx_struct_special_symmetry.auth_seq_id 
_pdbx_struct_special_symmetry.PDB_ins_code 
_pdbx_struct_special_symmetry.label_asym_id 
_pdbx_struct_special_symmetry.label_comp_id 
_pdbx_struct_special_symmetry.label_seq_id 
1 1 A CD  301 ? B CD  . 
2 1 A HOH 418 ? H HOH . 
# 
_phasing.method   MR 
# 
_pdbx_entry_details.entry_id                 5QS1 
_pdbx_entry_details.has_ligand_of_interest   Y 
_pdbx_entry_details.compound_details         ? 
_pdbx_entry_details.source_details           ? 
_pdbx_entry_details.nonpolymer_details       ? 
_pdbx_entry_details.sequence_details         ? 
# 
loop_
_pdbx_distant_solvent_atoms.id 
_pdbx_distant_solvent_atoms.PDB_model_num 
_pdbx_distant_solvent_atoms.auth_atom_id 
_pdbx_distant_solvent_atoms.label_alt_id 
_pdbx_distant_solvent_atoms.auth_asym_id 
_pdbx_distant_solvent_atoms.auth_comp_id 
_pdbx_distant_solvent_atoms.auth_seq_id 
_pdbx_distant_solvent_atoms.PDB_ins_code 
_pdbx_distant_solvent_atoms.neighbor_macromolecule_distance 
_pdbx_distant_solvent_atoms.neighbor_ligand_distance 
1 1 O ? A HOH 471 ? 6.35 . 
2 1 O ? A HOH 472 ? 6.61 . 
# 
_pdbx_unobs_or_zero_occ_residues.id               1 
_pdbx_unobs_or_zero_occ_residues.PDB_model_num    1 
_pdbx_unobs_or_zero_occ_residues.polymer_flag     Y 
_pdbx_unobs_or_zero_occ_residues.occupancy_flag   1 
_pdbx_unobs_or_zero_occ_residues.auth_asym_id     A 
_pdbx_unobs_or_zero_occ_residues.auth_comp_id     GLY 
_pdbx_unobs_or_zero_occ_residues.auth_seq_id      40 
_pdbx_unobs_or_zero_occ_residues.PDB_ins_code     ? 
_pdbx_unobs_or_zero_occ_residues.label_asym_id    A 
_pdbx_unobs_or_zero_occ_residues.label_comp_id    GLY 
_pdbx_unobs_or_zero_occ_residues.label_seq_id     1 
# 
loop_
_chem_comp_atom.comp_id 
_chem_comp_atom.atom_id 
_chem_comp_atom.type_symbol 
_chem_comp_atom.pdbx_aromatic_flag 
_chem_comp_atom.pdbx_stereo_config 
_chem_comp_atom.pdbx_ordinal 
ALA N    N  N N 1   
ALA CA   C  N S 2   
ALA C    C  N N 3   
ALA O    O  N N 4   
ALA CB   C  N N 5   
ALA OXT  O  N N 6   
ALA H    H  N N 7   
ALA H2   H  N N 8   
ALA HA   H  N N 9   
ALA HB1  H  N N 10  
ALA HB2  H  N N 11  
ALA HB3  H  N N 12  
ALA HXT  H  N N 13  
ARG N    N  N N 14  
ARG CA   C  N S 15  
ARG C    C  N N 16  
ARG O    O  N N 17  
ARG CB   C  N N 18  
ARG CG   C  N N 19  
ARG CD   C  N N 20  
ARG NE   N  N N 21  
ARG CZ   C  N N 22  
ARG NH1  N  N N 23  
ARG NH2  N  N N 24  
ARG OXT  O  N N 25  
ARG H    H  N N 26  
ARG H2   H  N N 27  
ARG HA   H  N N 28  
ARG HB2  H  N N 29  
ARG HB3  H  N N 30  
ARG HG2  H  N N 31  
ARG HG3  H  N N 32  
ARG HD2  H  N N 33  
ARG HD3  H  N N 34  
ARG HE   H  N N 35  
ARG HH11 H  N N 36  
ARG HH12 H  N N 37  
ARG HH21 H  N N 38  
ARG HH22 H  N N 39  
ARG HXT  H  N N 40  
ASN N    N  N N 41  
ASN CA   C  N S 42  
ASN C    C  N N 43  
ASN O    O  N N 44  
ASN CB   C  N N 45  
ASN CG   C  N N 46  
ASN OD1  O  N N 47  
ASN ND2  N  N N 48  
ASN OXT  O  N N 49  
ASN H    H  N N 50  
ASN H2   H  N N 51  
ASN HA   H  N N 52  
ASN HB2  H  N N 53  
ASN HB3  H  N N 54  
ASN HD21 H  N N 55  
ASN HD22 H  N N 56  
ASN HXT  H  N N 57  
ASP N    N  N N 58  
ASP CA   C  N S 59  
ASP C    C  N N 60  
ASP O    O  N N 61  
ASP CB   C  N N 62  
ASP CG   C  N N 63  
ASP OD1  O  N N 64  
ASP OD2  O  N N 65  
ASP OXT  O  N N 66  
ASP H    H  N N 67  
ASP H2   H  N N 68  
ASP HA   H  N N 69  
ASP HB2  H  N N 70  
ASP HB3  H  N N 71  
ASP HD2  H  N N 72  
ASP HXT  H  N N 73  
CD  CD   CD N N 74  
CYS N    N  N N 75  
CYS CA   C  N R 76  
CYS C    C  N N 77  
CYS O    O  N N 78  
CYS CB   C  N N 79  
CYS SG   S  N N 80  
CYS OXT  O  N N 81  
CYS H    H  N N 82  
CYS H2   H  N N 83  
CYS HA   H  N N 84  
CYS HB2  H  N N 85  
CYS HB3  H  N N 86  
CYS HG   H  N N 87  
CYS HXT  H  N N 88  
GLN N    N  N N 89  
GLN CA   C  N S 90  
GLN C    C  N N 91  
GLN O    O  N N 92  
GLN CB   C  N N 93  
GLN CG   C  N N 94  
GLN CD   C  N N 95  
GLN OE1  O  N N 96  
GLN NE2  N  N N 97  
GLN OXT  O  N N 98  
GLN H    H  N N 99  
GLN H2   H  N N 100 
GLN HA   H  N N 101 
GLN HB2  H  N N 102 
GLN HB3  H  N N 103 
GLN HG2  H  N N 104 
GLN HG3  H  N N 105 
GLN HE21 H  N N 106 
GLN HE22 H  N N 107 
GLN HXT  H  N N 108 
GLU N    N  N N 109 
GLU CA   C  N S 110 
GLU C    C  N N 111 
GLU O    O  N N 112 
GLU CB   C  N N 113 
GLU CG   C  N N 114 
GLU CD   C  N N 115 
GLU OE1  O  N N 116 
GLU OE2  O  N N 117 
GLU OXT  O  N N 118 
GLU H    H  N N 119 
GLU H2   H  N N 120 
GLU HA   H  N N 121 
GLU HB2  H  N N 122 
GLU HB3  H  N N 123 
GLU HG2  H  N N 124 
GLU HG3  H  N N 125 
GLU HE2  H  N N 126 
GLU HXT  H  N N 127 
GLY N    N  N N 128 
GLY CA   C  N N 129 
GLY C    C  N N 130 
GLY O    O  N N 131 
GLY OXT  O  N N 132 
GLY H    H  N N 133 
GLY H2   H  N N 134 
GLY HA2  H  N N 135 
GLY HA3  H  N N 136 
GLY HXT  H  N N 137 
HIS N    N  N N 138 
HIS CA   C  N S 139 
HIS C    C  N N 140 
HIS O    O  N N 141 
HIS CB   C  N N 142 
HIS CG   C  Y N 143 
HIS ND1  N  Y N 144 
HIS CD2  C  Y N 145 
HIS CE1  C  Y N 146 
HIS NE2  N  Y N 147 
HIS OXT  O  N N 148 
HIS H    H  N N 149 
HIS H2   H  N N 150 
HIS HA   H  N N 151 
HIS HB2  H  N N 152 
HIS HB3  H  N N 153 
HIS HD1  H  N N 154 
HIS HD2  H  N N 155 
HIS HE1  H  N N 156 
HIS HE2  H  N N 157 
HIS HXT  H  N N 158 
HOH O    O  N N 159 
HOH H1   H  N N 160 
HOH H2   H  N N 161 
ILE N    N  N N 162 
ILE CA   C  N S 163 
ILE C    C  N N 164 
ILE O    O  N N 165 
ILE CB   C  N S 166 
ILE CG1  C  N N 167 
ILE CG2  C  N N 168 
ILE CD1  C  N N 169 
ILE OXT  O  N N 170 
ILE H    H  N N 171 
ILE H2   H  N N 172 
ILE HA   H  N N 173 
ILE HB   H  N N 174 
ILE HG12 H  N N 175 
ILE HG13 H  N N 176 
ILE HG21 H  N N 177 
ILE HG22 H  N N 178 
ILE HG23 H  N N 179 
ILE HD11 H  N N 180 
ILE HD12 H  N N 181 
ILE HD13 H  N N 182 
ILE HXT  H  N N 183 
LEU N    N  N N 184 
LEU CA   C  N S 185 
LEU C    C  N N 186 
LEU O    O  N N 187 
LEU CB   C  N N 188 
LEU CG   C  N N 189 
LEU CD1  C  N N 190 
LEU CD2  C  N N 191 
LEU OXT  O  N N 192 
LEU H    H  N N 193 
LEU H2   H  N N 194 
LEU HA   H  N N 195 
LEU HB2  H  N N 196 
LEU HB3  H  N N 197 
LEU HG   H  N N 198 
LEU HD11 H  N N 199 
LEU HD12 H  N N 200 
LEU HD13 H  N N 201 
LEU HD21 H  N N 202 
LEU HD22 H  N N 203 
LEU HD23 H  N N 204 
LEU HXT  H  N N 205 
LYS N    N  N N 206 
LYS CA   C  N S 207 
LYS C    C  N N 208 
LYS O    O  N N 209 
LYS CB   C  N N 210 
LYS CG   C  N N 211 
LYS CD   C  N N 212 
LYS CE   C  N N 213 
LYS NZ   N  N N 214 
LYS OXT  O  N N 215 
LYS H    H  N N 216 
LYS H2   H  N N 217 
LYS HA   H  N N 218 
LYS HB2  H  N N 219 
LYS HB3  H  N N 220 
LYS HG2  H  N N 221 
LYS HG3  H  N N 222 
LYS HD2  H  N N 223 
LYS HD3  H  N N 224 
LYS HE2  H  N N 225 
LYS HE3  H  N N 226 
LYS HZ1  H  N N 227 
LYS HZ2  H  N N 228 
LYS HZ3  H  N N 229 
LYS HXT  H  N N 230 
MET N    N  N N 231 
MET CA   C  N S 232 
MET C    C  N N 233 
MET O    O  N N 234 
MET CB   C  N N 235 
MET CG   C  N N 236 
MET SD   S  N N 237 
MET CE   C  N N 238 
MET OXT  O  N N 239 
MET H    H  N N 240 
MET H2   H  N N 241 
MET HA   H  N N 242 
MET HB2  H  N N 243 
MET HB3  H  N N 244 
MET HG2  H  N N 245 
MET HG3  H  N N 246 
MET HE1  H  N N 247 
MET HE2  H  N N 248 
MET HE3  H  N N 249 
MET HXT  H  N N 250 
NZ1 N1   N  N N 251 
NZ1 C4   C  Y N 252 
NZ1 C5   C  Y N 253 
NZ1 C6   C  Y N 254 
NZ1 C7   C  Y N 255 
NZ1 C8   C  Y N 256 
NZ1 C1   C  N N 257 
NZ1 C2   C  Y N 258 
NZ1 C3   C  Y N 259 
NZ1 N2   N  Y N 260 
NZ1 O1   O  N N 261 
NZ1 S1   S  Y N 262 
NZ1 H1   H  N N 263 
NZ1 H2   H  N N 264 
NZ1 H4   H  N N 265 
NZ1 H6   H  N N 266 
NZ1 H7   H  N N 267 
NZ1 H8   H  N N 268 
NZ1 H9   H  N N 269 
NZ1 H10  H  N N 270 
PHE N    N  N N 271 
PHE CA   C  N S 272 
PHE C    C  N N 273 
PHE O    O  N N 274 
PHE CB   C  N N 275 
PHE CG   C  Y N 276 
PHE CD1  C  Y N 277 
PHE CD2  C  Y N 278 
PHE CE1  C  Y N 279 
PHE CE2  C  Y N 280 
PHE CZ   C  Y N 281 
PHE OXT  O  N N 282 
PHE H    H  N N 283 
PHE H2   H  N N 284 
PHE HA   H  N N 285 
PHE HB2  H  N N 286 
PHE HB3  H  N N 287 
PHE HD1  H  N N 288 
PHE HD2  H  N N 289 
PHE HE1  H  N N 290 
PHE HE2  H  N N 291 
PHE HZ   H  N N 292 
PHE HXT  H  N N 293 
PRO N    N  N N 294 
PRO CA   C  N S 295 
PRO C    C  N N 296 
PRO O    O  N N 297 
PRO CB   C  N N 298 
PRO CG   C  N N 299 
PRO CD   C  N N 300 
PRO OXT  O  N N 301 
PRO H    H  N N 302 
PRO HA   H  N N 303 
PRO HB2  H  N N 304 
PRO HB3  H  N N 305 
PRO HG2  H  N N 306 
PRO HG3  H  N N 307 
PRO HD2  H  N N 308 
PRO HD3  H  N N 309 
PRO HXT  H  N N 310 
SER N    N  N N 311 
SER CA   C  N S 312 
SER C    C  N N 313 
SER O    O  N N 314 
SER CB   C  N N 315 
SER OG   O  N N 316 
SER OXT  O  N N 317 
SER H    H  N N 318 
SER H2   H  N N 319 
SER HA   H  N N 320 
SER HB2  H  N N 321 
SER HB3  H  N N 322 
SER HG   H  N N 323 
SER HXT  H  N N 324 
THR N    N  N N 325 
THR CA   C  N S 326 
THR C    C  N N 327 
THR O    O  N N 328 
THR CB   C  N R 329 
THR OG1  O  N N 330 
THR CG2  C  N N 331 
THR OXT  O  N N 332 
THR H    H  N N 333 
THR H2   H  N N 334 
THR HA   H  N N 335 
THR HB   H  N N 336 
THR HG1  H  N N 337 
THR HG21 H  N N 338 
THR HG22 H  N N 339 
THR HG23 H  N N 340 
THR HXT  H  N N 341 
TRP N    N  N N 342 
TRP CA   C  N S 343 
TRP C    C  N N 344 
TRP O    O  N N 345 
TRP CB   C  N N 346 
TRP CG   C  Y N 347 
TRP CD1  C  Y N 348 
TRP CD2  C  Y N 349 
TRP NE1  N  Y N 350 
TRP CE2  C  Y N 351 
TRP CE3  C  Y N 352 
TRP CZ2  C  Y N 353 
TRP CZ3  C  Y N 354 
TRP CH2  C  Y N 355 
TRP OXT  O  N N 356 
TRP H    H  N N 357 
TRP H2   H  N N 358 
TRP HA   H  N N 359 
TRP HB2  H  N N 360 
TRP HB3  H  N N 361 
TRP HD1  H  N N 362 
TRP HE1  H  N N 363 
TRP HE3  H  N N 364 
TRP HZ2  H  N N 365 
TRP HZ3  H  N N 366 
TRP HH2  H  N N 367 
TRP HXT  H  N N 368 
TYR N    N  N N 369 
TYR CA   C  N S 370 
TYR C    C  N N 371 
TYR O    O  N N 372 
TYR CB   C  N N 373 
TYR CG   C  Y N 374 
TYR CD1  C  Y N 375 
TYR CD2  C  Y N 376 
TYR CE1  C  Y N 377 
TYR CE2  C  Y N 378 
TYR CZ   C  Y N 379 
TYR OH   O  N N 380 
TYR OXT  O  N N 381 
TYR H    H  N N 382 
TYR H2   H  N N 383 
TYR HA   H  N N 384 
TYR HB2  H  N N 385 
TYR HB3  H  N N 386 
TYR HD1  H  N N 387 
TYR HD2  H  N N 388 
TYR HE1  H  N N 389 
TYR HE2  H  N N 390 
TYR HH   H  N N 391 
TYR HXT  H  N N 392 
VAL N    N  N N 393 
VAL CA   C  N S 394 
VAL C    C  N N 395 
VAL O    O  N N 396 
VAL CB   C  N N 397 
VAL CG1  C  N N 398 
VAL CG2  C  N N 399 
VAL OXT  O  N N 400 
VAL H    H  N N 401 
VAL H2   H  N N 402 
VAL HA   H  N N 403 
VAL HB   H  N N 404 
VAL HG11 H  N N 405 
VAL HG12 H  N N 406 
VAL HG13 H  N N 407 
VAL HG21 H  N N 408 
VAL HG22 H  N N 409 
VAL HG23 H  N N 410 
VAL HXT  H  N N 411 
# 
loop_
_chem_comp_bond.comp_id 
_chem_comp_bond.atom_id_1 
_chem_comp_bond.atom_id_2 
_chem_comp_bond.value_order 
_chem_comp_bond.pdbx_aromatic_flag 
_chem_comp_bond.pdbx_stereo_config 
_chem_comp_bond.pdbx_ordinal 
ALA N   CA   sing N N 1   
ALA N   H    sing N N 2   
ALA N   H2   sing N N 3   
ALA CA  C    sing N N 4   
ALA CA  CB   sing N N 5   
ALA CA  HA   sing N N 6   
ALA C   O    doub N N 7   
ALA C   OXT  sing N N 8   
ALA CB  HB1  sing N N 9   
ALA CB  HB2  sing N N 10  
ALA CB  HB3  sing N N 11  
ALA OXT HXT  sing N N 12  
ARG N   CA   sing N N 13  
ARG N   H    sing N N 14  
ARG N   H2   sing N N 15  
ARG CA  C    sing N N 16  
ARG CA  CB   sing N N 17  
ARG CA  HA   sing N N 18  
ARG C   O    doub N N 19  
ARG C   OXT  sing N N 20  
ARG CB  CG   sing N N 21  
ARG CB  HB2  sing N N 22  
ARG CB  HB3  sing N N 23  
ARG CG  CD   sing N N 24  
ARG CG  HG2  sing N N 25  
ARG CG  HG3  sing N N 26  
ARG CD  NE   sing N N 27  
ARG CD  HD2  sing N N 28  
ARG CD  HD3  sing N N 29  
ARG NE  CZ   sing N N 30  
ARG NE  HE   sing N N 31  
ARG CZ  NH1  sing N N 32  
ARG CZ  NH2  doub N N 33  
ARG NH1 HH11 sing N N 34  
ARG NH1 HH12 sing N N 35  
ARG NH2 HH21 sing N N 36  
ARG NH2 HH22 sing N N 37  
ARG OXT HXT  sing N N 38  
ASN N   CA   sing N N 39  
ASN N   H    sing N N 40  
ASN N   H2   sing N N 41  
ASN CA  C    sing N N 42  
ASN CA  CB   sing N N 43  
ASN CA  HA   sing N N 44  
ASN C   O    doub N N 45  
ASN C   OXT  sing N N 46  
ASN CB  CG   sing N N 47  
ASN CB  HB2  sing N N 48  
ASN CB  HB3  sing N N 49  
ASN CG  OD1  doub N N 50  
ASN CG  ND2  sing N N 51  
ASN ND2 HD21 sing N N 52  
ASN ND2 HD22 sing N N 53  
ASN OXT HXT  sing N N 54  
ASP N   CA   sing N N 55  
ASP N   H    sing N N 56  
ASP N   H2   sing N N 57  
ASP CA  C    sing N N 58  
ASP CA  CB   sing N N 59  
ASP CA  HA   sing N N 60  
ASP C   O    doub N N 61  
ASP C   OXT  sing N N 62  
ASP CB  CG   sing N N 63  
ASP CB  HB2  sing N N 64  
ASP CB  HB3  sing N N 65  
ASP CG  OD1  doub N N 66  
ASP CG  OD2  sing N N 67  
ASP OD2 HD2  sing N N 68  
ASP OXT HXT  sing N N 69  
CYS N   CA   sing N N 70  
CYS N   H    sing N N 71  
CYS N   H2   sing N N 72  
CYS CA  C    sing N N 73  
CYS CA  CB   sing N N 74  
CYS CA  HA   sing N N 75  
CYS C   O    doub N N 76  
CYS C   OXT  sing N N 77  
CYS CB  SG   sing N N 78  
CYS CB  HB2  sing N N 79  
CYS CB  HB3  sing N N 80  
CYS SG  HG   sing N N 81  
CYS OXT HXT  sing N N 82  
GLN N   CA   sing N N 83  
GLN N   H    sing N N 84  
GLN N   H2   sing N N 85  
GLN CA  C    sing N N 86  
GLN CA  CB   sing N N 87  
GLN CA  HA   sing N N 88  
GLN C   O    doub N N 89  
GLN C   OXT  sing N N 90  
GLN CB  CG   sing N N 91  
GLN CB  HB2  sing N N 92  
GLN CB  HB3  sing N N 93  
GLN CG  CD   sing N N 94  
GLN CG  HG2  sing N N 95  
GLN CG  HG3  sing N N 96  
GLN CD  OE1  doub N N 97  
GLN CD  NE2  sing N N 98  
GLN NE2 HE21 sing N N 99  
GLN NE2 HE22 sing N N 100 
GLN OXT HXT  sing N N 101 
GLU N   CA   sing N N 102 
GLU N   H    sing N N 103 
GLU N   H2   sing N N 104 
GLU CA  C    sing N N 105 
GLU CA  CB   sing N N 106 
GLU CA  HA   sing N N 107 
GLU C   O    doub N N 108 
GLU C   OXT  sing N N 109 
GLU CB  CG   sing N N 110 
GLU CB  HB2  sing N N 111 
GLU CB  HB3  sing N N 112 
GLU CG  CD   sing N N 113 
GLU CG  HG2  sing N N 114 
GLU CG  HG3  sing N N 115 
GLU CD  OE1  doub N N 116 
GLU CD  OE2  sing N N 117 
GLU OE2 HE2  sing N N 118 
GLU OXT HXT  sing N N 119 
GLY N   CA   sing N N 120 
GLY N   H    sing N N 121 
GLY N   H2   sing N N 122 
GLY CA  C    sing N N 123 
GLY CA  HA2  sing N N 124 
GLY CA  HA3  sing N N 125 
GLY C   O    doub N N 126 
GLY C   OXT  sing N N 127 
GLY OXT HXT  sing N N 128 
HIS N   CA   sing N N 129 
HIS N   H    sing N N 130 
HIS N   H2   sing N N 131 
HIS CA  C    sing N N 132 
HIS CA  CB   sing N N 133 
HIS CA  HA   sing N N 134 
HIS C   O    doub N N 135 
HIS C   OXT  sing N N 136 
HIS CB  CG   sing N N 137 
HIS CB  HB2  sing N N 138 
HIS CB  HB3  sing N N 139 
HIS CG  ND1  sing Y N 140 
HIS CG  CD2  doub Y N 141 
HIS ND1 CE1  doub Y N 142 
HIS ND1 HD1  sing N N 143 
HIS CD2 NE2  sing Y N 144 
HIS CD2 HD2  sing N N 145 
HIS CE1 NE2  sing Y N 146 
HIS CE1 HE1  sing N N 147 
HIS NE2 HE2  sing N N 148 
HIS OXT HXT  sing N N 149 
HOH O   H1   sing N N 150 
HOH O   H2   sing N N 151 
ILE N   CA   sing N N 152 
ILE N   H    sing N N 153 
ILE N   H2   sing N N 154 
ILE CA  C    sing N N 155 
ILE CA  CB   sing N N 156 
ILE CA  HA   sing N N 157 
ILE C   O    doub N N 158 
ILE C   OXT  sing N N 159 
ILE CB  CG1  sing N N 160 
ILE CB  CG2  sing N N 161 
ILE CB  HB   sing N N 162 
ILE CG1 CD1  sing N N 163 
ILE CG1 HG12 sing N N 164 
ILE CG1 HG13 sing N N 165 
ILE CG2 HG21 sing N N 166 
ILE CG2 HG22 sing N N 167 
ILE CG2 HG23 sing N N 168 
ILE CD1 HD11 sing N N 169 
ILE CD1 HD12 sing N N 170 
ILE CD1 HD13 sing N N 171 
ILE OXT HXT  sing N N 172 
LEU N   CA   sing N N 173 
LEU N   H    sing N N 174 
LEU N   H2   sing N N 175 
LEU CA  C    sing N N 176 
LEU CA  CB   sing N N 177 
LEU CA  HA   sing N N 178 
LEU C   O    doub N N 179 
LEU C   OXT  sing N N 180 
LEU CB  CG   sing N N 181 
LEU CB  HB2  sing N N 182 
LEU CB  HB3  sing N N 183 
LEU CG  CD1  sing N N 184 
LEU CG  CD2  sing N N 185 
LEU CG  HG   sing N N 186 
LEU CD1 HD11 sing N N 187 
LEU CD1 HD12 sing N N 188 
LEU CD1 HD13 sing N N 189 
LEU CD2 HD21 sing N N 190 
LEU CD2 HD22 sing N N 191 
LEU CD2 HD23 sing N N 192 
LEU OXT HXT  sing N N 193 
LYS N   CA   sing N N 194 
LYS N   H    sing N N 195 
LYS N   H2   sing N N 196 
LYS CA  C    sing N N 197 
LYS CA  CB   sing N N 198 
LYS CA  HA   sing N N 199 
LYS C   O    doub N N 200 
LYS C   OXT  sing N N 201 
LYS CB  CG   sing N N 202 
LYS CB  HB2  sing N N 203 
LYS CB  HB3  sing N N 204 
LYS CG  CD   sing N N 205 
LYS CG  HG2  sing N N 206 
LYS CG  HG3  sing N N 207 
LYS CD  CE   sing N N 208 
LYS CD  HD2  sing N N 209 
LYS CD  HD3  sing N N 210 
LYS CE  NZ   sing N N 211 
LYS CE  HE2  sing N N 212 
LYS CE  HE3  sing N N 213 
LYS NZ  HZ1  sing N N 214 
LYS NZ  HZ2  sing N N 215 
LYS NZ  HZ3  sing N N 216 
LYS OXT HXT  sing N N 217 
MET N   CA   sing N N 218 
MET N   H    sing N N 219 
MET N   H2   sing N N 220 
MET CA  C    sing N N 221 
MET CA  CB   sing N N 222 
MET CA  HA   sing N N 223 
MET C   O    doub N N 224 
MET C   OXT  sing N N 225 
MET CB  CG   sing N N 226 
MET CB  HB2  sing N N 227 
MET CB  HB3  sing N N 228 
MET CG  SD   sing N N 229 
MET CG  HG2  sing N N 230 
MET CG  HG3  sing N N 231 
MET SD  CE   sing N N 232 
MET CE  HE1  sing N N 233 
MET CE  HE2  sing N N 234 
MET CE  HE3  sing N N 235 
MET OXT HXT  sing N N 236 
NZ1 N1  C6   sing N N 237 
NZ1 C6  S1   sing Y N 238 
NZ1 C6  N2   doub Y N 239 
NZ1 S1  C5   sing Y N 240 
NZ1 N2  C7   sing Y N 241 
NZ1 C5  C7   doub Y N 242 
NZ1 C5  C4   sing Y N 243 
NZ1 C7  C8   sing Y N 244 
NZ1 C4  C3   doub Y N 245 
NZ1 C8  C2   doub Y N 246 
NZ1 C3  C2   sing Y N 247 
NZ1 C2  O1   sing N N 248 
NZ1 O1  C1   sing N N 249 
NZ1 N1  H1   sing N N 250 
NZ1 N1  H2   sing N N 251 
NZ1 C4  H4   sing N N 252 
NZ1 C8  H6   sing N N 253 
NZ1 C1  H7   sing N N 254 
NZ1 C1  H8   sing N N 255 
NZ1 C1  H9   sing N N 256 
NZ1 C3  H10  sing N N 257 
PHE N   CA   sing N N 258 
PHE N   H    sing N N 259 
PHE N   H2   sing N N 260 
PHE CA  C    sing N N 261 
PHE CA  CB   sing N N 262 
PHE CA  HA   sing N N 263 
PHE C   O    doub N N 264 
PHE C   OXT  sing N N 265 
PHE CB  CG   sing N N 266 
PHE CB  HB2  sing N N 267 
PHE CB  HB3  sing N N 268 
PHE CG  CD1  doub Y N 269 
PHE CG  CD2  sing Y N 270 
PHE CD1 CE1  sing Y N 271 
PHE CD1 HD1  sing N N 272 
PHE CD2 CE2  doub Y N 273 
PHE CD2 HD2  sing N N 274 
PHE CE1 CZ   doub Y N 275 
PHE CE1 HE1  sing N N 276 
PHE CE2 CZ   sing Y N 277 
PHE CE2 HE2  sing N N 278 
PHE CZ  HZ   sing N N 279 
PHE OXT HXT  sing N N 280 
PRO N   CA   sing N N 281 
PRO N   CD   sing N N 282 
PRO N   H    sing N N 283 
PRO CA  C    sing N N 284 
PRO CA  CB   sing N N 285 
PRO CA  HA   sing N N 286 
PRO C   O    doub N N 287 
PRO C   OXT  sing N N 288 
PRO CB  CG   sing N N 289 
PRO CB  HB2  sing N N 290 
PRO CB  HB3  sing N N 291 
PRO CG  CD   sing N N 292 
PRO CG  HG2  sing N N 293 
PRO CG  HG3  sing N N 294 
PRO CD  HD2  sing N N 295 
PRO CD  HD3  sing N N 296 
PRO OXT HXT  sing N N 297 
SER N   CA   sing N N 298 
SER N   H    sing N N 299 
SER N   H2   sing N N 300 
SER CA  C    sing N N 301 
SER CA  CB   sing N N 302 
SER CA  HA   sing N N 303 
SER C   O    doub N N 304 
SER C   OXT  sing N N 305 
SER CB  OG   sing N N 306 
SER CB  HB2  sing N N 307 
SER CB  HB3  sing N N 308 
SER OG  HG   sing N N 309 
SER OXT HXT  sing N N 310 
THR N   CA   sing N N 311 
THR N   H    sing N N 312 
THR N   H2   sing N N 313 
THR CA  C    sing N N 314 
THR CA  CB   sing N N 315 
THR CA  HA   sing N N 316 
THR C   O    doub N N 317 
THR C   OXT  sing N N 318 
THR CB  OG1  sing N N 319 
THR CB  CG2  sing N N 320 
THR CB  HB   sing N N 321 
THR OG1 HG1  sing N N 322 
THR CG2 HG21 sing N N 323 
THR CG2 HG22 sing N N 324 
THR CG2 HG23 sing N N 325 
THR OXT HXT  sing N N 326 
TRP N   CA   sing N N 327 
TRP N   H    sing N N 328 
TRP N   H2   sing N N 329 
TRP CA  C    sing N N 330 
TRP CA  CB   sing N N 331 
TRP CA  HA   sing N N 332 
TRP C   O    doub N N 333 
TRP C   OXT  sing N N 334 
TRP CB  CG   sing N N 335 
TRP CB  HB2  sing N N 336 
TRP CB  HB3  sing N N 337 
TRP CG  CD1  doub Y N 338 
TRP CG  CD2  sing Y N 339 
TRP CD1 NE1  sing Y N 340 
TRP CD1 HD1  sing N N 341 
TRP CD2 CE2  doub Y N 342 
TRP CD2 CE3  sing Y N 343 
TRP NE1 CE2  sing Y N 344 
TRP NE1 HE1  sing N N 345 
TRP CE2 CZ2  sing Y N 346 
TRP CE3 CZ3  doub Y N 347 
TRP CE3 HE3  sing N N 348 
TRP CZ2 CH2  doub Y N 349 
TRP CZ2 HZ2  sing N N 350 
TRP CZ3 CH2  sing Y N 351 
TRP CZ3 HZ3  sing N N 352 
TRP CH2 HH2  sing N N 353 
TRP OXT HXT  sing N N 354 
TYR N   CA   sing N N 355 
TYR N   H    sing N N 356 
TYR N   H2   sing N N 357 
TYR CA  C    sing N N 358 
TYR CA  CB   sing N N 359 
TYR CA  HA   sing N N 360 
TYR C   O    doub N N 361 
TYR C   OXT  sing N N 362 
TYR CB  CG   sing N N 363 
TYR CB  HB2  sing N N 364 
TYR CB  HB3  sing N N 365 
TYR CG  CD1  doub Y N 366 
TYR CG  CD2  sing Y N 367 
TYR CD1 CE1  sing Y N 368 
TYR CD1 HD1  sing N N 369 
TYR CD2 CE2  doub Y N 370 
TYR CD2 HD2  sing N N 371 
TYR CE1 CZ   doub Y N 372 
TYR CE1 HE1  sing N N 373 
TYR CE2 CZ   sing Y N 374 
TYR CE2 HE2  sing N N 375 
TYR CZ  OH   sing N N 376 
TYR OH  HH   sing N N 377 
TYR OXT HXT  sing N N 378 
VAL N   CA   sing N N 379 
VAL N   H    sing N N 380 
VAL N   H2   sing N N 381 
VAL CA  C    sing N N 382 
VAL CA  CB   sing N N 383 
VAL CA  HA   sing N N 384 
VAL C   O    doub N N 385 
VAL C   OXT  sing N N 386 
VAL CB  CG1  sing N N 387 
VAL CB  CG2  sing N N 388 
VAL CB  HB   sing N N 389 
VAL CG1 HG11 sing N N 390 
VAL CG1 HG12 sing N N 391 
VAL CG1 HG13 sing N N 392 
VAL CG2 HG21 sing N N 393 
VAL CG2 HG22 sing N N 394 
VAL CG2 HG23 sing N N 395 
VAL OXT HXT  sing N N 396 
# 
_pdbx_deposit_group.group_id            G_1002080 
_pdbx_deposit_group.group_description   
;Human Brachyury screened against the DSI-poised Fragment Library by X-ray Crystallography at the XChem facility of Diamond Light Source beamline I04-1
;
_pdbx_deposit_group.group_title         'PanDDA analysis group deposition' 
_pdbx_deposit_group.group_type          'changed state' 
# 
_pdbx_entity_instance_feature.ordinal        1 
_pdbx_entity_instance_feature.comp_id        NZ1 
_pdbx_entity_instance_feature.asym_id        ? 
_pdbx_entity_instance_feature.seq_num        ? 
_pdbx_entity_instance_feature.auth_comp_id   NZ1 
_pdbx_entity_instance_feature.auth_asym_id   ? 
_pdbx_entity_instance_feature.auth_seq_num   ? 
_pdbx_entity_instance_feature.feature_type   'SUBJECT OF INVESTIGATION' 
_pdbx_entity_instance_feature.details        ? 
# 
_atom_sites.entry_id                    5QS1 
_atom_sites.fract_transf_matrix[1][1]   0.00548792 
_atom_sites.fract_transf_matrix[1][2]   0.00439950 
_atom_sites.fract_transf_matrix[1][3]   0.01523358 
_atom_sites.fract_transf_matrix[2][1]   -0.01567601 
_atom_sites.fract_transf_matrix[2][2]   0.00392840 
_atom_sites.fract_transf_matrix[2][3]   0.00451277 
_atom_sites.fract_transf_matrix[3][1]   -0.00129144 
_atom_sites.fract_transf_matrix[3][2]   -0.00851176 
_atom_sites.fract_transf_matrix[3][3]   0.00292346 
_atom_sites.fract_transf_vector[1]      0.344644 
_atom_sites.fract_transf_vector[2]      -0.018914 
_atom_sites.fract_transf_vector[3]      0.060364 
# 
loop_
_atom_type.symbol 
C  
CD 
N  
O  
S  
# 
loop_
_atom_site.group_PDB 
_atom_site.id 
_atom_site.type_symbol 
_atom_site.label_atom_id 
_atom_site.label_alt_id 
_atom_site.label_comp_id 
_atom_site.label_asym_id 
_atom_site.label_entity_id 
_atom_site.label_seq_id 
_atom_site.pdbx_PDB_ins_code 
_atom_site.Cartn_x 
_atom_site.Cartn_y 
_atom_site.Cartn_z 
_atom_site.occupancy 
_atom_site.B_iso_or_equiv 
_atom_site.pdbx_formal_charge 
_atom_site.auth_seq_id 
_atom_site.auth_comp_id 
_atom_site.auth_asym_id 
_atom_site.auth_atom_id 
_atom_site.pdbx_PDB_model_num 
ATOM   1    N  N   . GLU A 1 2   ? 18.093  -6.224  15.534  1.00 78.59  ? 41  GLU A N   1 
ATOM   2    C  CA  . GLU A 1 2   ? 17.319  -5.029  15.085  1.00 72.98  ? 41  GLU A CA  1 
ATOM   3    C  C   . GLU A 1 2   ? 16.376  -5.474  13.949  1.00 68.17  ? 41  GLU A C   1 
ATOM   4    O  O   . GLU A 1 2   ? 16.834  -6.125  12.978  1.00 64.67  ? 41  GLU A O   1 
ATOM   5    C  CB  . GLU A 1 2   ? 18.281  -3.889  14.707  1.00 77.34  ? 41  GLU A CB  1 
ATOM   6    C  CG  . GLU A 1 2   ? 17.773  -2.469  14.998  1.00 76.87  ? 41  GLU A CG  1 
ATOM   7    C  CD  . GLU A 1 2   ? 18.317  -1.767  16.242  1.00 82.87  ? 41  GLU A CD  1 
ATOM   8    O  OE1 . GLU A 1 2   ? 18.927  -0.667  16.118  1.00 75.00  ? 41  GLU A OE1 1 
ATOM   9    O  OE2 . GLU A 1 2   ? 18.106  -2.296  17.346  1.00 84.31  ? 41  GLU A OE2 1 
ATOM   10   N  N   . LEU A 1 3   ? 15.089  -5.159  14.091  1.00 59.27  ? 42  LEU A N   1 
ATOM   11   C  CA  . LEU A 1 3   ? 14.010  -5.431  13.097  1.00 58.02  ? 42  LEU A CA  1 
ATOM   12   C  C   . LEU A 1 3   ? 14.238  -4.635  11.806  1.00 53.32  ? 42  LEU A C   1 
ATOM   13   O  O   . LEU A 1 3   ? 14.115  -3.422  11.866  1.00 57.72  ? 42  LEU A O   1 
ATOM   14   C  CB  . LEU A 1 3   ? 12.697  -5.020  13.758  1.00 55.70  ? 42  LEU A CB  1 
ATOM   15   C  CG  . LEU A 1 3   ? 11.434  -5.156  12.916  1.00 57.80  ? 42  LEU A CG  1 
ATOM   16   C  CD1 . LEU A 1 3   ? 11.546  -6.280  11.898  1.00 61.37  ? 42  LEU A CD1 1 
ATOM   17   C  CD2 . LEU A 1 3   ? 10.231  -5.380  13.822  1.00 58.92  ? 42  LEU A CD2 1 
ATOM   18   N  N   . ARG A 1 4   ? 14.560  -5.296  10.690  1.00 50.65  ? 43  ARG A N   1 
ATOM   19   C  CA  . ARG A 1 4   ? 14.835  -4.632  9.393   1.00 43.89  ? 43  ARG A CA  1 
ATOM   20   C  C   . ARG A 1 4   ? 13.631  -4.876  8.478   1.00 46.01  ? 43  ARG A C   1 
ATOM   21   O  O   . ARG A 1 4   ? 13.254  -6.054  8.347   1.00 41.71  ? 43  ARG A O   1 
ATOM   22   C  CB  . ARG A 1 4   ? 16.098  -5.205  8.752   1.00 44.27  ? 43  ARG A CB  1 
ATOM   23   N  N   . VAL A 1 5   ? 13.053  -3.818  7.900   1.00 47.19  ? 44  VAL A N   1 
ATOM   24   C  CA  . VAL A 1 5   ? 11.959  -3.905  6.883   1.00 46.81  ? 44  VAL A CA  1 
ATOM   25   C  C   . VAL A 1 5   ? 12.461  -3.296  5.575   1.00 45.94  ? 44  VAL A C   1 
ATOM   26   O  O   . VAL A 1 5   ? 12.834  -2.104  5.619   1.00 46.73  ? 44  VAL A O   1 
ATOM   27   C  CB  . VAL A 1 5   ? 10.693  -3.177  7.358   1.00 49.96  ? 44  VAL A CB  1 
ATOM   28   C  CG1 . VAL A 1 5   ? 9.601   -3.242  6.295   1.00 45.40  ? 44  VAL A CG1 1 
ATOM   29   C  CG2 . VAL A 1 5   ? 10.201  -3.719  8.695   1.00 50.42  ? 44  VAL A CG2 1 
ATOM   30   N  N   . GLY A 1 6   ? 12.433  -4.060  4.475   1.00 43.46  ? 45  GLY A N   1 
ATOM   31   C  CA  . GLY A 1 6   ? 12.856  -3.633  3.128   1.00 45.10  ? 45  GLY A CA  1 
ATOM   32   C  C   . GLY A 1 6   ? 11.810  -3.917  2.053   1.00 44.92  ? 45  GLY A C   1 
ATOM   33   O  O   . GLY A 1 6   ? 11.011  -4.848  2.206   1.00 42.76  ? 45  GLY A O   1 
ATOM   34   N  N   . LEU A 1 7   ? 11.825  -3.147  0.965   1.00 44.01  ? 46  LEU A N   1 
ATOM   35   C  CA  . LEU A 1 7   ? 10.871  -3.316  -0.153  1.00 40.29  ? 46  LEU A CA  1 
ATOM   36   C  C   . LEU A 1 7   ? 11.484  -4.271  -1.179  1.00 43.46  ? 46  LEU A C   1 
ATOM   37   O  O   . LEU A 1 7   ? 12.621  -4.013  -1.616  1.00 44.49  ? 46  LEU A O   1 
ATOM   38   C  CB  . LEU A 1 7   ? 10.588  -1.925  -0.732  1.00 41.03  ? 46  LEU A CB  1 
ATOM   39   C  CG  . LEU A 1 7   ? 9.657   -1.891  -1.934  1.00 36.01  ? 46  LEU A CG  1 
ATOM   40   C  CD1 . LEU A 1 7   ? 8.261   -2.329  -1.549  1.00 38.73  ? 46  LEU A CD1 1 
ATOM   41   C  CD2 . LEU A 1 7   ? 9.651   -0.516  -2.571  1.00 36.03  ? 46  LEU A CD2 1 
ATOM   42   N  N   . GLU A 1 8   ? 10.781  -5.351  -1.546  1.00 38.53  ? 47  GLU A N   1 
ATOM   43   C  CA  . GLU A 1 8   ? 11.214  -6.270  -2.622  1.00 40.96  ? 47  GLU A CA  1 
ATOM   44   C  C   . GLU A 1 8   ? 10.867  -5.579  -3.944  1.00 46.40  ? 47  GLU A C   1 
ATOM   45   O  O   . GLU A 1 8   ? 9.843   -4.849  -3.968  1.00 41.16  ? 47  GLU A O   1 
ATOM   46   C  CB  . GLU A 1 8   ? 10.577  -7.661  -2.427  1.00 48.64  ? 47  GLU A CB  1 
ATOM   47   C  CG  . GLU A 1 8   ? 10.884  -8.674  -3.529  1.00 57.99  ? 47  GLU A CG  1 
ATOM   48   C  CD  . GLU A 1 8   ? 12.224  -9.401  -3.468  1.00 54.79  ? 47  GLU A CD  1 
ATOM   49   O  OE1 . GLU A 1 8   ? 13.117  -8.911  -2.773  1.00 59.53  ? 47  GLU A OE1 1 
ATOM   50   O  OE2 . GLU A 1 8   ? 12.373  -10.456 -4.141  1.00 74.10  ? 47  GLU A OE2 1 
ATOM   51   N  N   . GLU A 1 9   ? 11.703  -5.759  -4.975  1.00 44.66  ? 48  GLU A N   1 
ATOM   52   C  CA  . GLU A 1 9   ? 11.528  -5.155  -6.326  1.00 46.20  ? 48  GLU A CA  1 
ATOM   53   C  C   . GLU A 1 9   ? 11.404  -3.630  -6.215  1.00 44.30  ? 48  GLU A C   1 
ATOM   54   O  O   . GLU A 1 9   ? 10.599  -3.038  -6.962  1.00 43.40  ? 48  GLU A O   1 
ATOM   55   C  CB  . GLU A 1 9   ? 10.292  -5.727  -7.025  1.00 50.92  ? 48  GLU A CB  1 
ATOM   56   C  CG  . GLU A 1 9   ? 10.298  -7.245  -7.101  1.00 59.75  ? 48  GLU A CG  1 
ATOM   57   C  CD  . GLU A 1 9   ? 9.055   -7.845  -7.736  1.00 65.09  ? 48  GLU A CD  1 
ATOM   58   O  OE1 . GLU A 1 9   ? 8.697   -7.406  -8.845  1.00 68.29  ? 48  GLU A OE1 1 
ATOM   59   O  OE2 . GLU A 1 9   ? 8.439   -8.736  -7.114  1.00 67.79  ? 48  GLU A OE2 1 
ATOM   60   N  N   . SER A 1 10  ? 12.219  -2.969  -5.388  1.00 36.72  ? 49  SER A N   1 
ATOM   61   C  CA  . SER A 1 10  ? 12.212  -1.480  -5.328  1.00 40.83  ? 49  SER A CA  1 
ATOM   62   C  C   . SER A 1 10  ? 12.583  -0.887  -6.699  1.00 37.87  ? 49  SER A C   1 
ATOM   63   O  O   . SER A 1 10  ? 12.048  0.186   -7.011  1.00 43.72  ? 49  SER A O   1 
ATOM   64   C  CB  . SER A 1 10  ? 13.086  -0.922  -4.213  1.00 45.88  ? 49  SER A CB  1 
ATOM   65   O  OG  . SER A 1 10  ? 14.382  -1.480  -4.277  1.00 52.27  ? 49  SER A OG  1 
ATOM   66   N  N   . GLU A 1 11  ? 13.450  -1.550  -7.468  1.00 36.51  ? 50  GLU A N   1 
ATOM   67   C  CA  . GLU A 1 11  ? 13.862  -1.179  -8.861  1.00 45.81  ? 50  GLU A CA  1 
ATOM   68   C  C   . GLU A 1 11  ? 12.621  -0.925  -9.720  1.00 44.79  ? 50  GLU A C   1 
ATOM   69   O  O   . GLU A 1 11  ? 12.573  0.117   -10.411 1.00 45.82  ? 50  GLU A O   1 
ATOM   70   C  CB  . GLU A 1 11  ? 14.686  -2.289  -9.532  1.00 48.02  ? 50  GLU A CB  1 
ATOM   71   C  CG  . GLU A 1 11  ? 14.145  -2.789  -10.876 1.00 57.54  ? 50  GLU A CG  1 
ATOM   72   C  CD  . GLU A 1 11  ? 14.946  -2.294  -12.064 1.00 61.67  ? 50  GLU A CD  1 
ATOM   73   O  OE1 . GLU A 1 11  ? 14.348  -1.790  -13.013 1.00 51.70  ? 50  GLU A OE1 1 
ATOM   74   O  OE2 . GLU A 1 11  ? 16.194  -2.396  -12.016 1.00 74.90  ? 50  GLU A OE2 1 
ATOM   75   N  N   . LEU A 1 12  ? 11.679  -1.862  -9.692  1.00 37.88  ? 51  LEU A N   1 
ATOM   76   C  CA  . LEU A 1 12  ? 10.435  -1.764  -10.506 1.00 42.50  ? 51  LEU A CA  1 
ATOM   77   C  C   . LEU A 1 12  ? 9.545   -0.643  -9.959  1.00 35.76  ? 51  LEU A C   1 
ATOM   78   O  O   . LEU A 1 12  ? 9.068   0.210   -10.726 1.00 38.34  ? 51  LEU A O   1 
ATOM   79   C  CB  . LEU A 1 12  ? 9.694   -3.100  -10.470 1.00 44.78  ? 51  LEU A CB  1 
ATOM   80   C  CG  . LEU A 1 12  ? 8.500   -3.187  -11.426 1.00 46.79  ? 51  LEU A CG  1 
ATOM   81   C  CD1 . LEU A 1 12  ? 8.876   -2.707  -12.822 1.00 48.04  ? 51  LEU A CD1 1 
ATOM   82   C  CD2 . LEU A 1 12  ? 7.937   -4.593  -11.471 1.00 46.91  ? 51  LEU A CD2 1 
ATOM   83   N  N   . TRP A 1 13  ? 9.255   -0.673  -8.661  1.00 34.59  ? 52  TRP A N   1 
ATOM   84   C  CA  . TRP A 1 13  ? 8.484   0.400   -8.018  1.00 33.60  ? 52  TRP A CA  1 
ATOM   85   C  C   . TRP A 1 13  ? 9.038   1.772   -8.425  1.00 36.94  ? 52  TRP A C   1 
ATOM   86   O  O   . TRP A 1 13  ? 8.220   2.665   -8.712  1.00 38.11  ? 52  TRP A O   1 
ATOM   87   C  CB  . TRP A 1 13  ? 8.447   0.233   -6.506  1.00 31.74  ? 52  TRP A CB  1 
ATOM   88   C  CG  . TRP A 1 13  ? 7.459   -0.773  -6.013  1.00 30.44  ? 52  TRP A CG  1 
ATOM   89   C  CD1 . TRP A 1 13  ? 7.720   -2.020  -5.516  1.00 32.13  ? 52  TRP A CD1 1 
ATOM   90   C  CD2 . TRP A 1 13  ? 6.034   -0.600  -5.923  1.00 31.13  ? 52  TRP A CD2 1 
ATOM   91   N  NE1 . TRP A 1 13  ? 6.555   -2.652  -5.168  1.00 33.01  ? 52  TRP A NE1 1 
ATOM   92   C  CE2 . TRP A 1 13  ? 5.507   -1.803  -5.395  1.00 31.21  ? 52  TRP A CE2 1 
ATOM   93   C  CE3 . TRP A 1 13  ? 5.143   0.421   -6.285  1.00 28.57  ? 52  TRP A CE3 1 
ATOM   94   C  CZ2 . TRP A 1 13  ? 4.145   -1.958  -5.143  1.00 31.32  ? 52  TRP A CZ2 1 
ATOM   95   C  CZ3 . TRP A 1 13  ? 3.797   0.253   -6.050  1.00 31.76  ? 52  TRP A CZ3 1 
ATOM   96   C  CH2 . TRP A 1 13  ? 3.305   -0.930  -5.489  1.00 30.06  ? 52  TRP A CH2 1 
ATOM   97   N  N   . LEU A 1 14  ? 10.362  1.946   -8.414  1.00 37.22  ? 53  LEU A N   1 
ATOM   98   C  CA  . LEU A 1 14  ? 10.974  3.277   -8.703  1.00 42.74  ? 53  LEU A CA  1 
ATOM   99   C  C   . LEU A 1 14  ? 10.615  3.740   -10.124 1.00 40.13  ? 53  LEU A C   1 
ATOM   100  O  O   . LEU A 1 14  ? 10.367  4.963   -10.319 1.00 40.83  ? 53  LEU A O   1 
ATOM   101  C  CB  . LEU A 1 14  ? 12.485  3.198   -8.460  1.00 47.85  ? 53  LEU A CB  1 
ATOM   102  C  CG  . LEU A 1 14  ? 13.010  3.772   -7.135  1.00 54.77  ? 53  LEU A CG  1 
ATOM   103  C  CD1 . LEU A 1 14  ? 11.910  4.330   -6.242  1.00 55.81  ? 53  LEU A CD1 1 
ATOM   104  C  CD2 . LEU A 1 14  ? 13.850  2.757   -6.372  1.00 61.72  ? 53  LEU A CD2 1 
ATOM   105  N  N   . ARG A 1 15  ? 10.539  2.815   -11.086 1.00 44.29  ? 54  ARG A N   1 
ATOM   106  C  CA  . ARG A 1 15  ? 10.156  3.147   -12.479 1.00 46.77  ? 54  ARG A CA  1 
ATOM   107  C  C   . ARG A 1 15  ? 8.705   3.652   -12.514 1.00 40.60  ? 54  ARG A C   1 
ATOM   108  O  O   . ARG A 1 15  ? 8.427   4.602   -13.256 1.00 43.14  ? 54  ARG A O   1 
ATOM   109  C  CB  . ARG A 1 15  ? 10.331  1.926   -13.377 1.00 52.84  ? 54  ARG A CB  1 
ATOM   110  C  CG  . ARG A 1 15  ? 11.671  1.223   -13.202 1.00 65.59  ? 54  ARG A CG  1 
ATOM   111  C  CD  . ARG A 1 15  ? 12.547  1.229   -14.428 1.00 66.67  ? 54  ARG A CD  1 
ATOM   112  N  NE  . ARG A 1 15  ? 11.889  0.680   -15.603 1.00 67.85  ? 54  ARG A NE  1 
ATOM   113  C  CZ  . ARG A 1 15  ? 11.880  -0.601  -15.957 1.00 71.54  ? 54  ARG A CZ  1 
ATOM   114  N  NH1 . ARG A 1 15  ? 12.462  -1.525  -15.206 1.00 71.16  ? 54  ARG A NH1 1 
ATOM   115  N  NH2 . ARG A 1 15  ? 11.263  -0.952  -17.070 1.00 68.68  ? 54  ARG A NH2 1 
ATOM   116  N  N   . PHE A 1 16  ? 7.811   3.059   -11.734 1.00 34.15  ? 55  PHE A N   1 
ATOM   117  C  CA  . PHE A 1 16  ? 6.414   3.553   -11.594 1.00 33.54  ? 55  PHE A CA  1 
ATOM   118  C  C   . PHE A 1 16  ? 6.416   4.922   -10.956 1.00 35.71  ? 55  PHE A C   1 
ATOM   119  O  O   . PHE A 1 16  ? 5.719   5.867   -11.440 1.00 32.67  ? 55  PHE A O   1 
ATOM   120  C  CB  . PHE A 1 16  ? 5.517   2.605   -10.806 1.00 32.79  ? 55  PHE A CB  1 
ATOM   121  C  CG  . PHE A 1 16  ? 5.101   1.412   -11.619 1.00 31.82  ? 55  PHE A CG  1 
ATOM   122  C  CD1 . PHE A 1 16  ? 4.039   1.498   -12.508 1.00 34.83  ? 55  PHE A CD1 1 
ATOM   123  C  CD2 . PHE A 1 16  ? 5.807   0.237   -11.547 1.00 32.77  ? 55  PHE A CD2 1 
ATOM   124  C  CE1 . PHE A 1 16  ? 3.678   0.385   -13.261 1.00 34.28  ? 55  PHE A CE1 1 
ATOM   125  C  CE2 . PHE A 1 16  ? 5.452   -0.866  -12.301 1.00 34.33  ? 55  PHE A CE2 1 
ATOM   126  C  CZ  . PHE A 1 16  ? 4.396   -0.784  -13.157 1.00 32.43  ? 55  PHE A CZ  1 
ATOM   127  N  N   . LYS A 1 17  ? 7.185   5.045   -9.865  1.00 32.50  ? 56  LYS A N   1 
ATOM   128  C  CA  . LYS A 1 17  ? 7.225   6.316   -9.115  1.00 34.72  ? 56  LYS A CA  1 
ATOM   129  C  C   . LYS A 1 17  ? 7.711   7.440   -10.042 1.00 35.39  ? 56  LYS A C   1 
ATOM   130  O  O   . LYS A 1 17  ? 7.124   8.525   -9.963  1.00 34.43  ? 56  LYS A O   1 
ATOM   131  C  CB  . LYS A 1 17  ? 8.073   6.225   -7.830  1.00 36.48  ? 56  LYS A CB  1 
ATOM   132  C  CG  . LYS A 1 17  ? 7.981   7.499   -7.010  1.00 40.98  ? 56  LYS A CG  1 
ATOM   133  C  CD  . LYS A 1 17  ? 8.528   7.473   -5.619  1.00 49.05  ? 56  LYS A CD  1 
ATOM   134  C  CE  . LYS A 1 17  ? 8.384   8.830   -4.970  1.00 47.05  ? 56  LYS A CE  1 
ATOM   135  N  NZ  . LYS A 1 17  ? 8.548   8.725   -3.507  1.00 53.99  ? 56  LYS A NZ  1 
ATOM   136  N  N   . GLU A 1 18  ? 8.751   7.230   -10.848 1.00 41.36  ? 57  GLU A N   1 
ATOM   137  C  CA  . GLU A 1 18  ? 9.326   8.351   -11.654 1.00 43.95  ? 57  GLU A CA  1 
ATOM   138  C  C   . GLU A 1 18  ? 8.265   8.848   -12.651 1.00 42.14  ? 57  GLU A C   1 
ATOM   139  O  O   . GLU A 1 18  ? 8.326   10.045  -12.993 1.00 44.35  ? 57  GLU A O   1 
ATOM   140  C  CB  . GLU A 1 18  ? 10.693  8.038   -12.265 1.00 53.95  ? 57  GLU A CB  1 
ATOM   141  C  CG  . GLU A 1 18  ? 10.835  6.734   -13.009 1.00 60.89  ? 57  GLU A CG  1 
ATOM   142  C  CD  . GLU A 1 18  ? 12.279  6.249   -13.155 1.00 76.18  ? 57  GLU A CD  1 
ATOM   143  O  OE1 . GLU A 1 18  ? 13.091  6.503   -12.232 1.00 84.38  ? 57  GLU A OE1 1 
ATOM   144  O  OE2 . GLU A 1 18  ? 12.596  5.597   -14.188 1.00 71.62  ? 57  GLU A OE2 1 
ATOM   145  N  N   . LEU A 1 19  ? 7.229   8.063   -12.972 1.00 40.69  ? 58  LEU A N   1 
ATOM   146  C  CA  . LEU A 1 19  ? 6.129   8.498   -13.904 1.00 40.93  ? 58  LEU A CA  1 
ATOM   147  C  C   . LEU A 1 19  ? 4.904   9.067   -13.191 1.00 39.54  ? 58  LEU A C   1 
ATOM   148  O  O   . LEU A 1 19  ? 3.945   9.499   -13.907 1.00 39.27  ? 58  LEU A O   1 
ATOM   149  C  CB  . LEU A 1 19  ? 5.670   7.294   -14.725 1.00 40.65  ? 58  LEU A CB  1 
ATOM   150  C  CG  . LEU A 1 19  ? 6.773   6.548   -15.468 1.00 45.18  ? 58  LEU A CG  1 
ATOM   151  C  CD1 . LEU A 1 19  ? 6.245   5.223   -16.023 1.00 46.79  ? 58  LEU A CD1 1 
ATOM   152  C  CD2 . LEU A 1 19  ? 7.354   7.420   -16.562 1.00 49.04  ? 58  LEU A CD2 1 
ATOM   153  N  N   . THR A 1 20  ? 4.868   9.000   -11.857 1.00 35.58  ? 59  THR A N   1 
ATOM   154  C  CA  . THR A 1 20  ? 3.666   9.195   -11.007 1.00 33.18  ? 59  THR A CA  1 
ATOM   155  C  C   . THR A 1 20  ? 2.757   7.959   -11.092 1.00 34.44  ? 59  THR A C   1 
ATOM   156  O  O   . THR A 1 20  ? 1.972   7.781   -12.071 1.00 34.57  ? 59  THR A O   1 
ATOM   157  C  CB  . THR A 1 20  ? 2.922   10.493  -11.300 1.00 36.89  ? 59  THR A CB  1 
ATOM   158  O  OG1 . THR A 1 20  ? 3.885   11.539  -11.343 1.00 42.45  ? 59  THR A OG1 1 
ATOM   159  C  CG2 . THR A 1 20  ? 1.854   10.811  -10.283 1.00 37.40  ? 59  THR A CG2 1 
ATOM   160  N  N   . ASN A 1 21  ? 2.837   7.116   -10.080 1.00 32.88  ? 60  ASN A N   1 
ATOM   161  C  CA  . ASN A 1 21  ? 2.106   5.831   -10.100 1.00 31.22  ? 60  ASN A CA  1 
ATOM   162  C  C   . ASN A 1 21  ? 0.592   6.103   -9.944  1.00 32.30  ? 60  ASN A C   1 
ATOM   163  O  O   . ASN A 1 21  ? 0.175   7.077   -9.285  1.00 31.05  ? 60  ASN A O   1 
ATOM   164  C  CB  . ASN A 1 21  ? 2.720   4.874   -9.069  1.00 32.82  ? 60  ASN A CB  1 
ATOM   165  C  CG  . ASN A 1 21  ? 2.392   3.419   -9.305  1.00 40.95  ? 60  ASN A CG  1 
ATOM   166  O  OD1 . ASN A 1 21  ? 1.680   3.075   -10.274 1.00 34.93  ? 60  ASN A OD1 1 
ATOM   167  N  ND2 . ASN A 1 21  ? 2.972   2.561   -8.463  1.00 35.28  ? 60  ASN A ND2 1 
ATOM   168  N  N   . GLU A 1 22  ? -0.238  5.222   -10.496 1.00 31.23  ? 61  GLU A N   1 
ATOM   169  C  CA  . GLU A 1 22  ? -1.715  5.272   -10.385 1.00 32.36  ? 61  GLU A CA  1 
ATOM   170  C  C   . GLU A 1 22  ? -2.190  3.874   -10.019 1.00 31.33  ? 61  GLU A C   1 
ATOM   171  O  O   . GLU A 1 22  ? -1.635  2.915   -10.596 1.00 36.18  ? 61  GLU A O   1 
ATOM   172  C  CB  . GLU A 1 22  ? -2.383  5.690   -11.710 1.00 32.46  ? 61  GLU A CB  1 
ATOM   173  C  CG  . GLU A 1 22  ? -1.778  6.903   -12.361 1.00 35.30  ? 61  GLU A CG  1 
ATOM   174  C  CD  . GLU A 1 22  ? -2.385  7.320   -13.694 1.00 34.71  ? 61  GLU A CD  1 
ATOM   175  O  OE1 . GLU A 1 22  ? -1.717  8.094   -14.417 1.00 31.27  ? 61  GLU A OE1 1 
ATOM   176  O  OE2 . GLU A 1 22  ? -3.540  6.937   -13.950 1.00 37.92  ? 61  GLU A OE2 1 
ATOM   177  N  N   . MET A 1 23  ? -3.171  3.749   -9.132  1.00 28.29  ? 62  MET A N   1 
ATOM   178  C  CA  . MET A 1 23  ? -3.798  2.461   -8.800  1.00 29.80  ? 62  MET A CA  1 
ATOM   179  C  C   . MET A 1 23  ? -5.284  2.614   -9.060  1.00 31.28  ? 62  MET A C   1 
ATOM   180  O  O   . MET A 1 23  ? -5.840  3.594   -8.633  1.00 31.27  ? 62  MET A O   1 
ATOM   181  C  CB  . MET A 1 23  ? -3.611  2.038   -7.331  1.00 29.11  ? 62  MET A CB  1 
ATOM   182  C  CG  . MET A 1 23  ? -2.205  1.658   -7.019  1.00 33.94  ? 62  MET A CG  1 
ATOM   183  S  SD  . MET A 1 23  ? -1.670  0.072   -7.742  1.00 34.48  ? 62  MET A SD  1 
ATOM   184  C  CE  . MET A 1 23  ? 0.068   0.194   -7.325  1.00 33.35  ? 62  MET A CE  1 
ATOM   185  N  N   . ILE A 1 24  ? -5.889  1.662   -9.771  1.00 31.81  ? 63  ILE A N   1 
ATOM   186  C  CA  . ILE A 1 24  ? -7.362  1.662   -10.005 1.00 33.18  ? 63  ILE A CA  1 
ATOM   187  C  C   . ILE A 1 24  ? -8.108  1.272   -8.741  1.00 32.93  ? 63  ILE A C   1 
ATOM   188  O  O   . ILE A 1 24  ? -7.713  0.279   -8.070  1.00 34.45  ? 63  ILE A O   1 
ATOM   189  C  CB  . ILE A 1 24  ? -7.755  0.639   -11.078 1.00 40.06  ? 63  ILE A CB  1 
ATOM   190  C  CG1 . ILE A 1 24  ? -6.938  0.775   -12.352 1.00 41.48  ? 63  ILE A CG1 1 
ATOM   191  C  CG2 . ILE A 1 24  ? -9.264  0.734   -11.298 1.00 43.68  ? 63  ILE A CG2 1 
ATOM   192  C  CD1 . ILE A 1 24  ? -7.329  1.918   -13.189 1.00 38.62  ? 63  ILE A CD1 1 
ATOM   193  N  N   . VAL A 1 25  ? -9.186  2.007   -8.484  1.00 32.57  ? 64  VAL A N   1 
ATOM   194  C  CA  . VAL A 1 25  ? -10.208 1.709   -7.461  1.00 37.35  ? 64  VAL A CA  1 
ATOM   195  C  C   . VAL A 1 25  ? -11.538 1.487   -8.185  1.00 36.31  ? 64  VAL A C   1 
ATOM   196  O  O   . VAL A 1 25  ? -11.784 2.148   -9.213  1.00 37.23  ? 64  VAL A O   1 
ATOM   197  C  CB  . VAL A 1 25  ? -10.283 2.855   -6.451  1.00 36.78  ? 64  VAL A CB  1 
ATOM   198  C  CG1 . VAL A 1 25  ? -8.962  2.934   -5.702  1.00 37.61  ? 64  VAL A CG1 1 
ATOM   199  C  CG2 . VAL A 1 25  ? -10.591 4.188   -7.115  1.00 37.43  ? 64  VAL A CG2 1 
ATOM   200  N  N   . THR A 1 26  ? -12.284 0.502   -7.730  1.00 39.27  ? 65  THR A N   1 
ATOM   201  C  CA  . THR A 1 26  ? -13.574 0.103   -8.367  1.00 41.34  ? 65  THR A CA  1 
ATOM   202  C  C   . THR A 1 26  ? -14.585 -0.037  -7.239  1.00 44.16  ? 65  THR A C   1 
ATOM   203  O  O   . THR A 1 26  ? -14.155 -0.136  -6.051  1.00 37.85  ? 65  THR A O   1 
ATOM   204  C  CB  . THR A 1 26  ? -13.466 -1.213  -9.151  1.00 38.05  ? 65  THR A CB  1 
ATOM   205  O  OG1 . THR A 1 26  ? -13.259 -2.221  -8.162  1.00 40.01  ? 65  THR A OG1 1 
ATOM   206  C  CG2 . THR A 1 26  ? -12.411 -1.237  -10.229 1.00 42.57  ? 65  THR A CG2 1 
ATOM   207  N  N   . LYS A 1 27  ? -15.874 -0.123  -7.568  1.00 43.36  ? 66  LYS A N   1 
ATOM   208  C  CA  . LYS A 1 27  ? -16.918 -0.242  -6.518  1.00 46.70  ? 66  LYS A CA  1 
ATOM   209  C  C   . LYS A 1 27  ? -16.678 -1.511  -5.692  1.00 39.92  ? 66  LYS A C   1 
ATOM   210  O  O   . LYS A 1 27  ? -16.868 -1.456  -4.470  1.00 47.40  ? 66  LYS A O   1 
ATOM   211  C  CB  . LYS A 1 27  ? -18.318 -0.246  -7.142  1.00 52.81  ? 66  LYS A CB  1 
ATOM   212  C  CG  . LYS A 1 27  ? -19.429 -0.634  -6.179  1.00 56.18  ? 66  LYS A CG  1 
ATOM   213  C  CD  . LYS A 1 27  ? -20.809 -0.213  -6.638  1.00 69.70  ? 66  LYS A CD  1 
ATOM   214  C  CE  . LYS A 1 27  ? -21.897 -0.697  -5.701  1.00 79.60  ? 66  LYS A CE  1 
ATOM   215  N  NZ  . LYS A 1 27  ? -22.266 -2.106  -5.985  1.00 88.10  ? 66  LYS A NZ  1 
ATOM   216  N  N   . ASN A 1 28  ? -16.316 -2.620  -6.341  1.00 41.47  ? 67  ASN A N   1 
ATOM   217  C  CA  . ASN A 1 28  ? -16.172 -3.953  -5.700  1.00 48.85  ? 67  ASN A CA  1 
ATOM   218  C  C   . ASN A 1 28  ? -14.738 -4.129  -5.174  1.00 49.44  ? 67  ASN A C   1 
ATOM   219  O  O   . ASN A 1 28  ? -14.523 -4.973  -4.271  1.00 46.46  ? 67  ASN A O   1 
ATOM   220  C  CB  . ASN A 1 28  ? -16.602 -5.068  -6.655  1.00 54.03  ? 67  ASN A CB  1 
ATOM   221  C  CG  . ASN A 1 28  ? -18.108 -5.180  -6.776  1.00 61.88  ? 67  ASN A CG  1 
ATOM   222  O  OD1 . ASN A 1 28  ? -18.858 -4.611  -5.977  1.00 57.08  ? 67  ASN A OD1 1 
ATOM   223  N  ND2 . ASN A 1 28  ? -18.559 -5.932  -7.767  1.00 74.05  ? 67  ASN A ND2 1 
ATOM   224  N  N   . GLY A 1 29  ? -13.794 -3.344  -5.694  1.00 47.73  ? 68  GLY A N   1 
ATOM   225  C  CA  . GLY A 1 29  ? -12.391 -3.365  -5.223  1.00 40.11  ? 68  GLY A CA  1 
ATOM   226  C  C   . GLY A 1 29  ? -11.507 -4.031  -6.245  1.00 40.86  ? 68  GLY A C   1 
ATOM   227  O  O   . GLY A 1 29  ? -11.946 -5.047  -6.849  1.00 41.63  ? 68  GLY A O   1 
ATOM   228  N  N   . ARG A 1 30  ? -10.312 -3.478  -6.444  1.00 33.02  ? 69  ARG A N   1 
ATOM   229  C  CA  . ARG A 1 30  ? -9.338  -3.914  -7.464  1.00 35.47  ? 69  ARG A CA  1 
ATOM   230  C  C   . ARG A 1 30  ? -8.023  -4.186  -6.749  1.00 36.41  ? 69  ARG A C   1 
ATOM   231  O  O   . ARG A 1 30  ? -7.611  -3.342  -5.903  1.00 31.15  ? 69  ARG A O   1 
ATOM   232  C  CB  . ARG A 1 30  ? -9.173  -2.862  -8.560  1.00 37.03  ? 69  ARG A CB  1 
ATOM   233  C  CG  . ARG A 1 30  ? -8.118  -3.174  -9.607  1.00 40.92  ? 69  ARG A CG  1 
ATOM   234  C  CD  . ARG A 1 30  ? -8.569  -4.290  -10.544 1.00 47.35  ? 69  ARG A CD  1 
ATOM   235  N  NE  . ARG A 1 30  ? -9.766  -3.928  -11.294 1.00 49.45  ? 69  ARG A NE  1 
ATOM   236  C  CZ  . ARG A 1 30  ? -9.788  -3.249  -12.452 1.00 52.37  ? 69  ARG A CZ  1 
ATOM   237  N  NH1 . ARG A 1 30  ? -10.953 -2.996  -13.029 1.00 57.19  ? 69  ARG A NH1 1 
ATOM   238  N  NH2 . ARG A 1 30  ? -8.671  -2.826  -13.028 1.00 48.59  ? 69  ARG A NH2 1 
ATOM   239  N  N   . ARG A 1 31  ? -7.407  -5.318  -7.071  1.00 32.85  ? 70  ARG A N   1 
ATOM   240  C  CA  . ARG A 1 31  ? -6.075  -5.694  -6.546  1.00 36.75  ? 70  ARG A CA  1 
ATOM   241  C  C   . ARG A 1 31  ? -5.018  -4.768  -7.147  1.00 34.66  ? 70  ARG A C   1 
ATOM   242  O  O   . ARG A 1 31  ? -5.235  -4.215  -8.241  1.00 34.95  ? 70  ARG A O   1 
ATOM   243  C  CB  . ARG A 1 31  ? -5.806  -7.173  -6.811  1.00 38.80  ? 70  ARG A CB  1 
ATOM   244  C  CG  . ARG A 1 31  ? -6.435  -8.044  -5.735  1.00 45.94  ? 70  ARG A CG  1 
ATOM   245  C  CD  . ARG A 1 31  ? -7.141  -9.240  -6.306  1.00 59.31  ? 70  ARG A CD  1 
ATOM   246  N  NE  . ARG A 1 31  ? -6.267  -10.384 -6.461  1.00 65.54  ? 70  ARG A NE  1 
ATOM   247  C  CZ  . ARG A 1 31  ? -6.588  -11.473 -7.160  1.00 77.17  ? 70  ARG A CZ  1 
ATOM   248  N  NH1 . ARG A 1 31  ? -7.752  -11.549 -7.798  1.00 79.42  ? 70  ARG A NH1 1 
ATOM   249  N  NH2 . ARG A 1 31  ? -5.735  -12.481 -7.219  1.00 73.10  ? 70  ARG A NH2 1 
ATOM   250  N  N   . MET A 1 32  ? -3.897  -4.646  -6.441  1.00 33.22  ? 71  MET A N   1 
ATOM   251  C  CA  . MET A 1 32  ? -2.771  -3.751  -6.782  1.00 31.49  ? 71  MET A CA  1 
ATOM   252  C  C   . MET A 1 32  ? -1.812  -4.438  -7.756  1.00 31.69  ? 71  MET A C   1 
ATOM   253  O  O   . MET A 1 32  ? -1.550  -5.662  -7.632  1.00 33.15  ? 71  MET A O   1 
ATOM   254  C  CB  . MET A 1 32  ? -1.994  -3.378  -5.512  1.00 32.09  ? 71  MET A CB  1 
ATOM   255  C  CG  . MET A 1 32  ? -2.800  -2.512  -4.574  1.00 34.02  ? 71  MET A CG  1 
ATOM   256  S  SD  . MET A 1 32  ? -1.860  -2.137  -3.046  1.00 31.84  ? 71  MET A SD  1 
ATOM   257  C  CE  . MET A 1 32  ? -0.541  -1.097  -3.652  1.00 34.07  ? 71  MET A CE  1 
ATOM   258  N  N   . PHE A 1 33  ? -1.269  -3.655  -8.667  1.00 31.73  ? 72  PHE A N   1 
ATOM   259  C  CA  . PHE A 1 33  ? -0.046  -4.004  -9.423  1.00 33.25  ? 72  PHE A CA  1 
ATOM   260  C  C   . PHE A 1 33  ? 0.770   -2.740  -9.555  1.00 34.14  ? 72  PHE A C   1 
ATOM   261  O  O   . PHE A 1 33  ? 0.264   -1.731  -10.062 1.00 34.91  ? 72  PHE A O   1 
ATOM   262  C  CB  . PHE A 1 33  ? -0.323  -4.597  -10.813 1.00 35.49  ? 72  PHE A CB  1 
ATOM   263  C  CG  . PHE A 1 33  ? 0.965   -5.077  -11.439 1.00 34.36  ? 72  PHE A CG  1 
ATOM   264  C  CD1 . PHE A 1 33  ? 1.517   -6.297  -11.047 1.00 37.58  ? 72  PHE A CD1 1 
ATOM   265  C  CD2 . PHE A 1 33  ? 1.725   -4.239  -12.236 1.00 35.43  ? 72  PHE A CD2 1 
ATOM   266  C  CE1 . PHE A 1 33  ? 2.762   -6.700  -11.523 1.00 36.04  ? 72  PHE A CE1 1 
ATOM   267  C  CE2 . PHE A 1 33  ? 2.954   -4.650  -12.744 1.00 36.71  ? 72  PHE A CE2 1 
ATOM   268  C  CZ  . PHE A 1 33  ? 3.474   -5.878  -12.376 1.00 36.20  ? 72  PHE A CZ  1 
ATOM   269  N  N   . PRO A 1 34  ? 2.063   -2.758  -9.194  1.00 32.62  ? 73  PRO A N   1 
ATOM   270  C  CA  . PRO A 1 34  ? 2.697   -3.900  -8.544  1.00 34.39  ? 73  PRO A CA  1 
ATOM   271  C  C   . PRO A 1 34  ? 2.117   -4.213  -7.163  1.00 28.66  ? 73  PRO A C   1 
ATOM   272  O  O   . PRO A 1 34  ? 1.443   -3.388  -6.570  1.00 33.01  ? 73  PRO A O   1 
ATOM   273  C  CB  . PRO A 1 34  ? 4.171   -3.513  -8.397  1.00 39.22  ? 73  PRO A CB  1 
ATOM   274  C  CG  . PRO A 1 34  ? 4.357   -2.338  -9.327  1.00 38.39  ? 73  PRO A CG  1 
ATOM   275  C  CD  . PRO A 1 34  ? 3.009   -1.682  -9.497  1.00 34.82  ? 73  PRO A CD  1 
ATOM   276  N  N   . VAL A 1 35  ? 2.370   -5.431  -6.720  1.00 33.16  ? 74  VAL A N   1 
ATOM   277  C  CA  . VAL A 1 35  ? 2.027   -5.910  -5.365  1.00 31.34  ? 74  VAL A CA  1 
ATOM   278  C  C   . VAL A 1 35  ? 3.128   -5.427  -4.418  1.00 29.42  ? 74  VAL A C   1 
ATOM   279  O  O   . VAL A 1 35  ? 4.328   -5.554  -4.761  1.00 32.84  ? 74  VAL A O   1 
ATOM   280  C  CB  . VAL A 1 35  ? 1.929   -7.438  -5.343  1.00 35.86  ? 74  VAL A CB  1 
ATOM   281  C  CG1 . VAL A 1 35  ? 1.782   -7.951  -3.928  1.00 36.28  ? 74  VAL A CG1 1 
ATOM   282  C  CG2 . VAL A 1 35  ? 0.776   -7.918  -6.209  1.00 39.28  ? 74  VAL A CG2 1 
ATOM   283  N  N   . LEU A 1 36  ? 2.718   -4.948  -3.271  1.00 31.22  ? 75  LEU A N   1 
ATOM   284  C  CA  . LEU A 1 36  ? 3.658   -4.617  -2.172  1.00 32.03  ? 75  LEU A CA  1 
ATOM   285  C  C   . LEU A 1 36  ? 4.198   -5.926  -1.581  1.00 33.82  ? 75  LEU A C   1 
ATOM   286  O  O   . LEU A 1 36  ? 3.390   -6.743  -1.011  1.00 31.40  ? 75  LEU A O   1 
ATOM   287  C  CB  . LEU A 1 36  ? 2.928   -3.790  -1.120  1.00 36.50  ? 75  LEU A CB  1 
ATOM   288  C  CG  . LEU A 1 36  ? 3.765   -3.420  0.102   1.00 38.70  ? 75  LEU A CG  1 
ATOM   289  C  CD1 . LEU A 1 36  ? 4.872   -2.451  -0.258  1.00 43.72  ? 75  LEU A CD1 1 
ATOM   290  C  CD2 . LEU A 1 36  ? 2.886   -2.825  1.191   1.00 41.40  ? 75  LEU A CD2 1 
ATOM   291  N  N   . LYS A 1 37  ? 5.507   -6.135  -1.681  1.00 34.57  ? 76  LYS A N   1 
ATOM   292  C  CA  . LYS A 1 37  ? 6.190   -7.322  -1.103  1.00 37.15  ? 76  LYS A CA  1 
ATOM   293  C  C   . LYS A 1 37  ? 7.334   -6.814  -0.223  1.00 33.07  ? 76  LYS A C   1 
ATOM   294  O  O   . LYS A 1 37  ? 8.083   -5.895  -0.704  1.00 35.92  ? 76  LYS A O   1 
ATOM   295  C  CB  . LYS A 1 37  ? 6.717   -8.246  -2.200  1.00 37.68  ? 76  LYS A CB  1 
ATOM   296  C  CG  . LYS A 1 37  ? 5.633   -8.745  -3.140  1.00 42.03  ? 76  LYS A CG  1 
ATOM   297  C  CD  . LYS A 1 37  ? 6.158   -9.602  -4.252  1.00 46.33  ? 76  LYS A CD  1 
ATOM   298  C  CE  . LYS A 1 37  ? 5.029   -10.097 -5.131  1.00 50.36  ? 76  LYS A CE  1 
ATOM   299  N  NZ  . LYS A 1 37  ? 5.496   -11.177 -6.034  1.00 55.41  ? 76  LYS A NZ  1 
ATOM   300  N  N   . VAL A 1 38  ? 7.378   -7.283  1.022   1.00 37.19  ? 77  VAL A N   1 
ATOM   301  C  CA  . VAL A 1 38  ? 8.249   -6.694  2.077   1.00 41.17  ? 77  VAL A CA  1 
ATOM   302  C  C   . VAL A 1 38  ? 9.164   -7.793  2.612   1.00 40.95  ? 77  VAL A C   1 
ATOM   303  O  O   . VAL A 1 38  ? 8.673   -8.858  2.980   1.00 37.05  ? 77  VAL A O   1 
ATOM   304  C  CB  . VAL A 1 38  ? 7.437   -6.016  3.198   1.00 45.31  ? 77  VAL A CB  1 
ATOM   305  C  CG1 . VAL A 1 38  ? 6.347   -5.106  2.631   1.00 49.41  ? 77  VAL A CG1 1 
ATOM   306  C  CG2 . VAL A 1 38  ? 6.819   -7.007  4.142   1.00 51.55  ? 77  VAL A CG2 1 
ATOM   307  N  N   . ASN A 1 39  ? 10.458  -7.505  2.667   1.00 38.95  ? 78  ASN A N   1 
ATOM   308  C  CA  . ASN A 1 39  ? 11.491  -8.370  3.273   1.00 43.13  ? 78  ASN A CA  1 
ATOM   309  C  C   . ASN A 1 39  ? 11.612  -7.928  4.722   1.00 40.96  ? 78  ASN A C   1 
ATOM   310  O  O   . ASN A 1 39  ? 11.717  -6.708  4.956   1.00 39.07  ? 78  ASN A O   1 
ATOM   311  C  CB  . ASN A 1 39  ? 12.805  -8.274  2.493   1.00 48.61  ? 78  ASN A CB  1 
ATOM   312  C  CG  . ASN A 1 39  ? 12.639  -8.689  1.049   1.00 52.90  ? 78  ASN A CG  1 
ATOM   313  O  OD1 . ASN A 1 39  ? 12.204  -9.803  0.758   1.00 52.46  ? 78  ASN A OD1 1 
ATOM   314  N  ND2 . ASN A 1 39  ? 12.980  -7.792  0.138   1.00 56.80  ? 78  ASN A ND2 1 
ATOM   315  N  N   . VAL A 1 40  ? 11.502  -8.873  5.659   1.00 38.06  ? 79  VAL A N   1 
ATOM   316  C  CA  . VAL A 1 40  ? 11.567  -8.570  7.107   1.00 39.17  ? 79  VAL A CA  1 
ATOM   317  C  C   . VAL A 1 40  ? 12.610  -9.507  7.693   1.00 42.63  ? 79  VAL A C   1 
ATOM   318  O  O   . VAL A 1 40  ? 12.520  -10.716 7.406   1.00 44.88  ? 79  VAL A O   1 
ATOM   319  C  CB  . VAL A 1 40  ? 10.215  -8.779  7.790   1.00 41.84  ? 79  VAL A CB  1 
ATOM   320  C  CG1 . VAL A 1 40  ? 10.305  -8.524  9.275   1.00 46.57  ? 79  VAL A CG1 1 
ATOM   321  C  CG2 . VAL A 1 40  ? 9.144   -7.898  7.146   1.00 41.08  ? 79  VAL A CG2 1 
ATOM   322  N  N   . SER A 1 41  ? 13.552  -8.953  8.449   1.00 46.16  ? 80  SER A N   1 
ATOM   323  C  CA  . SER A 1 41  ? 14.521  -9.747  9.245   1.00 46.69  ? 80  SER A CA  1 
ATOM   324  C  C   . SER A 1 41  ? 14.573  -9.177  10.653  1.00 43.55  ? 80  SER A C   1 
ATOM   325  O  O   . SER A 1 41  ? 14.116  -8.052  10.875  1.00 49.16  ? 80  SER A O   1 
ATOM   326  C  CB  . SER A 1 41  ? 15.871  -9.801  8.589   1.00 48.27  ? 80  SER A CB  1 
ATOM   327  O  OG  . SER A 1 41  ? 16.474  -8.528  8.500   1.00 44.68  ? 80  SER A OG  1 
ATOM   328  N  N   . GLY A 1 42  ? 15.051  -9.968  11.609  1.00 48.36  ? 81  GLY A N   1 
ATOM   329  C  CA  . GLY A 1 42  ? 15.244  -9.484  12.983  1.00 42.15  ? 81  GLY A CA  1 
ATOM   330  C  C   . GLY A 1 42  ? 14.015  -9.657  13.835  1.00 43.09  ? 81  GLY A C   1 
ATOM   331  O  O   . GLY A 1 42  ? 13.972  -9.053  14.892  1.00 47.16  ? 81  GLY A O   1 
ATOM   332  N  N   . LEU A 1 43  ? 13.009  -10.423 13.391  1.00 42.26  ? 82  LEU A N   1 
ATOM   333  C  CA  . LEU A 1 43  ? 11.872  -10.786 14.276  1.00 42.30  ? 82  LEU A CA  1 
ATOM   334  C  C   . LEU A 1 43  ? 12.343  -11.926 15.201  1.00 37.53  ? 82  LEU A C   1 
ATOM   335  O  O   . LEU A 1 43  ? 13.305  -12.608 14.849  1.00 42.16  ? 82  LEU A O   1 
ATOM   336  C  CB  . LEU A 1 43  ? 10.666  -11.243 13.442  1.00 45.40  ? 82  LEU A CB  1 
ATOM   337  C  CG  . LEU A 1 43  ? 9.971   -10.165 12.613  1.00 45.14  ? 82  LEU A CG  1 
ATOM   338  C  CD1 . LEU A 1 43  ? 8.756   -10.743 11.911  1.00 50.18  ? 82  LEU A CD1 1 
ATOM   339  C  CD2 . LEU A 1 43  ? 9.543   -9.005  13.486  1.00 47.15  ? 82  LEU A CD2 1 
ATOM   340  N  N   . ASP A 1 44  ? 11.706  -12.093 16.352  1.00 45.08  ? 83  ASP A N   1 
ATOM   341  C  CA  . ASP A 1 44  ? 11.872  -13.309 17.197  1.00 45.01  ? 83  ASP A CA  1 
ATOM   342  C  C   . ASP A 1 44  ? 11.141  -14.447 16.477  1.00 51.34  ? 83  ASP A C   1 
ATOM   343  O  O   . ASP A 1 44  ? 9.923   -14.383 16.317  1.00 49.35  ? 83  ASP A O   1 
ATOM   344  C  CB  . ASP A 1 44  ? 11.406  -13.011 18.623  1.00 49.23  ? 83  ASP A CB  1 
ATOM   345  C  CG  . ASP A 1 44  ? 11.636  -14.169 19.578  1.00 48.48  ? 83  ASP A CG  1 
ATOM   346  O  OD1 . ASP A 1 44  ? 11.894  -15.272 19.087  1.00 47.52  ? 83  ASP A OD1 1 
ATOM   347  O  OD2 . ASP A 1 44  ? 11.510  -13.943 20.788  1.00 52.31  ? 83  ASP A OD2 1 
ATOM   348  N  N   . PRO A 1 45  ? 11.845  -15.483 15.950  1.00 49.52  ? 84  PRO A N   1 
ATOM   349  C  CA  . PRO A 1 45  ? 11.216  -16.507 15.118  1.00 48.46  ? 84  PRO A CA  1 
ATOM   350  C  C   . PRO A 1 45  ? 10.079  -17.238 15.832  1.00 51.70  ? 84  PRO A C   1 
ATOM   351  O  O   . PRO A 1 45  ? 9.204   -17.756 15.153  1.00 50.80  ? 84  PRO A O   1 
ATOM   352  C  CB  . PRO A 1 45  ? 12.335  -17.512 14.793  1.00 50.37  ? 84  PRO A CB  1 
ATOM   353  C  CG  . PRO A 1 45  ? 13.614  -16.742 15.024  1.00 51.87  ? 84  PRO A CG  1 
ATOM   354  C  CD  . PRO A 1 45  ? 13.294  -15.715 16.095  1.00 56.77  ? 84  PRO A CD  1 
ATOM   355  N  N   . ASN A 1 46  ? 10.099  -17.214 17.167  1.00 56.18  ? 85  ASN A N   1 
ATOM   356  C  CA  . ASN A 1 46  ? 9.138   -17.926 18.047  1.00 47.87  ? 85  ASN A CA  1 
ATOM   357  C  C   . ASN A 1 46  ? 8.018   -17.009 18.498  1.00 44.45  ? 85  ASN A C   1 
ATOM   358  O  O   . ASN A 1 46  ? 7.033   -17.543 19.053  1.00 47.80  ? 85  ASN A O   1 
ATOM   359  C  CB  . ASN A 1 46  ? 9.879   -18.544 19.238  1.00 49.59  ? 85  ASN A CB  1 
ATOM   360  C  CG  . ASN A 1 46  ? 10.813  -19.606 18.712  1.00 50.30  ? 85  ASN A CG  1 
ATOM   361  O  OD1 . ASN A 1 46  ? 10.355  -20.566 18.092  1.00 56.41  ? 85  ASN A OD1 1 
ATOM   362  N  ND2 . ASN A 1 46  ? 12.107  -19.410 18.891  1.00 55.65  ? 85  ASN A ND2 1 
ATOM   363  N  N   . ALA A 1 47  ? 8.149   -15.695 18.279  1.00 43.91  ? 86  ALA A N   1 
ATOM   364  C  CA  . ALA A 1 47  ? 7.170   -14.689 18.735  1.00 41.83  ? 86  ALA A CA  1 
ATOM   365  C  C   . ALA A 1 47  ? 6.044   -14.646 17.705  1.00 37.88  ? 86  ALA A C   1 
ATOM   366  O  O   . ALA A 1 47  ? 6.196   -15.233 16.632  1.00 39.05  ? 86  ALA A O   1 
ATOM   367  C  CB  . ALA A 1 47  ? 7.796   -13.330 18.946  1.00 44.63  ? 86  ALA A CB  1 
ATOM   368  N  N   . MET A 1 48  ? 4.901   -14.109 18.105  1.00 44.62  ? 87  MET A N   1 
ATOM   369  C  CA  . MET A 1 48  ? 3.686   -14.085 17.253  1.00 43.50  ? 87  MET A CA  1 
ATOM   370  C  C   . MET A 1 48  ? 3.467   -12.645 16.769  1.00 36.39  ? 87  MET A C   1 
ATOM   371  O  O   . MET A 1 48  ? 3.527   -11.736 17.610  1.00 38.23  ? 87  MET A O   1 
ATOM   372  C  CB  . MET A 1 48  ? 2.483   -14.546 18.075  1.00 48.62  ? 87  MET A CB  1 
ATOM   373  C  CG  . MET A 1 48  ? 2.707   -15.880 18.778  1.00 59.08  ? 87  MET A CG  1 
ATOM   374  S  SD  . MET A 1 48  ? 1.895   -17.272 17.992  1.00 57.97  ? 87  MET A SD  1 
ATOM   375  C  CE  . MET A 1 48  ? 1.534   -16.560 16.384  1.00 42.13  ? 87  MET A CE  1 
ATOM   376  N  N   . TYR A 1 49  ? 3.108   -12.483 15.497  1.00 34.82  ? 88  TYR A N   1 
ATOM   377  C  CA  . TYR A 1 49  ? 2.975   -11.158 14.855  1.00 35.88  ? 88  TYR A CA  1 
ATOM   378  C  C   . TYR A 1 49  ? 1.808   -11.184 13.875  1.00 35.51  ? 88  TYR A C   1 
ATOM   379  O  O   . TYR A 1 49  ? 1.596   -12.214 13.215  1.00 35.20  ? 88  TYR A O   1 
ATOM   380  C  CB  . TYR A 1 49  ? 4.222   -10.793 14.060  1.00 33.29  ? 88  TYR A CB  1 
ATOM   381  C  CG  . TYR A 1 49  ? 5.501   -10.757 14.860  1.00 38.27  ? 88  TYR A CG  1 
ATOM   382  C  CD1 . TYR A 1 49  ? 5.945   -9.593  15.462  1.00 40.44  ? 88  TYR A CD1 1 
ATOM   383  C  CD2 . TYR A 1 49  ? 6.300   -11.885 14.966  1.00 37.87  ? 88  TYR A CD2 1 
ATOM   384  C  CE1 . TYR A 1 49  ? 7.141   -9.547  16.160  1.00 41.84  ? 88  TYR A CE1 1 
ATOM   385  C  CE2 . TYR A 1 49  ? 7.486   -11.862 15.683  1.00 42.11  ? 88  TYR A CE2 1 
ATOM   386  C  CZ  . TYR A 1 49  ? 7.908   -10.691 16.284  1.00 43.20  ? 88  TYR A CZ  1 
ATOM   387  O  OH  . TYR A 1 49  ? 9.094   -10.666 16.958  1.00 43.81  ? 88  TYR A OH  1 
ATOM   388  N  N   . SER A 1 50  ? 1.115   -10.054 13.751  1.00 33.98  ? 89  SER A N   1 
ATOM   389  C  CA  . SER A 1 50  ? 0.193   -9.789  12.622  1.00 30.90  ? 89  SER A CA  1 
ATOM   390  C  C   . SER A 1 50  ? 0.755   -8.675  11.731  1.00 37.69  ? 89  SER A C   1 
ATOM   391  O  O   . SER A 1 50  ? 1.391   -7.762  12.284  1.00 31.74  ? 89  SER A O   1 
ATOM   392  C  CB  . SER A 1 50  ? -1.150  -9.461  13.139  1.00 31.86  ? 89  SER A CB  1 
ATOM   393  O  OG  . SER A 1 50  ? -1.667  -10.584 13.823  1.00 35.92  ? 89  SER A OG  1 
ATOM   394  N  N   . PHE A 1 51  ? 0.616   -8.804  10.402  1.00 33.30  ? 90  PHE A N   1 
ATOM   395  C  CA  . PHE A 1 51  ? 1.077   -7.789  9.418   1.00 31.11  ? 90  PHE A CA  1 
ATOM   396  C  C   . PHE A 1 51  ? -0.139  -7.045  8.916   1.00 37.11  ? 90  PHE A C   1 
ATOM   397  O  O   . PHE A 1 51  ? -1.137  -7.685  8.409   1.00 30.42  ? 90  PHE A O   1 
ATOM   398  C  CB  . PHE A 1 51  ? 1.855   -8.404  8.262   1.00 32.91  ? 90  PHE A CB  1 
ATOM   399  C  CG  . PHE A 1 51  ? 3.317   -8.544  8.557   1.00 34.00  ? 90  PHE A CG  1 
ATOM   400  C  CD1 . PHE A 1 51  ? 4.256   -7.867  7.811   1.00 34.91  ? 90  PHE A CD1 1 
ATOM   401  C  CD2 . PHE A 1 51  ? 3.750   -9.372  9.586   1.00 32.85  ? 90  PHE A CD2 1 
ATOM   402  C  CE1 . PHE A 1 51  ? 5.605   -8.031  8.082   1.00 35.83  ? 90  PHE A CE1 1 
ATOM   403  C  CE2 . PHE A 1 51  ? 5.094   -9.504  9.880   1.00 38.50  ? 90  PHE A CE2 1 
ATOM   404  C  CZ  . PHE A 1 51  ? 6.019   -8.832  9.120   1.00 34.91  ? 90  PHE A CZ  1 
ATOM   405  N  N   . LEU A 1 52  ? -0.083  -5.731  9.103   1.00 32.68  ? 91  LEU A N   1 
ATOM   406  C  CA  . LEU A 1 52  ? -1.211  -4.831  8.786   1.00 30.01  ? 91  LEU A CA  1 
ATOM   407  C  C   . LEU A 1 52  ? -0.736  -3.863  7.695   1.00 32.27  ? 91  LEU A C   1 
ATOM   408  O  O   . LEU A 1 52  ? 0.454   -3.489  7.712   1.00 32.49  ? 91  LEU A O   1 
ATOM   409  C  CB  . LEU A 1 52  ? -1.607  -4.071  10.045  1.00 31.44  ? 91  LEU A CB  1 
ATOM   410  C  CG  . LEU A 1 52  ? -2.621  -4.690  10.996  1.00 38.02  ? 91  LEU A CG  1 
ATOM   411  C  CD1 . LEU A 1 52  ? -2.287  -6.120  11.361  1.00 42.98  ? 91  LEU A CD1 1 
ATOM   412  C  CD2 . LEU A 1 52  ? -2.724  -3.805  12.232  1.00 34.70  ? 91  LEU A CD2 1 
ATOM   413  N  N   . LEU A 1 53  ? -1.638  -3.472  6.800   1.00 27.53  ? 92  LEU A N   1 
ATOM   414  C  CA  . LEU A 1 53  ? -1.341  -2.544  5.702   1.00 28.08  ? 92  LEU A CA  1 
ATOM   415  C  C   . LEU A 1 53  ? -2.371  -1.421  5.748   1.00 27.07  ? 92  LEU A C   1 
ATOM   416  O  O   . LEU A 1 53  ? -3.565  -1.680  5.903   1.00 28.94  ? 92  LEU A O   1 
ATOM   417  C  CB  . LEU A 1 53  ? -1.344  -3.292  4.369   1.00 30.25  ? 92  LEU A CB  1 
ATOM   418  C  CG  . LEU A 1 53  ? -1.355  -2.394  3.127   1.00 31.98  ? 92  LEU A CG  1 
ATOM   419  C  CD1 . LEU A 1 53  ? -0.012  -1.731  2.935   1.00 30.95  ? 92  LEU A CD1 1 
ATOM   420  C  CD2 . LEU A 1 53  ? -1.700  -3.205  1.872   1.00 32.14  ? 92  LEU A CD2 1 
ATOM   421  N  N   . ASP A 1 54  ? -1.924  -0.172  5.662   1.00 29.65  ? 93  ASP A N   1 
ATOM   422  C  CA  . ASP A 1 54  ? -2.876  0.956   5.509   1.00 27.86  ? 93  ASP A CA  1 
ATOM   423  C  C   . ASP A 1 54  ? -2.252  1.948   4.532   1.00 26.46  ? 93  ASP A C   1 
ATOM   424  O  O   . ASP A 1 54  ? -1.198  1.686   3.997   1.00 25.67  ? 93  ASP A O   1 
ATOM   425  C  CB  . ASP A 1 54  ? -3.312  1.591   6.835   1.00 30.63  ? 93  ASP A CB  1 
ATOM   426  C  CG  . ASP A 1 54  ? -2.188  2.162   7.680   1.00 31.03  ? 93  ASP A CG  1 
ATOM   427  O  OD1 . ASP A 1 54  ? -1.114  2.383   7.145   1.00 32.98  ? 93  ASP A OD1 1 
ATOM   428  O  OD2 . ASP A 1 54  ? -2.474  2.473   8.869   1.00 35.42  ? 93  ASP A OD2 1 
ATOM   429  N  N   . PHE A 1 55  ? -2.991  2.982   4.187   1.00 28.27  ? 94  PHE A N   1 
ATOM   430  C  CA  . PHE A 1 55  ? -2.595  3.943   3.131   1.00 29.36  ? 94  PHE A CA  1 
ATOM   431  C  C   . PHE A 1 55  ? -2.744  5.337   3.732   1.00 28.77  ? 94  PHE A C   1 
ATOM   432  O  O   . PHE A 1 55  ? -3.822  5.702   4.087   1.00 32.43  ? 94  PHE A O   1 
ATOM   433  C  CB  . PHE A 1 55  ? -3.476  3.746   1.893   1.00 28.47  ? 94  PHE A CB  1 
ATOM   434  C  CG  . PHE A 1 55  ? -3.362  2.363   1.295   1.00 26.63  ? 94  PHE A CG  1 
ATOM   435  C  CD1 . PHE A 1 55  ? -2.448  2.095   0.301   1.00 28.83  ? 94  PHE A CD1 1 
ATOM   436  C  CD2 . PHE A 1 55  ? -4.128  1.314   1.767   1.00 30.01  ? 94  PHE A CD2 1 
ATOM   437  C  CE1 . PHE A 1 55  ? -2.281  0.815   -0.195  1.00 28.56  ? 94  PHE A CE1 1 
ATOM   438  C  CE2 . PHE A 1 55  ? -4.005  0.047   1.225   1.00 29.12  ? 94  PHE A CE2 1 
ATOM   439  C  CZ  . PHE A 1 55  ? -3.050  -0.213  0.277   1.00 29.11  ? 94  PHE A CZ  1 
ATOM   440  N  N   . VAL A 1 56  ? -1.644  6.042   3.831   1.00 31.77  ? 95  VAL A N   1 
ATOM   441  C  CA  . VAL A 1 56  ? -1.606  7.422   4.385   1.00 30.93  ? 95  VAL A CA  1 
ATOM   442  C  C   . VAL A 1 56  ? -1.876  8.344   3.212   1.00 27.07  ? 95  VAL A C   1 
ATOM   443  O  O   . VAL A 1 56  ? -1.165  8.237   2.211   1.00 28.61  ? 95  VAL A O   1 
ATOM   444  C  CB  . VAL A 1 56  ? -0.215  7.717   4.974   1.00 28.60  ? 95  VAL A CB  1 
ATOM   445  C  CG1 . VAL A 1 56  ? -0.103  9.158   5.445   1.00 29.47  ? 95  VAL A CG1 1 
ATOM   446  C  CG2 . VAL A 1 56  ? 0.135   6.725   6.060   1.00 29.53  ? 95  VAL A CG2 1 
ATOM   447  N  N   . ALA A 1 57  ? -2.773  9.295   3.372   1.00 29.86  ? 96  ALA A N   1 
ATOM   448  C  CA  . ALA A 1 57  ? -2.971  10.377  2.386   1.00 31.39  ? 96  ALA A CA  1 
ATOM   449  C  C   . ALA A 1 57  ? -1.729  11.254  2.431   1.00 28.53  ? 96  ALA A C   1 
ATOM   450  O  O   . ALA A 1 57  ? -1.457  11.822  3.559   1.00 28.14  ? 96  ALA A O   1 
ATOM   451  C  CB  . ALA A 1 57  ? -4.246  11.106  2.742   1.00 31.08  ? 96  ALA A CB  1 
ATOM   452  N  N   . ALA A 1 58  ? -0.912  11.281  1.363   1.00 27.89  ? 97  ALA A N   1 
ATOM   453  C  CA  . ALA A 1 58  ? 0.429   11.903  1.319   1.00 28.93  ? 97  ALA A CA  1 
ATOM   454  C  C   . ALA A 1 58  ? 0.312   13.442  1.382   1.00 32.89  ? 97  ALA A C   1 
ATOM   455  O  O   . ALA A 1 58  ? 1.259   14.125  1.796   1.00 31.94  ? 97  ALA A O   1 
ATOM   456  C  CB  . ALA A 1 58  ? 1.184   11.478  0.090   1.00 28.73  ? 97  ALA A CB  1 
ATOM   457  N  N   . ASP A 1 59  ? -0.812  13.964  0.936   1.00 31.95  ? 98  ASP A N   1 
ATOM   458  C  CA  . ASP A 1 59  ? -1.123  15.408  1.025   1.00 33.82  ? 98  ASP A CA  1 
ATOM   459  C  C   . ASP A 1 59  ? -2.621  15.490  1.109   1.00 35.22  ? 98  ASP A C   1 
ATOM   460  O  O   . ASP A 1 59  ? -3.295  14.433  0.964   1.00 37.92  ? 98  ASP A O   1 
ATOM   461  C  CB  . ASP A 1 59  ? -0.499  16.180  -0.136  1.00 32.11  ? 98  ASP A CB  1 
ATOM   462  C  CG  . ASP A 1 59  ? -1.127  15.710  -1.453  1.00 36.55  ? 98  ASP A CG  1 
ATOM   463  O  OD1 . ASP A 1 59  ? -2.334  15.930  -1.608  1.00 40.33  ? 98  ASP A OD1 1 
ATOM   464  O  OD2 . ASP A 1 59  ? -0.407  15.058  -2.226  1.00 38.25  ? 98  ASP A OD2 1 
ATOM   465  N  N   . ASN A 1 60  ? -3.115  16.706  1.297   1.00 35.55  ? 99  ASN A N   1 
ATOM   466  C  CA  . ASN A 1 60  ? -4.521  16.955  1.651   1.00 35.18  ? 99  ASN A CA  1 
ATOM   467  C  C   . ASN A 1 60  ? -5.312  17.376  0.413   1.00 38.70  ? 99  ASN A C   1 
ATOM   468  O  O   . ASN A 1 60  ? -6.435  17.831  0.584   1.00 42.31  ? 99  ASN A O   1 
ATOM   469  C  CB  . ASN A 1 60  ? -4.587  18.054  2.709   1.00 37.74  ? 99  ASN A CB  1 
ATOM   470  C  CG  . ASN A 1 60  ? -4.076  17.592  4.057   1.00 43.19  ? 99  ASN A CG  1 
ATOM   471  O  OD1 . ASN A 1 60  ? -3.549  18.398  4.813   1.00 48.13  ? 99  ASN A OD1 1 
ATOM   472  N  ND2 . ASN A 1 60  ? -4.245  16.322  4.368   1.00 37.98  ? 99  ASN A ND2 1 
ATOM   473  N  N   . HIS A 1 61  ? -4.750  17.230  -0.773  1.00 36.84  ? 100 HIS A N   1 
ATOM   474  C  CA  . HIS A 1 61  ? -5.325  17.828  -1.995  1.00 38.20  ? 100 HIS A CA  1 
ATOM   475  C  C   . HIS A 1 61  ? -5.968  16.779  -2.899  1.00 42.02  ? 100 HIS A C   1 
ATOM   476  O  O   . HIS A 1 61  ? -5.588  15.569  -2.845  1.00 36.35  ? 100 HIS A O   1 
ATOM   477  C  CB  . HIS A 1 61  ? -4.227  18.565  -2.743  1.00 38.04  ? 100 HIS A CB  1 
ATOM   478  C  CG  . HIS A 1 61  ? -3.697  19.743  -2.006  1.00 42.96  ? 100 HIS A CG  1 
ATOM   479  N  ND1 . HIS A 1 61  ? -4.019  21.045  -2.380  1.00 42.63  ? 100 HIS A ND1 1 
ATOM   480  C  CD2 . HIS A 1 61  ? -2.845  19.837  -0.955  1.00 42.35  ? 100 HIS A CD2 1 
ATOM   481  C  CE1 . HIS A 1 61  ? -3.380  21.887  -1.591  1.00 53.98  ? 100 HIS A CE1 1 
ATOM   482  N  NE2 . HIS A 1 61  ? -2.678  21.171  -0.690  1.00 45.89  ? 100 HIS A NE2 1 
ATOM   483  N  N   . ARG A 1 62  ? -6.932  17.211  -3.717  0.66 41.83  ? 101 ARG A N   1 
ATOM   484  C  CA  . ARG A 1 62  ? -7.427  16.427  -4.880  0.66 43.50  ? 101 ARG A CA  1 
ATOM   485  C  C   . ARG A 1 62  ? -6.534  16.754  -6.086  0.66 43.56  ? 101 ARG A C   1 
ATOM   486  O  O   . ARG A 1 62  ? -6.271  17.959  -6.336  0.66 46.92  ? 101 ARG A O   1 
ATOM   487  C  CB  . ARG A 1 62  ? -8.906  16.715  -5.170  0.66 49.85  ? 101 ARG A CB  1 
ATOM   488  C  CG  . ARG A 1 62  ? -9.469  15.898  -6.329  0.66 53.40  ? 101 ARG A CG  1 
ATOM   489  C  CD  . ARG A 1 62  ? -10.896 16.225  -6.745  0.66 57.35  ? 101 ARG A CD  1 
ATOM   490  N  NE  . ARG A 1 62  ? -10.983 16.485  -8.183  0.66 57.96  ? 101 ARG A NE  1 
ATOM   491  C  CZ  . ARG A 1 62  ? -11.954 16.071  -8.997  0.66 60.69  ? 101 ARG A CZ  1 
ATOM   492  N  NH1 . ARG A 1 62  ? -11.905 16.386  -10.282 0.66 59.90  ? 101 ARG A NH1 1 
ATOM   493  N  NH2 . ARG A 1 62  ? -12.960 15.337  -8.546  0.66 63.40  ? 101 ARG A NH2 1 
ATOM   494  N  N   . TRP A 1 63  ? -6.095  15.713  -6.801  1.00 39.24  ? 102 TRP A N   1 
ATOM   495  C  CA  . TRP A 1 63  ? -5.209  15.816  -7.979  1.00 36.70  ? 102 TRP A CA  1 
ATOM   496  C  C   . TRP A 1 63  ? -6.074  15.689  -9.248  1.00 46.35  ? 102 TRP A C   1 
ATOM   497  O  O   . TRP A 1 63  ? -7.221  15.211  -9.170  1.00 45.32  ? 102 TRP A O   1 
ATOM   498  C  CB  . TRP A 1 63  ? -4.101  14.769  -7.910  1.00 39.21  ? 102 TRP A CB  1 
ATOM   499  C  CG  . TRP A 1 63  ? -3.132  15.030  -6.796  1.00 35.50  ? 102 TRP A CG  1 
ATOM   500  C  CD1 . TRP A 1 63  ? -3.355  14.875  -5.455  1.00 35.33  ? 102 TRP A CD1 1 
ATOM   501  C  CD2 . TRP A 1 63  ? -1.791  15.521  -6.933  1.00 31.79  ? 102 TRP A CD2 1 
ATOM   502  N  NE1 . TRP A 1 63  ? -2.216  15.186  -4.758  1.00 33.94  ? 102 TRP A NE1 1 
ATOM   503  C  CE2 . TRP A 1 63  ? -1.251  15.617  -5.626  1.00 32.06  ? 102 TRP A CE2 1 
ATOM   504  C  CE3 . TRP A 1 63  ? -1.001  15.915  -8.016  1.00 33.49  ? 102 TRP A CE3 1 
ATOM   505  C  CZ2 . TRP A 1 63  ? 0.028   16.077  -5.388  1.00 35.18  ? 102 TRP A CZ2 1 
ATOM   506  C  CZ3 . TRP A 1 63  ? 0.277   16.354  -7.782  1.00 37.92  ? 102 TRP A CZ3 1 
ATOM   507  C  CH2 . TRP A 1 63  ? 0.787   16.419  -6.482  1.00 37.18  ? 102 TRP A CH2 1 
ATOM   508  N  N   . LYS A 1 64  ? -5.586  16.199  -10.367 1.00 41.12  ? 103 LYS A N   1 
ATOM   509  C  CA  . LYS A 1 64  ? -6.334  16.134  -11.649 1.00 49.94  ? 103 LYS A CA  1 
ATOM   510  C  C   . LYS A 1 64  ? -5.278  16.084  -12.751 1.00 43.58  ? 103 LYS A C   1 
ATOM   511  O  O   . LYS A 1 64  ? -4.159  16.555  -12.513 1.00 38.23  ? 103 LYS A O   1 
ATOM   512  C  CB  . LYS A 1 64  ? -7.388  17.252  -11.700 1.00 54.51  ? 103 LYS A CB  1 
ATOM   513  C  CG  . LYS A 1 64  ? -6.897  18.652  -11.355 1.00 66.58  ? 103 LYS A CG  1 
ATOM   514  C  CD  . LYS A 1 64  ? -8.022  19.678  -11.185 1.00 74.13  ? 103 LYS A CD  1 
ATOM   515  C  CE  . LYS A 1 64  ? -7.608  20.930  -10.433 1.00 73.86  ? 103 LYS A CE  1 
ATOM   516  N  NZ  . LYS A 1 64  ? -6.779  21.830  -11.271 1.00 75.90  ? 103 LYS A NZ  1 
ATOM   517  N  N   . TYR A 1 65  ? -5.549  15.376  -13.848 1.00 45.69  ? 104 TYR A N   1 
ATOM   518  C  CA  . TYR A 1 65  ? -4.560  15.175  -14.931 1.00 44.45  ? 104 TYR A CA  1 
ATOM   519  C  C   . TYR A 1 65  ? -4.911  16.263  -15.951 1.00 48.67  ? 104 TYR A C   1 
ATOM   520  O  O   . TYR A 1 65  ? -6.029  16.220  -16.458 1.00 51.51  ? 104 TYR A O   1 
ATOM   521  C  CB  . TYR A 1 65  ? -4.607  13.735  -15.454 1.00 41.07  ? 104 TYR A CB  1 
ATOM   522  C  CG  . TYR A 1 65  ? -3.432  13.274  -16.286 1.00 41.37  ? 104 TYR A CG  1 
ATOM   523  C  CD1 . TYR A 1 65  ? -2.180  13.083  -15.744 1.00 41.27  ? 104 TYR A CD1 1 
ATOM   524  C  CD2 . TYR A 1 65  ? -3.591  12.963  -17.639 1.00 47.01  ? 104 TYR A CD2 1 
ATOM   525  C  CE1 . TYR A 1 65  ? -1.116  12.619  -16.498 1.00 43.37  ? 104 TYR A CE1 1 
ATOM   526  C  CE2 . TYR A 1 65  ? -2.527  12.500  -18.410 1.00 45.28  ? 104 TYR A CE2 1 
ATOM   527  C  CZ  . TYR A 1 65  ? -1.289  12.317  -17.843 1.00 44.96  ? 104 TYR A CZ  1 
ATOM   528  O  OH  . TYR A 1 65  ? -0.238  11.857  -18.590 1.00 47.87  ? 104 TYR A OH  1 
ATOM   529  N  N   . VAL A 1 66  ? -4.104  17.320  -15.990 1.00 52.74  ? 105 VAL A N   1 
ATOM   530  C  CA  . VAL A 1 66  ? -4.333  18.546  -16.813 1.00 55.43  ? 105 VAL A CA  1 
ATOM   531  C  C   . VAL A 1 66  ? -3.161  18.604  -17.790 1.00 50.85  ? 105 VAL A C   1 
ATOM   532  O  O   . VAL A 1 66  ? -2.012  18.594  -17.323 1.00 52.79  ? 105 VAL A O   1 
ATOM   533  C  CB  . VAL A 1 66  ? -4.431  19.826  -15.954 1.00 54.55  ? 105 VAL A CB  1 
ATOM   534  C  CG1 . VAL A 1 66  ? -4.411  21.104  -16.790 1.00 55.57  ? 105 VAL A CG1 1 
ATOM   535  C  CG2 . VAL A 1 66  ? -5.663  19.830  -15.062 1.00 55.22  ? 105 VAL A CG2 1 
ATOM   536  N  N   . ASN A 1 67  ? -3.462  18.611  -19.090 1.00 58.88  ? 106 ASN A N   1 
ATOM   537  C  CA  . ASN A 1 67  ? -2.475  18.718  -20.196 1.00 57.76  ? 106 ASN A CA  1 
ATOM   538  C  C   . ASN A 1 67  ? -1.348  17.712  -19.973 1.00 56.67  ? 106 ASN A C   1 
ATOM   539  O  O   . ASN A 1 67  ? -0.173  18.116  -20.036 1.00 43.08  ? 106 ASN A O   1 
ATOM   540  C  CB  . ASN A 1 67  ? -1.963  20.155  -20.327 1.00 63.30  ? 106 ASN A CB  1 
ATOM   541  C  CG  . ASN A 1 67  ? -3.091  21.124  -20.617 1.00 67.14  ? 106 ASN A CG  1 
ATOM   542  O  OD1 . ASN A 1 67  ? -3.917  20.868  -21.490 1.00 70.69  ? 106 ASN A OD1 1 
ATOM   543  N  ND2 . ASN A 1 67  ? -3.153  22.219  -19.876 1.00 61.40  ? 106 ASN A ND2 1 
ATOM   544  N  N   . GLY A 1 68  ? -1.704  16.449  -19.708 1.00 55.79  ? 107 GLY A N   1 
ATOM   545  C  CA  . GLY A 1 68  ? -0.747  15.336  -19.563 1.00 49.53  ? 107 GLY A CA  1 
ATOM   546  C  C   . GLY A 1 68  ? 0.129   15.443  -18.316 1.00 47.28  ? 107 GLY A C   1 
ATOM   547  O  O   . GLY A 1 68  ? 1.186   14.851  -18.302 1.00 44.96  ? 107 GLY A O   1 
ATOM   548  N  N   . GLU A 1 69  ? -0.296  16.154  -17.280 1.00 47.02  ? 108 GLU A N   1 
ATOM   549  C  CA  . GLU A 1 69  ? 0.506   16.241  -16.033 1.00 48.91  ? 108 GLU A CA  1 
ATOM   550  C  C   . GLU A 1 69  ? -0.467  16.272  -14.859 1.00 46.96  ? 108 GLU A C   1 
ATOM   551  O  O   . GLU A 1 69  ? -1.543  16.887  -14.982 1.00 47.18  ? 108 GLU A O   1 
ATOM   552  C  CB  . GLU A 1 69  ? 1.491   17.417  -16.093 1.00 58.11  ? 108 GLU A CB  1 
ATOM   553  C  CG  . GLU A 1 69  ? 0.958   18.734  -15.525 1.00 68.43  ? 108 GLU A CG  1 
ATOM   554  C  CD  . GLU A 1 69  ? 1.886   19.949  -15.606 1.00 81.10  ? 108 GLU A CD  1 
ATOM   555  O  OE1 . GLU A 1 69  ? 2.994   19.826  -16.190 1.00 81.37  ? 108 GLU A OE1 1 
ATOM   556  O  OE2 . GLU A 1 69  ? 1.497   21.036  -15.087 1.00 76.38  ? 108 GLU A OE2 1 
ATOM   557  N  N   . TRP A 1 70  ? -0.117  15.566  -13.778 1.00 45.38  ? 109 TRP A N   1 
ATOM   558  C  CA  . TRP A 1 70  ? -0.888  15.540  -12.514 1.00 39.88  ? 109 TRP A CA  1 
ATOM   559  C  C   . TRP A 1 70  ? -0.623  16.846  -11.752 1.00 38.68  ? 109 TRP A C   1 
ATOM   560  O  O   . TRP A 1 70  ? 0.547   17.176  -11.574 1.00 42.99  ? 109 TRP A O   1 
ATOM   561  C  CB  . TRP A 1 70  ? -0.480  14.325  -11.660 1.00 40.19  ? 109 TRP A CB  1 
ATOM   562  C  CG  . TRP A 1 70  ? -1.087  13.043  -12.138 1.00 35.07  ? 109 TRP A CG  1 
ATOM   563  C  CD1 . TRP A 1 70  ? -0.464  12.004  -12.772 1.00 39.38  ? 109 TRP A CD1 1 
ATOM   564  C  CD2 . TRP A 1 70  ? -2.454  12.667  -11.995 1.00 35.36  ? 109 TRP A CD2 1 
ATOM   565  N  NE1 . TRP A 1 70  ? -1.377  11.035  -13.079 1.00 39.08  ? 109 TRP A NE1 1 
ATOM   566  C  CE2 . TRP A 1 70  ? -2.600  11.397  -12.593 1.00 36.21  ? 109 TRP A CE2 1 
ATOM   567  C  CE3 . TRP A 1 70  ? -3.579  13.288  -11.454 1.00 35.70  ? 109 TRP A CE3 1 
ATOM   568  C  CZ2 . TRP A 1 70  ? -3.827  10.737  -12.619 1.00 38.74  ? 109 TRP A CZ2 1 
ATOM   569  C  CZ3 . TRP A 1 70  ? -4.785  12.639  -11.484 1.00 41.50  ? 109 TRP A CZ3 1 
ATOM   570  C  CH2 . TRP A 1 70  ? -4.906  11.366  -12.061 1.00 40.18  ? 109 TRP A CH2 1 
ATOM   571  N  N   . VAL A 1 71  ? -1.676  17.530  -11.330 1.00 40.38  ? 110 VAL A N   1 
ATOM   572  C  CA  . VAL A 1 71  ? -1.565  18.863  -10.665 1.00 42.02  ? 110 VAL A CA  1 
ATOM   573  C  C   . VAL A 1 71  ? -2.540  18.857  -9.510  1.00 37.59  ? 110 VAL A C   1 
ATOM   574  O  O   . VAL A 1 71  ? -3.658  18.367  -9.604  1.00 38.35  ? 110 VAL A O   1 
ATOM   575  C  CB  . VAL A 1 71  ? -1.795  20.057  -11.617 1.00 41.30  ? 110 VAL A CB  1 
ATOM   576  C  CG1 . VAL A 1 71  ? -0.777  20.079  -12.729 1.00 45.25  ? 110 VAL A CG1 1 
ATOM   577  C  CG2 . VAL A 1 71  ? -3.211  20.097  -12.158 1.00 48.21  ? 110 VAL A CG2 1 
ATOM   578  N  N   . PRO A 1 72  ? -2.104  19.341  -8.338  1.00 43.56  ? 111 PRO A N   1 
ATOM   579  C  CA  . PRO A 1 72  ? -2.980  19.404  -7.182  1.00 45.80  ? 111 PRO A CA  1 
ATOM   580  C  C   . PRO A 1 72  ? -3.945  20.589  -7.206  1.00 47.25  ? 111 PRO A C   1 
ATOM   581  O  O   . PRO A 1 72  ? -3.558  21.639  -7.622  1.00 48.66  ? 111 PRO A O   1 
ATOM   582  C  CB  . PRO A 1 72  ? -1.991  19.540  -6.023  1.00 43.71  ? 111 PRO A CB  1 
ATOM   583  C  CG  . PRO A 1 72  ? -0.815  20.250  -6.606  1.00 43.42  ? 111 PRO A CG  1 
ATOM   584  C  CD  . PRO A 1 72  ? -0.748  19.831  -8.063  1.00 44.63  ? 111 PRO A CD  1 
ATOM   585  N  N   . GLY A 1 73  ? -5.161  20.354  -6.722  1.00 46.20  ? 112 GLY A N   1 
ATOM   586  C  CA  . GLY A 1 73  ? -6.183  21.384  -6.500  1.00 50.99  ? 112 GLY A CA  1 
ATOM   587  C  C   . GLY A 1 73  ? -5.672  22.469  -5.562  1.00 55.52  ? 112 GLY A C   1 
ATOM   588  O  O   . GLY A 1 73  ? -4.550  22.361  -5.018  1.00 49.55  ? 112 GLY A O   1 
ATOM   589  N  N   . GLY A 1 74  ? -6.461  23.524  -5.407  1.00 55.77  ? 113 GLY A N   1 
ATOM   590  C  CA  . GLY A 1 74  ? -6.117  24.658  -4.541  1.00 59.40  ? 113 GLY A CA  1 
ATOM   591  C  C   . GLY A 1 74  ? -6.887  24.589  -3.242  1.00 59.62  ? 113 GLY A C   1 
ATOM   592  O  O   . GLY A 1 74  ? -6.688  25.508  -2.422  1.00 73.36  ? 113 GLY A O   1 
ATOM   593  N  N   . LYS A 1 75  ? -7.734  23.566  -3.055  1.00 51.19  ? 114 LYS A N   1 
ATOM   594  C  CA  . LYS A 1 75  ? -8.707  23.529  -1.935  1.00 55.96  ? 114 LYS A CA  1 
ATOM   595  C  C   . LYS A 1 75  ? -8.473  22.311  -1.043  1.00 49.43  ? 114 LYS A C   1 
ATOM   596  O  O   . LYS A 1 75  ? -9.350  21.485  -0.866  1.00 44.22  ? 114 LYS A O   1 
ATOM   597  C  CB  . LYS A 1 75  ? -10.144 23.553  -2.456  1.00 67.89  ? 114 LYS A CB  1 
ATOM   598  C  CG  . LYS A 1 75  ? -11.148 24.043  -1.424  1.00 79.39  ? 114 LYS A CG  1 
ATOM   599  C  CD  . LYS A 1 75  ? -10.676 25.296  -0.685  1.00 83.90  ? 114 LYS A CD  1 
ATOM   600  C  CE  . LYS A 1 75  ? -11.804 26.083  -0.054  1.00 91.86  ? 114 LYS A CE  1 
ATOM   601  N  NZ  . LYS A 1 75  ? -12.721 25.208  0.719   1.00 98.95  ? 114 LYS A NZ  1 
ATOM   602  N  N   . PRO A 1 76  ? -7.315  22.220  -0.365  1.00 53.69  ? 115 PRO A N   1 
ATOM   603  C  CA  . PRO A 1 76  ? -7.020  21.062  0.476   1.00 53.58  ? 115 PRO A CA  1 
ATOM   604  C  C   . PRO A 1 76  ? -8.101  20.858  1.545   1.00 55.28  ? 115 PRO A C   1 
ATOM   605  O  O   . PRO A 1 76  ? -8.720  21.830  1.963   1.00 57.39  ? 115 PRO A O   1 
ATOM   606  C  CB  . PRO A 1 76  ? -5.657  21.368  1.118   1.00 58.06  ? 115 PRO A CB  1 
ATOM   607  C  CG  . PRO A 1 76  ? -5.466  22.870  0.921   1.00 60.91  ? 115 PRO A CG  1 
ATOM   608  C  CD  . PRO A 1 76  ? -6.235  23.220  -0.345  1.00 56.46  ? 115 PRO A CD  1 
ATOM   609  N  N   . GLU A 1 77  ? -8.318  19.602  1.939   1.00 46.70  ? 116 GLU A N   1 
ATOM   610  C  CA  . GLU A 1 77  ? -9.263  19.237  3.030   1.00 53.91  ? 116 GLU A CA  1 
ATOM   611  C  C   . GLU A 1 77  ? -8.632  18.142  3.877   1.00 51.17  ? 116 GLU A C   1 
ATOM   612  O  O   . GLU A 1 77  ? -7.863  17.342  3.367   1.00 54.35  ? 116 GLU A O   1 
ATOM   613  C  CB  . GLU A 1 77  ? -10.578 18.699  2.467   1.00 56.91  ? 116 GLU A CB  1 
ATOM   614  C  CG  . GLU A 1 77  ? -11.266 19.633  1.489   1.00 64.98  ? 116 GLU A CG  1 
ATOM   615  C  CD  . GLU A 1 77  ? -12.450 18.990  0.785   1.00 66.14  ? 116 GLU A CD  1 
ATOM   616  O  OE1 . GLU A 1 77  ? -12.953 17.966  1.294   1.00 74.40  ? 116 GLU A OE1 1 
ATOM   617  O  OE2 . GLU A 1 77  ? -12.855 19.495  -0.283  1.00 74.99  ? 116 GLU A OE2 1 
ATOM   618  N  N   . PRO A 1 78  ? -8.974  18.025  5.174   1.00 56.67  ? 117 PRO A N   1 
ATOM   619  C  CA  . PRO A 1 78  ? -8.415  16.959  6.003   1.00 55.74  ? 117 PRO A CA  1 
ATOM   620  C  C   . PRO A 1 78  ? -8.797  15.600  5.409   1.00 54.86  ? 117 PRO A C   1 
ATOM   621  O  O   . PRO A 1 78  ? -9.918  15.431  5.004   1.00 46.89  ? 117 PRO A O   1 
ATOM   622  C  CB  . PRO A 1 78  ? -9.054  17.153  7.380   1.00 56.18  ? 117 PRO A CB  1 
ATOM   623  C  CG  . PRO A 1 78  ? -9.561  18.590  7.349   1.00 59.09  ? 117 PRO A CG  1 
ATOM   624  C  CD  . PRO A 1 78  ? -9.934  18.867  5.905   1.00 59.83  ? 117 PRO A CD  1 
ATOM   625  N  N   . GLN A 1 79  ? -7.866  14.658  5.416   1.00 52.89  ? 118 GLN A N   1 
ATOM   626  C  CA  . GLN A 1 79  ? -8.175  13.339  4.830   1.00 60.09  ? 118 GLN A CA  1 
ATOM   627  C  C   . GLN A 1 79  ? -8.357  12.326  5.955   1.00 69.21  ? 118 GLN A C   1 
ATOM   628  O  O   . GLN A 1 79  ? -7.411  12.135  6.714   1.00 69.17  ? 118 GLN A O   1 
ATOM   629  C  CB  . GLN A 1 79  ? -7.033  12.932  3.908   1.00 52.63  ? 118 GLN A CB  1 
ATOM   630  C  CG  . GLN A 1 79  ? -6.824  13.909  2.771   1.00 54.40  ? 118 GLN A CG  1 
ATOM   631  C  CD  . GLN A 1 79  ? -8.039  13.956  1.889   1.00 57.43  ? 118 GLN A CD  1 
ATOM   632  O  OE1 . GLN A 1 79  ? -8.638  12.938  1.576   1.00 52.72  ? 118 GLN A OE1 1 
ATOM   633  N  NE2 . GLN A 1 79  ? -8.427  15.156  1.509   1.00 54.68  ? 118 GLN A NE2 1 
ATOM   634  N  N   . ALA A 1 80  ? -9.540  11.705  6.017   1.00 85.44  ? 119 ALA A N   1 
ATOM   635  C  CA  . ALA A 1 80  ? -9.811  10.679  7.048   1.00 84.27  ? 119 ALA A CA  1 
ATOM   636  C  C   . ALA A 1 80  ? -8.828  9.541   6.801   1.00 78.85  ? 119 ALA A C   1 
ATOM   637  O  O   . ALA A 1 80  ? -8.713  9.128   5.657   1.00 64.12  ? 119 ALA A O   1 
ATOM   638  C  CB  . ALA A 1 80  ? -11.238 10.197  6.949   1.00 75.54  ? 119 ALA A CB  1 
ATOM   639  N  N   . PRO A 1 81  ? -8.200  8.961   7.841   1.00 70.10  ? 120 PRO A N   1 
ATOM   640  C  CA  . PRO A 1 81  ? -7.218  7.896   7.672   1.00 64.56  ? 120 PRO A CA  1 
ATOM   641  C  C   . PRO A 1 81  ? -7.863  6.644   7.064   1.00 51.51  ? 120 PRO A C   1 
ATOM   642  O  O   . PRO A 1 81  ? -9.015  6.384   7.320   1.00 49.07  ? 120 PRO A O   1 
ATOM   643  C  CB  . PRO A 1 81  ? -6.844  7.568   9.118   1.00 30.00  ? 120 PRO A CB  1 
ATOM   644  C  CG  . PRO A 1 81  ? -8.083  7.917   9.876   1.00 30.00  ? 120 PRO A CG  1 
ATOM   645  C  CD  . PRO A 1 81  ? -8.464  9.230   9.241   1.00 30.00  ? 120 PRO A CD  1 
ATOM   646  N  N   . SER A 1 82  ? -7.095  5.904   6.269   1.00 48.39  ? 121 SER A N   1 
ATOM   647  C  CA  . SER A 1 82  ? -7.648  4.682   5.642   1.00 41.97  ? 121 SER A CA  1 
ATOM   648  C  C   . SER A 1 82  ? -7.816  3.586   6.683   1.00 37.93  ? 121 SER A C   1 
ATOM   649  O  O   . SER A 1 82  ? -7.124  3.584   7.674   1.00 39.25  ? 121 SER A O   1 
ATOM   650  C  CB  . SER A 1 82  ? -6.834  4.191   4.478   1.00 30.00  ? 121 SER A CB  1 
ATOM   651  O  OG  . SER A 1 82  ? -6.066  3.042   4.799   1.00 30.00  ? 121 SER A OG  1 
ATOM   652  N  N   . CYS A 1 83  ? -8.663  2.621   6.358   1.00 36.20  ? 122 CYS A N   1 
ATOM   653  C  CA  . CYS A 1 83  ? -8.853  1.408   7.174   1.00 36.38  ? 122 CYS A CA  1 
ATOM   654  C  C   . CYS A 1 83  ? -7.631  0.485   7.018   1.00 35.02  ? 122 CYS A C   1 
ATOM   655  O  O   . CYS A 1 83  ? -6.832  0.644   6.118   1.00 32.37  ? 122 CYS A O   1 
ATOM   656  C  CB  . CYS A 1 83  ? -10.145 0.695   6.812   1.00 42.57  ? 122 CYS A CB  1 
ATOM   657  S  SG  . CYS A 1 83  ? -11.622 1.514   7.459   1.00 48.59  ? 122 CYS A SG  1 
ATOM   658  N  N   . VAL A 1 84  ? -7.517  -0.470  7.918   1.00 33.87  ? 123 VAL A N   1 
ATOM   659  C  CA  . VAL A 1 84  ? -6.354  -1.378  7.955   1.00 33.52  ? 123 VAL A CA  1 
ATOM   660  C  C   . VAL A 1 84  ? -6.746  -2.718  7.318   1.00 31.54  ? 123 VAL A C   1 
ATOM   661  O  O   . VAL A 1 84  ? -7.847  -3.211  7.572   1.00 35.41  ? 123 VAL A O   1 
ATOM   662  C  CB  . VAL A 1 84  ? -5.847  -1.533  9.393   1.00 39.19  ? 123 VAL A CB  1 
ATOM   663  C  CG1 . VAL A 1 84  ? -6.883  -2.111  10.347  1.00 43.39  ? 123 VAL A CG1 1 
ATOM   664  C  CG2 . VAL A 1 84  ? -4.590  -2.354  9.430   1.00 43.57  ? 123 VAL A CG2 1 
ATOM   665  N  N   . TYR A 1 85  ? -5.860  -3.229  6.481   1.00 30.28  ? 124 TYR A N   1 
ATOM   666  C  CA  . TYR A 1 85  ? -5.928  -4.578  5.869   1.00 29.55  ? 124 TYR A CA  1 
ATOM   667  C  C   . TYR A 1 85  ? -5.030  -5.494  6.690   1.00 30.75  ? 124 TYR A C   1 
ATOM   668  O  O   . TYR A 1 85  ? -3.821  -5.182  6.810   1.00 31.88  ? 124 TYR A O   1 
ATOM   669  C  CB  . TYR A 1 85  ? -5.478  -4.516  4.409   1.00 28.78  ? 124 TYR A CB  1 
ATOM   670  C  CG  . TYR A 1 85  ? -5.408  -5.864  3.722   1.00 33.05  ? 124 TYR A CG  1 
ATOM   671  C  CD1 . TYR A 1 85  ? -6.555  -6.501  3.256   1.00 32.22  ? 124 TYR A CD1 1 
ATOM   672  C  CD2 . TYR A 1 85  ? -4.205  -6.539  3.609   1.00 29.80  ? 124 TYR A CD2 1 
ATOM   673  C  CE1 . TYR A 1 85  ? -6.504  -7.754  2.688   1.00 32.14  ? 124 TYR A CE1 1 
ATOM   674  C  CE2 . TYR A 1 85  ? -4.119  -7.775  2.991   1.00 31.11  ? 124 TYR A CE2 1 
ATOM   675  C  CZ  . TYR A 1 85  ? -5.285  -8.387  2.527   1.00 33.04  ? 124 TYR A CZ  1 
ATOM   676  O  OH  . TYR A 1 85  ? -5.233  -9.608  1.916   1.00 31.78  ? 124 TYR A OH  1 
ATOM   677  N  N   . ILE A 1 86  ? -5.572  -6.625  7.150   1.00 28.61  ? 125 ILE A N   1 
ATOM   678  C  CA  . ILE A 1 86  ? -4.797  -7.661  7.882   1.00 31.04  ? 125 ILE A CA  1 
ATOM   679  C  C   . ILE A 1 86  ? -4.282  -8.692  6.869   1.00 32.62  ? 125 ILE A C   1 
ATOM   680  O  O   . ILE A 1 86  ? -5.085  -9.334  6.143   1.00 31.55  ? 125 ILE A O   1 
ATOM   681  C  CB  . ILE A 1 86  ? -5.632  -8.281  9.009   1.00 31.92  ? 125 ILE A CB  1 
ATOM   682  C  CG1 . ILE A 1 86  ? -6.174  -7.197  9.944   1.00 35.51  ? 125 ILE A CG1 1 
ATOM   683  C  CG2 . ILE A 1 86  ? -4.798  -9.297  9.772   1.00 31.50  ? 125 ILE A CG2 1 
ATOM   684  C  CD1 . ILE A 1 86  ? -7.103  -7.735  10.988  1.00 40.90  ? 125 ILE A CD1 1 
ATOM   685  N  N   . HIS A 1 87  ? -2.973  -8.855  6.795   1.00 29.49  ? 126 HIS A N   1 
ATOM   686  C  CA  . HIS A 1 87  ? -2.366  -9.908  5.953   1.00 31.58  ? 126 HIS A CA  1 
ATOM   687  C  C   . HIS A 1 87  ? -3.020  -11.242 6.312   1.00 30.86  ? 126 HIS A C   1 
ATOM   688  O  O   . HIS A 1 87  ? -3.058  -11.622 7.473   1.00 26.97  ? 126 HIS A O   1 
ATOM   689  C  CB  . HIS A 1 87  ? -0.855  -10.016 6.093   1.00 26.21  ? 126 HIS A CB  1 
ATOM   690  C  CG  . HIS A 1 87  ? -0.301  -10.820 4.963   1.00 32.60  ? 126 HIS A CG  1 
ATOM   691  N  ND1 . HIS A 1 87  ? -0.337  -12.210 4.977   1.00 33.44  ? 126 HIS A ND1 1 
ATOM   692  C  CD2 . HIS A 1 87  ? 0.238   -10.478 3.779   1.00 31.88  ? 126 HIS A CD2 1 
ATOM   693  C  CE1 . HIS A 1 87  ? 0.192   -12.673 3.869   1.00 32.95  ? 126 HIS A CE1 1 
ATOM   694  N  NE2 . HIS A 1 87  ? 0.538   -11.636 3.110   1.00 36.18  ? 126 HIS A NE2 1 
ATOM   695  N  N   . PRO A 1 88  ? -3.545  -11.993 5.322   1.00 31.71  ? 127 PRO A N   1 
ATOM   696  C  CA  . PRO A 1 88  ? -4.303  -13.212 5.644   1.00 34.05  ? 127 PRO A CA  1 
ATOM   697  C  C   . PRO A 1 88  ? -3.479  -14.319 6.322   1.00 35.83  ? 127 PRO A C   1 
ATOM   698  O  O   . PRO A 1 88  ? -4.082  -15.154 7.012   1.00 35.43  ? 127 PRO A O   1 
ATOM   699  C  CB  . PRO A 1 88  ? -4.925  -13.572 4.288   1.00 33.13  ? 127 PRO A CB  1 
ATOM   700  C  CG  . PRO A 1 88  ? -3.935  -13.041 3.284   1.00 34.59  ? 127 PRO A CG  1 
ATOM   701  C  CD  . PRO A 1 88  ? -3.508  -11.709 3.889   1.00 30.23  ? 127 PRO A CD  1 
ATOM   702  N  N   . ASP A 1 89  ? -2.142  -14.290 6.267   1.00 37.47  ? 128 ASP A N   1 
ATOM   703  C  CA  . ASP A 1 89  ? -1.324  -15.252 7.051   1.00 37.41  ? 128 ASP A CA  1 
ATOM   704  C  C   . ASP A 1 89  ? -1.341  -14.892 8.540   1.00 35.63  ? 128 ASP A C   1 
ATOM   705  O  O   . ASP A 1 89  ? -0.872  -15.705 9.298   1.00 34.64  ? 128 ASP A O   1 
ATOM   706  C  CB  . ASP A 1 89  ? 0.135   -15.335 6.599   1.00 36.43  ? 128 ASP A CB  1 
ATOM   707  C  CG  . ASP A 1 89  ? 0.339   -15.773 5.172   1.00 38.70  ? 128 ASP A CG  1 
ATOM   708  O  OD1 . ASP A 1 89  ? -0.666  -16.032 4.491   1.00 40.47  ? 128 ASP A OD1 1 
ATOM   709  O  OD2 . ASP A 1 89  ? 1.488   -15.736 4.720   1.00 36.40  ? 128 ASP A OD2 1 
ATOM   710  N  N   . SER A 1 90  ? -1.840  -13.712 8.959   1.00 34.07  ? 129 SER A N   1 
ATOM   711  C  CA  . SER A 1 90  ? -1.834  -13.263 10.371  1.00 32.74  ? 129 SER A CA  1 
ATOM   712  C  C   . SER A 1 90  ? -2.827  -14.080 11.199  1.00 34.61  ? 129 SER A C   1 
ATOM   713  O  O   . SER A 1 90  ? -3.888  -14.420 10.721  1.00 37.49  ? 129 SER A O   1 
ATOM   714  C  CB  . SER A 1 90  ? -2.181  -11.807 10.513  1.00 31.12  ? 129 SER A CB  1 
ATOM   715  O  OG  . SER A 1 90  ? -1.439  -11.028 9.592   1.00 29.43  ? 129 SER A OG  1 
ATOM   716  N  N   . PRO A 1 91  ? -2.603  -14.338 12.490  1.00 35.98  ? 130 PRO A N   1 
ATOM   717  C  CA  . PRO A 1 91  ? -1.325  -14.135 13.161  1.00 34.27  ? 130 PRO A CA  1 
ATOM   718  C  C   . PRO A 1 91  ? -0.355  -15.254 12.828  1.00 35.17  ? 130 PRO A C   1 
ATOM   719  O  O   . PRO A 1 91  ? -0.803  -16.356 12.485  1.00 36.35  ? 130 PRO A O   1 
ATOM   720  C  CB  . PRO A 1 91  ? -1.694  -14.191 14.639  1.00 37.16  ? 130 PRO A CB  1 
ATOM   721  C  CG  . PRO A 1 91  ? -2.902  -15.079 14.679  1.00 38.81  ? 130 PRO A CG  1 
ATOM   722  C  CD  . PRO A 1 91  ? -3.648  -14.801 13.404  1.00 40.05  ? 130 PRO A CD  1 
ATOM   723  N  N   . ASN A 1 92  ? 0.943   -15.007 12.945  1.00 32.25  ? 131 ASN A N   1 
ATOM   724  C  CA  . ASN A 1 92  ? 1.905   -16.046 12.526  1.00 35.86  ? 131 ASN A CA  1 
ATOM   725  C  C   . ASN A 1 92  ? 3.238   -15.832 13.224  1.00 38.93  ? 131 ASN A C   1 
ATOM   726  O  O   . ASN A 1 92  ? 3.421   -14.769 13.829  1.00 35.68  ? 131 ASN A O   1 
ATOM   727  C  CB  . ASN A 1 92  ? 1.985   -16.253 11.012  1.00 37.33  ? 131 ASN A CB  1 
ATOM   728  C  CG  . ASN A 1 92  ? 1.883   -17.729 10.654  1.00 39.34  ? 131 ASN A CG  1 
ATOM   729  O  OD1 . ASN A 1 92  ? 2.577   -18.563 11.244  1.00 40.21  ? 131 ASN A OD1 1 
ATOM   730  N  ND2 . ASN A 1 92  ? 1.028   -18.052 9.699   1.00 35.50  ? 131 ASN A ND2 1 
ATOM   731  N  N   . PHE A 1 93  ? 4.024   -16.913 13.307  1.00 39.64  ? 132 PHE A N   1 
ATOM   732  C  CA  . PHE A 1 93  ? 5.339   -16.912 13.980  1.00 41.34  ? 132 PHE A CA  1 
ATOM   733  C  C   . PHE A 1 93  ? 6.294   -16.024 13.172  1.00 37.73  ? 132 PHE A C   1 
ATOM   734  O  O   . PHE A 1 93  ? 6.235   -15.978 11.921  1.00 37.04  ? 132 PHE A O   1 
ATOM   735  C  CB  . PHE A 1 93  ? 5.900   -18.334 14.128  1.00 44.66  ? 132 PHE A CB  1 
ATOM   736  C  CG  . PHE A 1 93  ? 5.081   -19.196 15.049  1.00 41.36  ? 132 PHE A CG  1 
ATOM   737  C  CD1 . PHE A 1 93  ? 5.177   -19.048 16.426  1.00 46.08  ? 132 PHE A CD1 1 
ATOM   738  C  CD2 . PHE A 1 93  ? 4.171   -20.110 14.539  1.00 42.78  ? 132 PHE A CD2 1 
ATOM   739  C  CE1 . PHE A 1 93  ? 4.379   -19.791 17.279  1.00 49.14  ? 132 PHE A CE1 1 
ATOM   740  C  CE2 . PHE A 1 93  ? 3.401   -20.886 15.396  1.00 44.79  ? 132 PHE A CE2 1 
ATOM   741  C  CZ  . PHE A 1 93  ? 3.487   -20.709 16.759  1.00 44.77  ? 132 PHE A CZ  1 
ATOM   742  N  N   . GLY A 1 94  ? 7.222   -15.391 13.877  1.00 42.32  ? 133 GLY A N   1 
ATOM   743  C  CA  . GLY A 1 94  ? 8.314   -14.649 13.242  1.00 40.62  ? 133 GLY A CA  1 
ATOM   744  C  C   . GLY A 1 94  ? 8.964   -15.427 12.113  1.00 40.10  ? 133 GLY A C   1 
ATOM   745  O  O   . GLY A 1 94  ? 9.322   -14.813 11.130  1.00 39.55  ? 133 GLY A O   1 
ATOM   746  N  N   . ALA A 1 95  ? 9.136   -16.748 12.250  1.00 44.11  ? 134 ALA A N   1 
ATOM   747  C  CA  . ALA A 1 95  ? 9.813   -17.606 11.250  1.00 41.20  ? 134 ALA A CA  1 
ATOM   748  C  C   . ALA A 1 95  ? 9.053   -17.594 9.935   1.00 39.92  ? 134 ALA A C   1 
ATOM   749  O  O   . ALA A 1 95  ? 9.660   -17.699 8.860   1.00 43.62  ? 134 ALA A O   1 
ATOM   750  C  CB  . ALA A 1 95  ? 9.878   -19.022 11.764  1.00 45.18  ? 134 ALA A CB  1 
ATOM   751  N  N   . HIS A 1 96  ? 7.731   -17.590 10.041  1.00 39.22  ? 135 HIS A N   1 
ATOM   752  C  CA  . HIS A 1 96  ? 6.821   -17.650 8.880   1.00 40.06  ? 135 HIS A CA  1 
ATOM   753  C  C   . HIS A 1 96  ? 7.028   -16.397 8.031   1.00 38.21  ? 135 HIS A C   1 
ATOM   754  O  O   . HIS A 1 96  ? 7.148   -16.476 6.813   1.00 40.27  ? 135 HIS A O   1 
ATOM   755  C  CB  . HIS A 1 96  ? 5.373   -17.761 9.372   1.00 39.48  ? 135 HIS A CB  1 
ATOM   756  C  CG  . HIS A 1 96  ? 4.418   -17.720 8.237   1.00 38.40  ? 135 HIS A CG  1 
ATOM   757  N  ND1 . HIS A 1 96  ? 4.019   -18.864 7.569   1.00 42.64  ? 135 HIS A ND1 1 
ATOM   758  C  CD2 . HIS A 1 96  ? 3.824   -16.675 7.625   1.00 37.14  ? 135 HIS A CD2 1 
ATOM   759  C  CE1 . HIS A 1 96  ? 3.190   -18.537 6.600   1.00 43.28  ? 135 HIS A CE1 1 
ATOM   760  N  NE2 . HIS A 1 96  ? 3.065   -17.179 6.602   1.00 41.79  ? 135 HIS A NE2 1 
ATOM   761  N  N   . TRP A 1 97  ? 7.000   -15.267 8.690   1.00 41.12  ? 136 TRP A N   1 
ATOM   762  C  CA  . TRP A 1 97  ? 7.140   -13.946 8.039   1.00 37.36  ? 136 TRP A CA  1 
ATOM   763  C  C   . TRP A 1 97  ? 8.530   -13.760 7.422   1.00 44.02  ? 136 TRP A C   1 
ATOM   764  O  O   . TRP A 1 97  ? 8.642   -13.105 6.362   1.00 40.05  ? 136 TRP A O   1 
ATOM   765  C  CB  . TRP A 1 97  ? 6.856   -12.908 9.102   1.00 34.98  ? 136 TRP A CB  1 
ATOM   766  C  CG  . TRP A 1 97  ? 5.477   -12.951 9.653   1.00 34.91  ? 136 TRP A CG  1 
ATOM   767  C  CD1 . TRP A 1 97  ? 5.145   -13.124 10.955  1.00 32.40  ? 136 TRP A CD1 1 
ATOM   768  C  CD2 . TRP A 1 97  ? 4.247   -12.748 8.945   1.00 31.81  ? 136 TRP A CD2 1 
ATOM   769  N  NE1 . TRP A 1 97  ? 3.799   -13.029 11.117  1.00 34.83  ? 136 TRP A NE1 1 
ATOM   770  C  CE2 . TRP A 1 97  ? 3.218   -12.842 9.894   1.00 31.00  ? 136 TRP A CE2 1 
ATOM   771  C  CE3 . TRP A 1 97  ? 3.916   -12.501 7.611   1.00 33.87  ? 136 TRP A CE3 1 
ATOM   772  C  CZ2 . TRP A 1 97  ? 1.876   -12.647 9.574   1.00 30.89  ? 136 TRP A CZ2 1 
ATOM   773  C  CZ3 . TRP A 1 97  ? 2.586   -12.344 7.284   1.00 32.46  ? 136 TRP A CZ3 1 
ATOM   774  C  CH2 . TRP A 1 97  ? 1.588   -12.405 8.252   1.00 30.64  ? 136 TRP A CH2 1 
ATOM   775  N  N   . MET A 1 98  ? 9.575   -14.312 8.044   1.00 43.31  ? 137 MET A N   1 
ATOM   776  C  CA  . MET A 1 98  ? 10.967  -14.079 7.585   1.00 45.23  ? 137 MET A CA  1 
ATOM   777  C  C   . MET A 1 98  ? 11.383  -15.091 6.511   1.00 48.20  ? 137 MET A C   1 
ATOM   778  O  O   . MET A 1 98  ? 12.382  -14.810 5.861   1.00 45.67  ? 137 MET A O   1 
ATOM   779  C  CB  . MET A 1 98  ? 11.936  -14.149 8.763   1.00 44.26  ? 137 MET A CB  1 
ATOM   780  C  CG  . MET A 1 98  ? 11.792  -13.006 9.737   1.00 45.54  ? 137 MET A CG  1 
ATOM   781  S  SD  . MET A 1 98  ? 13.147  -13.040 10.958  1.00 46.39  ? 137 MET A SD  1 
ATOM   782  C  CE  . MET A 1 98  ? 12.562  -14.304 12.094  1.00 48.53  ? 137 MET A CE  1 
ATOM   783  N  N   . LYS A 1 99  ? 10.634  -16.176 6.271   1.00 49.21  ? 138 LYS A N   1 
ATOM   784  C  CA  . LYS A 1 99  ? 11.061  -17.267 5.343   1.00 49.67  ? 138 LYS A CA  1 
ATOM   785  C  C   . LYS A 1 99  ? 10.858  -16.863 3.877   1.00 51.46  ? 138 LYS A C   1 
ATOM   786  O  O   . LYS A 1 99  ? 11.493  -17.454 3.006   1.00 47.65  ? 138 LYS A O   1 
ATOM   787  C  CB  . LYS A 1 99  ? 10.380  -18.607 5.679   1.00 53.90  ? 138 LYS A CB  1 
ATOM   788  C  CG  . LYS A 1 99  ? 8.872   -18.715 5.451   1.00 56.14  ? 138 LYS A CG  1 
ATOM   789  C  CD  . LYS A 1 99  ? 8.221   -19.941 6.129   1.00 67.60  ? 138 LYS A CD  1 
ATOM   790  C  CE  . LYS A 1 99  ? 6.772   -20.204 5.734   1.00 71.93  ? 138 LYS A CE  1 
ATOM   791  N  NZ  . LYS A 1 99  ? 6.007   -20.983 6.753   1.00 75.66  ? 138 LYS A NZ  1 
ATOM   792  N  N   . ALA A 1 100 ? 10.006  -15.884 3.587   1.00 50.79  ? 139 ALA A N   1 
ATOM   793  C  CA  . ALA A 1 100 ? 9.782   -15.384 2.215   1.00 45.10  ? 139 ALA A CA  1 
ATOM   794  C  C   . ALA A 1 100 ? 9.216   -13.976 2.312   1.00 41.09  ? 139 ALA A C   1 
ATOM   795  O  O   . ALA A 1 100 ? 8.723   -13.613 3.368   1.00 44.14  ? 139 ALA A O   1 
ATOM   796  C  CB  . ALA A 1 100 ? 8.845   -16.306 1.472   1.00 46.16  ? 139 ALA A CB  1 
ATOM   797  N  N   . PRO A 1 101 ? 9.284   -13.163 1.234   1.00 42.23  ? 140 PRO A N   1 
ATOM   798  C  CA  . PRO A 1 101 ? 8.750   -11.807 1.260   1.00 42.16  ? 140 PRO A CA  1 
ATOM   799  C  C   . PRO A 1 101 ? 7.258   -11.834 1.596   1.00 35.90  ? 140 PRO A C   1 
ATOM   800  O  O   . PRO A 1 101 ? 6.569   -12.721 1.175   1.00 37.64  ? 140 PRO A O   1 
ATOM   801  C  CB  . PRO A 1 101 ? 8.969   -11.268 -0.160  1.00 43.22  ? 140 PRO A CB  1 
ATOM   802  C  CG  . PRO A 1 101 ? 10.019  -12.161 -0.769  1.00 47.02  ? 140 PRO A CG  1 
ATOM   803  C  CD  . PRO A 1 101 ? 9.872   -13.499 -0.071  1.00 44.24  ? 140 PRO A CD  1 
ATOM   804  N  N   . VAL A 1 102 ? 6.823   -10.924 2.449   1.00 35.52  ? 141 VAL A N   1 
ATOM   805  C  CA  . VAL A 1 102 ? 5.401   -10.821 2.857   1.00 34.70  ? 141 VAL A CA  1 
ATOM   806  C  C   . VAL A 1 102 ? 4.662   -10.105 1.731   1.00 34.06  ? 141 VAL A C   1 
ATOM   807  O  O   . VAL A 1 102 ? 4.954   -8.899  1.451   1.00 30.58  ? 141 VAL A O   1 
ATOM   808  C  CB  . VAL A 1 102 ? 5.236   -10.138 4.220   1.00 34.71  ? 141 VAL A CB  1 
ATOM   809  C  CG1 . VAL A 1 102 ? 3.780   -10.089 4.597   1.00 33.88  ? 141 VAL A CG1 1 
ATOM   810  C  CG2 . VAL A 1 102 ? 6.078   -10.823 5.298   1.00 42.81  ? 141 VAL A CG2 1 
ATOM   811  N  N   . SER A 1 103 ? 3.729   -10.799 1.070   1.00 35.43  ? 142 SER A N   1 
ATOM   812  C  CA  . SER A 1 103 ? 3.131   -10.290 -0.176  1.00 35.22  ? 142 SER A CA  1 
ATOM   813  C  C   . SER A 1 103 ? 1.663   -9.897  0.055   1.00 35.22  ? 142 SER A C   1 
ATOM   814  O  O   . SER A 1 103 ? 0.867   -10.746 0.453   1.00 36.19  ? 142 SER A O   1 
ATOM   815  C  CB  . SER A 1 103 ? 3.313   -11.296 -1.269  1.00 36.95  ? 142 SER A CB  1 
ATOM   816  O  OG  . SER A 1 103 ? 2.515   -10.975 -2.384  1.00 43.46  ? 142 SER A OG  1 
ATOM   817  N  N   . PHE A 1 104 ? 1.311   -8.633  -0.208  1.00 31.30  ? 143 PHE A N   1 
ATOM   818  C  CA  . PHE A 1 104 ? -0.072  -8.130  -0.009  1.00 30.82  ? 143 PHE A CA  1 
ATOM   819  C  C   . PHE A 1 104 ? -0.863  -8.268  -1.311  1.00 33.20  ? 143 PHE A C   1 
ATOM   820  O  O   . PHE A 1 104 ? -1.472  -7.312  -1.765  1.00 31.96  ? 143 PHE A O   1 
ATOM   821  C  CB  . PHE A 1 104 ? 0.008   -6.713  0.566   1.00 30.30  ? 143 PHE A CB  1 
ATOM   822  C  CG  . PHE A 1 104 ? 0.540   -6.694  1.975   1.00 30.35  ? 143 PHE A CG  1 
ATOM   823  C  CD1 . PHE A 1 104 ? -0.320  -6.717  3.060   1.00 30.45  ? 143 PHE A CD1 1 
ATOM   824  C  CD2 . PHE A 1 104 ? 1.911   -6.643  2.211   1.00 34.05  ? 143 PHE A CD2 1 
ATOM   825  C  CE1 . PHE A 1 104 ? 0.162   -6.637  4.345   1.00 32.49  ? 143 PHE A CE1 1 
ATOM   826  C  CE2 . PHE A 1 104 ? 2.389   -6.568  3.506   1.00 33.79  ? 143 PHE A CE2 1 
ATOM   827  C  CZ  . PHE A 1 104 ? 1.519   -6.580  4.564   1.00 33.03  ? 143 PHE A CZ  1 
ATOM   828  N  N   . SER A 1 105 ? -0.885  -9.461  -1.890  1.00 34.53  ? 144 SER A N   1 
ATOM   829  C  CA  . SER A 1 105 ? -1.405  -9.678  -3.266  1.00 33.60  ? 144 SER A CA  1 
ATOM   830  C  C   . SER A 1 105 ? -2.931  -9.619  -3.276  1.00 30.64  ? 144 SER A C   1 
ATOM   831  O  O   . SER A 1 105 ? -3.513  -9.401  -4.391  1.00 34.62  ? 144 SER A O   1 
ATOM   832  C  CB  . SER A 1 105 ? -0.885  -10.985 -3.809  1.00 32.69  ? 144 SER A CB  1 
ATOM   833  O  OG  . SER A 1 105 ? -1.378  -12.032 -3.010  1.00 36.27  ? 144 SER A OG  1 
ATOM   834  N  N   . LYS A 1 106 ? -3.591  -9.775  -2.124  1.00 34.46  ? 145 LYS A N   1 
ATOM   835  C  CA  . LYS A 1 106 ? -5.069  -9.947  -2.057  1.00 31.93  ? 145 LYS A CA  1 
ATOM   836  C  C   . LYS A 1 106 ? -5.781  -8.695  -1.515  1.00 34.76  ? 145 LYS A C   1 
ATOM   837  O  O   . LYS A 1 106 ? -7.004  -8.651  -1.534  1.00 30.72  ? 145 LYS A O   1 
ATOM   838  C  CB  . LYS A 1 106 ? -5.430  -11.145 -1.180  1.00 36.04  ? 145 LYS A CB  1 
ATOM   839  C  CG  . LYS A 1 106 ? -4.841  -12.465 -1.628  1.00 33.60  ? 145 LYS A CG  1 
ATOM   840  C  CD  . LYS A 1 106 ? -5.137  -12.775 -3.068  1.00 36.39  ? 145 LYS A CD  1 
ATOM   841  C  CE  . LYS A 1 106 ? -5.123  -14.271 -3.321  1.00 38.97  ? 145 LYS A CE  1 
ATOM   842  N  NZ  . LYS A 1 106 ? -5.301  -14.527 -4.763  1.00 43.14  ? 145 LYS A NZ  1 
ATOM   843  N  N   . VAL A 1 107 ? -5.060  -7.638  -1.146  1.00 33.64  ? 146 VAL A N   1 
ATOM   844  C  CA  . VAL A 1 107 ? -5.748  -6.375  -0.772  1.00 34.67  ? 146 VAL A CA  1 
ATOM   845  C  C   . VAL A 1 107 ? -6.451  -5.803  -2.011  1.00 30.01  ? 146 VAL A C   1 
ATOM   846  O  O   . VAL A 1 107 ? -5.856  -5.781  -3.083  1.00 32.25  ? 146 VAL A O   1 
ATOM   847  C  CB  . VAL A 1 107 ? -4.782  -5.369  -0.115  1.00 32.03  ? 146 VAL A CB  1 
ATOM   848  C  CG1 . VAL A 1 107 ? -3.748  -4.824  -1.092  1.00 34.02  ? 146 VAL A CG1 1 
ATOM   849  C  CG2 . VAL A 1 107 ? -5.582  -4.262  0.531   1.00 32.68  ? 146 VAL A CG2 1 
ATOM   850  N  N   . LYS A 1 108 ? -7.693  -5.362  -1.847  1.00 32.68  ? 147 LYS A N   1 
ATOM   851  C  CA  . LYS A 1 108 ? -8.496  -4.720  -2.906  1.00 34.11  ? 147 LYS A CA  1 
ATOM   852  C  C   . LYS A 1 108 ? -8.786  -3.267  -2.534  1.00 34.00  ? 147 LYS A C   1 
ATOM   853  O  O   . LYS A 1 108 ? -9.253  -3.005  -1.415  1.00 34.56  ? 147 LYS A O   1 
ATOM   854  C  CB  . LYS A 1 108 ? -9.797  -5.502  -3.092  1.00 38.76  ? 147 LYS A CB  1 
ATOM   855  C  CG  . LYS A 1 108 ? -9.575  -6.911  -3.618  1.00 43.42  ? 147 LYS A CG  1 
ATOM   856  C  CD  . LYS A 1 108 ? -10.741 -7.843  -3.403  1.00 49.80  ? 147 LYS A CD  1 
ATOM   857  C  CE  . LYS A 1 108 ? -11.685 -7.855  -4.573  1.00 52.23  ? 147 LYS A CE  1 
ATOM   858  N  NZ  . LYS A 1 108 ? -12.445 -9.123  -4.610  1.00 52.13  ? 147 LYS A NZ  1 
ATOM   859  N  N   . LEU A 1 109 ? -8.553  -2.364  -3.468  1.00 34.83  ? 148 LEU A N   1 
ATOM   860  C  CA  . LEU A 1 109 ? -8.759  -0.906  -3.268  1.00 33.86  ? 148 LEU A CA  1 
ATOM   861  C  C   . LEU A 1 109 ? -10.107 -0.520  -3.896  1.00 32.84  ? 148 LEU A C   1 
ATOM   862  O  O   . LEU A 1 109 ? -10.289 -0.835  -5.093  1.00 34.09  ? 148 LEU A O   1 
ATOM   863  C  CB  . LEU A 1 109 ? -7.594  -0.172  -3.924  1.00 29.85  ? 148 LEU A CB  1 
ATOM   864  C  CG  . LEU A 1 109 ? -6.194  -0.584  -3.450  1.00 30.52  ? 148 LEU A CG  1 
ATOM   865  C  CD1 . LEU A 1 109 ? -5.124  0.278   -4.094  1.00 32.10  ? 148 LEU A CD1 1 
ATOM   866  C  CD2 . LEU A 1 109 ? -6.124  -0.571  -1.933  1.00 33.59  ? 148 LEU A CD2 1 
ATOM   867  N  N   . THR A 1 110 ? -10.981 0.143   -3.142  1.00 34.99  ? 149 THR A N   1 
ATOM   868  C  CA  . THR A 1 110 ? -12.325 0.589   -3.620  1.00 38.79  ? 149 THR A CA  1 
ATOM   869  C  C   . THR A 1 110 ? -12.485 2.100   -3.423  1.00 39.59  ? 149 THR A C   1 
ATOM   870  O  O   . THR A 1 110 ? -11.750 2.706   -2.603  1.00 39.46  ? 149 THR A O   1 
ATOM   871  C  CB  . THR A 1 110 ? -13.461 -0.202  -2.935  1.00 41.06  ? 149 THR A CB  1 
ATOM   872  O  OG1 . THR A 1 110 ? -14.740 0.220   -3.418  1.00 40.87  ? 149 THR A OG1 1 
ATOM   873  C  CG2 . THR A 1 110 ? -13.474 -0.072  -1.428  1.00 36.29  ? 149 THR A CG2 1 
ATOM   874  N  N   . ASN A 1 111 ? -13.454 2.684   -4.126  1.00 36.97  ? 150 ASN A N   1 
ATOM   875  C  CA  . ASN A 1 111 ? -13.888 4.089   -3.920  1.00 43.21  ? 150 ASN A CA  1 
ATOM   876  C  C   . ASN A 1 111 ? -15.216 4.140   -3.153  1.00 46.17  ? 150 ASN A C   1 
ATOM   877  O  O   . ASN A 1 111 ? -15.674 5.266   -2.889  1.00 50.31  ? 150 ASN A O   1 
ATOM   878  C  CB  . ASN A 1 111 ? -13.921 4.872   -5.232  1.00 43.87  ? 150 ASN A CB  1 
ATOM   879  C  CG  . ASN A 1 111 ? -14.754 4.232   -6.323  1.00 40.95  ? 150 ASN A CG  1 
ATOM   880  O  OD1 . ASN A 1 111 ? -14.909 4.820   -7.381  1.00 62.15  ? 150 ASN A OD1 1 
ATOM   881  N  ND2 . ASN A 1 111 ? -15.247 3.035   -6.100  1.00 42.16  ? 150 ASN A ND2 1 
ATOM   882  N  N   . LYS A 1 112 ? -15.769 2.997   -2.734  1.00 51.03  ? 151 LYS A N   1 
ATOM   883  C  CA  . LYS A 1 112 ? -17.103 2.929   -2.062  1.00 56.18  ? 151 LYS A CA  1 
ATOM   884  C  C   . LYS A 1 112 ? -17.004 2.140   -0.754  1.00 61.86  ? 151 LYS A C   1 
ATOM   885  O  O   . LYS A 1 112 ? -16.347 1.086   -0.758  1.00 60.67  ? 151 LYS A O   1 
ATOM   886  C  CB  . LYS A 1 112 ? -18.133 2.282   -2.999  1.00 61.08  ? 151 LYS A CB  1 
ATOM   887  C  CG  . LYS A 1 112 ? -18.263 2.930   -4.377  1.00 64.19  ? 151 LYS A CG  1 
ATOM   888  C  CD  . LYS A 1 112 ? -18.883 4.322   -4.373  1.00 63.72  ? 151 LYS A CD  1 
ATOM   889  C  CE  . LYS A 1 112 ? -18.956 4.945   -5.754  1.00 62.97  ? 151 LYS A CE  1 
ATOM   890  N  NZ  . LYS A 1 112 ? -19.797 6.166   -5.753  1.00 64.10  ? 151 LYS A NZ  1 
ATOM   891  N  N   . LEU A 1 113 ? -17.631 2.640   0.322   1.00 68.32  ? 152 LEU A N   1 
ATOM   892  C  CA  . LEU A 1 113 ? -17.837 1.892   1.594   1.00 73.86  ? 152 LEU A CA  1 
ATOM   893  C  C   . LEU A 1 113 ? -18.511 0.554   1.262   1.00 81.62  ? 152 LEU A C   1 
ATOM   894  O  O   . LEU A 1 113 ? -19.548 0.560   0.569   1.00 76.20  ? 152 LEU A O   1 
ATOM   895  C  CB  . LEU A 1 113 ? -18.640 2.704   2.625   1.00 78.55  ? 152 LEU A CB  1 
ATOM   896  C  CG  . LEU A 1 113 ? -19.695 3.715   2.150   1.00 84.43  ? 152 LEU A CG  1 
ATOM   897  C  CD1 . LEU A 1 113 ? -19.080 5.082   1.859   1.00 86.04  ? 152 LEU A CD1 1 
ATOM   898  C  CD2 . LEU A 1 113 ? -20.528 3.219   0.971   1.00 88.79  ? 152 LEU A CD2 1 
ATOM   899  N  N   . ASN A 1 114 ? -17.911 -0.554  1.703   1.00 82.55  ? 153 ASN A N   1 
ATOM   900  C  CA  . ASN A 1 114 ? -18.250 -1.917  1.218   1.00 91.92  ? 153 ASN A CA  1 
ATOM   901  C  C   . ASN A 1 114 ? -18.246 -2.898  2.394   1.00 94.32  ? 153 ASN A C   1 
ATOM   902  O  O   . ASN A 1 114 ? -17.814 -2.499  3.495   1.00 103.38 ? 153 ASN A O   1 
ATOM   903  C  CB  . ASN A 1 114 ? -17.310 -2.346  0.084   1.00 93.73  ? 153 ASN A CB  1 
ATOM   904  C  CG  . ASN A 1 114 ? -17.682 -1.751  -1.262  1.00 96.64  ? 153 ASN A CG  1 
ATOM   905  O  OD1 . ASN A 1 114 ? -18.860 -1.675  -1.628  1.00 83.30  ? 153 ASN A OD1 1 
ATOM   906  N  ND2 . ASN A 1 114 ? -16.679 -1.324  -2.015  1.00 86.45  ? 153 ASN A ND2 1 
ATOM   907  N  N   . GLY A 1 115 ? -18.723 -4.125  2.149   1.00 97.40  ? 154 GLY A N   1 
ATOM   908  C  CA  . GLY A 1 115 ? -18.889 -5.196  3.153   1.00 101.54 ? 154 GLY A CA  1 
ATOM   909  C  C   . GLY A 1 115 ? -17.663 -5.372  4.028   1.00 95.38  ? 154 GLY A C   1 
ATOM   910  O  O   . GLY A 1 115 ? -17.700 -4.940  5.195   1.00 90.45  ? 154 GLY A O   1 
ATOM   911  N  N   . GLY A 1 116 ? -16.615 -5.996  3.492   1.00 87.59  ? 155 GLY A N   1 
ATOM   912  C  CA  . GLY A 1 116 ? -15.389 -6.308  4.249   1.00 86.84  ? 155 GLY A CA  1 
ATOM   913  C  C   . GLY A 1 116 ? -14.246 -6.688  3.333   1.00 76.12  ? 155 GLY A C   1 
ATOM   914  O  O   . GLY A 1 116 ? -14.479 -6.909  2.140   1.00 80.14  ? 155 GLY A O   1 
ATOM   915  N  N   . GLY A 1 117 ? -13.044 -6.787  3.881   1.00 71.65  ? 156 GLY A N   1 
ATOM   916  C  CA  . GLY A 1 117 ? -11.817 -6.963  3.092   1.00 68.46  ? 156 GLY A CA  1 
ATOM   917  C  C   . GLY A 1 117 ? -11.398 -5.660  2.430   1.00 59.27  ? 156 GLY A C   1 
ATOM   918  O  O   . GLY A 1 117 ? -10.334 -5.154  2.797   1.00 62.09  ? 156 GLY A O   1 
ATOM   919  N  N   . GLN A 1 118 ? -12.212 -5.126  1.511   1.00 51.91  ? 157 GLN A N   1 
ATOM   920  C  CA  . GLN A 1 118 ? -11.829 -3.998  0.616   1.00 46.67  ? 157 GLN A CA  1 
ATOM   921  C  C   . GLN A 1 118 ? -11.439 -2.775  1.450   1.00 45.25  ? 157 GLN A C   1 
ATOM   922  O  O   . GLN A 1 118 ? -12.103 -2.531  2.451   1.00 47.76  ? 157 GLN A O   1 
ATOM   923  C  CB  . GLN A 1 118 ? -12.985 -3.575  -0.290  1.00 43.32  ? 157 GLN A CB  1 
ATOM   924  C  CG  . GLN A 1 118 ? -13.477 -4.671  -1.205  1.00 54.80  ? 157 GLN A CG  1 
ATOM   925  C  CD  . GLN A 1 118 ? -14.918 -4.995  -0.912  1.00 56.31  ? 157 GLN A CD  1 
ATOM   926  O  OE1 . GLN A 1 118 ? -15.772 -4.919  -1.792  1.00 64.63  ? 157 GLN A OE1 1 
ATOM   927  N  NE2 . GLN A 1 118 ? -15.202 -5.340  0.331   1.00 57.99  ? 157 GLN A NE2 1 
ATOM   928  N  N   . ILE A 1 119 ? -10.426 -2.021  1.024   1.00 40.18  ? 158 ILE A N   1 
ATOM   929  C  CA  . ILE A 1 119 ? -10.012 -0.755  1.684   1.00 36.90  ? 158 ILE A CA  1 
ATOM   930  C  C   . ILE A 1 119 ? -10.495 0.408   0.827   1.00 35.77  ? 158 ILE A C   1 
ATOM   931  O  O   . ILE A 1 119 ? -10.117 0.480   -0.356  1.00 33.80  ? 158 ILE A O   1 
ATOM   932  C  CB  . ILE A 1 119 ? -8.483  -0.726  1.821   1.00 34.91  ? 158 ILE A CB  1 
ATOM   933  C  CG1 . ILE A 1 119 ? -7.981  -1.940  2.595   1.00 32.47  ? 158 ILE A CG1 1 
ATOM   934  C  CG2 . ILE A 1 119 ? -8.018  0.588   2.393   1.00 37.04  ? 158 ILE A CG2 1 
ATOM   935  C  CD1 . ILE A 1 119 ? -8.531  -2.101  3.994   1.00 34.55  ? 158 ILE A CD1 1 
ATOM   936  N  N   . MET A 1 120 ? -11.314 1.292   1.406   0.66 35.87  ? 159 MET A N   1 
ATOM   937  C  CA  . MET A 1 120 ? -11.824 2.495   0.695   0.66 41.18  ? 159 MET A CA  1 
ATOM   938  C  C   . MET A 1 120 ? -10.710 3.541   0.650   0.66 38.12  ? 159 MET A C   1 
ATOM   939  O  O   . MET A 1 120 ? -10.014 3.719   1.668   0.66 38.21  ? 159 MET A O   1 
ATOM   940  C  CB  . MET A 1 120 ? -13.063 3.106   1.361   0.66 45.98  ? 159 MET A CB  1 
ATOM   941  C  CG  . MET A 1 120 ? -13.773 4.114   0.463   0.66 49.53  ? 159 MET A CG  1 
ATOM   942  S  SD  . MET A 1 120 ? -14.885 5.203   1.376   0.66 59.83  ? 159 MET A SD  1 
ATOM   943  C  CE  . MET A 1 120 ? -15.304 6.403   0.113   0.66 55.05  ? 159 MET A CE  1 
ATOM   944  N  N   . LEU A 1 121 ? -10.521 4.163   -0.511  0.66 36.63  ? 160 LEU A N   1 
ATOM   945  C  CA  . LEU A 1 121 ? -9.600  5.310   -0.698  0.66 36.60  ? 160 LEU A CA  1 
ATOM   946  C  C   . LEU A 1 121 ? -10.383 6.446   -1.352  0.66 42.64  ? 160 LEU A C   1 
ATOM   947  O  O   . LEU A 1 121 ? -11.471 6.175   -1.915  0.66 45.08  ? 160 LEU A O   1 
ATOM   948  C  CB  . LEU A 1 121 ? -8.409  4.889   -1.560  0.66 37.45  ? 160 LEU A CB  1 
ATOM   949  C  CG  . LEU A 1 121 ? -7.511  3.799   -0.982  0.66 34.36  ? 160 LEU A CG  1 
ATOM   950  C  CD1 . LEU A 1 121 ? -6.402  3.446   -1.961  0.66 33.67  ? 160 LEU A CD1 1 
ATOM   951  C  CD2 . LEU A 1 121 ? -6.926  4.229   0.356   0.66 36.25  ? 160 LEU A CD2 1 
ATOM   952  N  N   . ASN A 1 122 ? -9.839  7.656   -1.248  0.66 45.87  ? 161 ASN A N   1 
ATOM   953  C  CA  . ASN A 1 122 ? -10.395 8.911   -1.811  0.66 45.50  ? 161 ASN A CA  1 
ATOM   954  C  C   . ASN A 1 122 ? -9.909  9.021   -3.260  0.66 46.45  ? 161 ASN A C   1 
ATOM   955  O  O   . ASN A 1 122 ? -8.669  9.142   -3.485  0.66 40.46  ? 161 ASN A O   1 
ATOM   956  C  CB  . ASN A 1 122 ? -10.005 10.112  -0.942  0.66 49.95  ? 161 ASN A CB  1 
ATOM   957  C  CG  . ASN A 1 122 ? -10.980 11.267  -1.021  0.66 50.86  ? 161 ASN A CG  1 
ATOM   958  O  OD1 . ASN A 1 122 ? -11.903 11.253  -1.836  0.66 48.41  ? 161 ASN A OD1 1 
ATOM   959  N  ND2 . ASN A 1 122 ? -10.773 12.273  -0.182  0.66 48.97  ? 161 ASN A ND2 1 
ATOM   960  N  N   . SER A 1 123 ? -10.842 8.929   -4.214  0.66 42.69  ? 162 SER A N   1 
ATOM   961  C  CA  . SER A 1 123 ? -10.592 9.149   -5.660  0.66 45.53  ? 162 SER A CA  1 
ATOM   962  C  C   . SER A 1 123 ? -9.699  10.380  -5.863  0.66 39.95  ? 162 SER A C   1 
ATOM   963  O  O   . SER A 1 123 ? -10.012 11.435  -5.286  0.66 43.47  ? 162 SER A O   1 
ATOM   964  C  CB  . SER A 1 123 ? -11.895 9.290   -6.416  0.66 43.91  ? 162 SER A CB  1 
ATOM   965  O  OG  . SER A 1 123 ? -12.561 8.041   -6.477  0.66 49.57  ? 162 SER A OG  1 
ATOM   966  N  N   . LEU A 1 124 ? -8.632  10.226  -6.652  0.66 38.50  ? 163 LEU A N   1 
ATOM   967  C  CA  . LEU A 1 124 ? -7.699  11.287  -7.127  0.66 39.74  ? 163 LEU A CA  1 
ATOM   968  C  C   . LEU A 1 124 ? -6.905  11.904  -5.961  0.66 39.65  ? 163 LEU A C   1 
ATOM   969  O  O   . LEU A 1 124 ? -6.380  13.033  -6.109  0.66 36.51  ? 163 LEU A O   1 
ATOM   970  C  CB  . LEU A 1 124 ? -8.488  12.333  -7.924  0.66 43.76  ? 163 LEU A CB  1 
ATOM   971  C  CG  . LEU A 1 124 ? -8.971  11.838  -9.289  0.66 46.64  ? 163 LEU A CG  1 
ATOM   972  C  CD1 . LEU A 1 124 ? -10.147 12.657  -9.798  0.66 49.65  ? 163 LEU A CD1 1 
ATOM   973  C  CD2 . LEU A 1 124 ? -7.835  11.851  -10.295 0.66 46.68  ? 163 LEU A CD2 1 
ATOM   974  N  N   . HIS A 1 125 ? -6.747  11.161  -4.867  0.66 36.93  ? 164 HIS A N   1 
ATOM   975  C  CA  . HIS A 1 125 ? -5.825  11.528  -3.763  0.66 35.87  ? 164 HIS A CA  1 
ATOM   976  C  C   . HIS A 1 125 ? -4.605  10.616  -3.818  0.66 35.18  ? 164 HIS A C   1 
ATOM   977  O  O   . HIS A 1 125 ? -4.731  9.452   -4.306  0.66 30.96  ? 164 HIS A O   1 
ATOM   978  C  CB  . HIS A 1 125 ? -6.570  11.540  -2.431  0.66 37.97  ? 164 HIS A CB  1 
ATOM   979  C  CG  . HIS A 1 125 ? -7.466  12.727  -2.339  0.66 39.93  ? 164 HIS A CG  1 
ATOM   980  N  ND1 . HIS A 1 125 ? -8.474  12.964  -3.263  0.66 43.08  ? 164 HIS A ND1 1 
ATOM   981  C  CD2 . HIS A 1 125 ? -7.483  13.770  -1.484  0.66 41.59  ? 164 HIS A CD2 1 
ATOM   982  C  CE1 . HIS A 1 125 ? -9.091  14.091  -2.956  0.66 38.58  ? 164 HIS A CE1 1 
ATOM   983  N  NE2 . HIS A 1 125 ? -8.500  14.607  -1.876  0.66 40.81  ? 164 HIS A NE2 1 
ATOM   984  N  N   . LYS A 1 126 ? -3.467  11.159  -3.381  1.00 31.88  ? 165 LYS A N   1 
ATOM   985  C  CA  . LYS A 1 126 ? -2.176  10.482  -3.436  1.00 32.70  ? 165 LYS A CA  1 
ATOM   986  C  C   . LYS A 1 126 ? -1.979  9.772   -2.090  1.00 35.61  ? 165 LYS A C   1 
ATOM   987  O  O   . LYS A 1 126 ? -2.233  10.390  -1.035  1.00 31.78  ? 165 LYS A O   1 
ATOM   988  C  CB  . LYS A 1 126 ? -1.136  11.539  -3.756  1.00 34.34  ? 165 LYS A CB  1 
ATOM   989  C  CG  . LYS A 1 126 ? 0.292   11.052  -3.780  1.00 41.12  ? 165 LYS A CG  1 
ATOM   990  C  CD  . LYS A 1 126 ? 1.259   12.108  -4.251  1.00 43.04  ? 165 LYS A CD  1 
ATOM   991  C  CE  . LYS A 1 126 ? 1.016   12.504  -5.692  1.00 44.99  ? 165 LYS A CE  1 
ATOM   992  N  NZ  . LYS A 1 126 ? 2.202   13.162  -6.295  1.00 44.89  ? 165 LYS A NZ  1 
ATOM   993  N  N   . TYR A 1 127 ? -1.474  8.558   -2.132  1.00 30.18  ? 166 TYR A N   1 
ATOM   994  C  CA  . TYR A 1 127 ? -1.358  7.658   -0.951  1.00 27.89  ? 166 TYR A CA  1 
ATOM   995  C  C   . TYR A 1 127 ? 0.072   7.142   -0.853  1.00 27.15  ? 166 TYR A C   1 
ATOM   996  O  O   . TYR A 1 127 ? 0.723   6.822   -1.885  1.00 28.03  ? 166 TYR A O   1 
ATOM   997  C  CB  . TYR A 1 127 ? -2.385  6.526   -1.050  1.00 27.60  ? 166 TYR A CB  1 
ATOM   998  C  CG  . TYR A 1 127 ? -3.786  6.985   -0.821  1.00 27.72  ? 166 TYR A CG  1 
ATOM   999  C  CD1 . TYR A 1 127 ? -4.245  7.255   0.455   1.00 28.73  ? 166 TYR A CD1 1 
ATOM   1000 C  CD2 . TYR A 1 127 ? -4.624  7.260   -1.886  1.00 31.54  ? 166 TYR A CD2 1 
ATOM   1001 C  CE1 . TYR A 1 127 ? -5.521  7.727   0.696   1.00 30.15  ? 166 TYR A CE1 1 
ATOM   1002 C  CE2 . TYR A 1 127 ? -5.885  7.786   -1.665  1.00 30.31  ? 166 TYR A CE2 1 
ATOM   1003 C  CZ  . TYR A 1 127 ? -6.342  8.004   -0.384  1.00 33.77  ? 166 TYR A CZ  1 
ATOM   1004 O  OH  . TYR A 1 127 ? -7.600  8.499   -0.176  1.00 37.98  ? 166 TYR A OH  1 
ATOM   1005 N  N   . GLU A 1 128 ? 0.515   6.916   0.388   1.00 28.00  ? 167 GLU A N   1 
ATOM   1006 C  CA  . GLU A 1 128 ? 1.787   6.222   0.714   1.00 28.37  ? 167 GLU A CA  1 
ATOM   1007 C  C   . GLU A 1 128 ? 1.437   4.981   1.525   1.00 28.51  ? 167 GLU A C   1 
ATOM   1008 O  O   . GLU A 1 128 ? 0.945   5.068   2.645   1.00 28.32  ? 167 GLU A O   1 
ATOM   1009 C  CB  . GLU A 1 128 ? 2.707   7.123   1.552   1.00 26.79  ? 167 GLU A CB  1 
ATOM   1010 C  CG  . GLU A 1 128 ? 4.072   6.535   1.766   1.00 28.64  ? 167 GLU A CG  1 
ATOM   1011 C  CD  . GLU A 1 128 ? 5.070   7.573   2.260   1.00 26.87  ? 167 GLU A CD  1 
ATOM   1012 O  OE1 . GLU A 1 128 ? 5.024   7.832   3.470   1.00 29.87  ? 167 GLU A OE1 1 
ATOM   1013 O  OE2 . GLU A 1 128 ? 5.784   8.093   1.433   1.00 27.46  ? 167 GLU A OE2 1 
ATOM   1014 N  N   . PRO A 1 129 ? 1.558   3.780   0.923   1.00 26.52  ? 168 PRO A N   1 
ATOM   1015 C  CA  . PRO A 1 129 ? 1.402   2.548   1.667   1.00 26.14  ? 168 PRO A CA  1 
ATOM   1016 C  C   . PRO A 1 129 ? 2.312   2.493   2.906   1.00 26.97  ? 168 PRO A C   1 
ATOM   1017 O  O   . PRO A 1 129 ? 3.442   2.964   2.831   1.00 27.07  ? 168 PRO A O   1 
ATOM   1018 C  CB  . PRO A 1 129 ? 1.827   1.439   0.687   1.00 28.29  ? 168 PRO A CB  1 
ATOM   1019 C  CG  . PRO A 1 129 ? 1.525   2.084   -0.676  1.00 27.76  ? 168 PRO A CG  1 
ATOM   1020 C  CD  . PRO A 1 129 ? 1.848   3.569   -0.503  1.00 29.46  ? 168 PRO A CD  1 
ATOM   1021 N  N   . ARG A 1 130 ? 1.781   1.868   3.952   1.00 29.14  ? 169 ARG A N   1 
ATOM   1022 C  CA  . ARG A 1 130 ? 2.436   1.761   5.265   1.00 27.06  ? 169 ARG A CA  1 
ATOM   1023 C  C   . ARG A 1 130 ? 2.081   0.415   5.894   1.00 26.54  ? 169 ARG A C   1 
ATOM   1024 O  O   . ARG A 1 130 ? 0.912   -0.007  5.814   1.00 26.78  ? 169 ARG A O   1 
ATOM   1025 C  CB  . ARG A 1 130 ? 1.992   2.952   6.111   1.00 29.72  ? 169 ARG A CB  1 
ATOM   1026 C  CG  . ARG A 1 130 ? 2.680   2.994   7.474   1.00 32.56  ? 169 ARG A CG  1 
ATOM   1027 C  CD  . ARG A 1 130 ? 2.174   4.236   8.206   1.00 28.91  ? 169 ARG A CD  1 
ATOM   1028 N  NE  . ARG A 1 130 ? 0.753   4.178   8.484   1.00 29.38  ? 169 ARG A NE  1 
ATOM   1029 C  CZ  . ARG A 1 130 ? 0.085   5.074   9.157   1.00 30.66  ? 169 ARG A CZ  1 
ATOM   1030 N  NH1 . ARG A 1 130 ? 0.715   6.161   9.605   1.00 31.26  ? 169 ARG A NH1 1 
ATOM   1031 N  NH2 . ARG A 1 130 ? -1.183  4.876   9.445   1.00 32.67  ? 169 ARG A NH2 1 
ATOM   1032 N  N   . ILE A 1 131 ? 3.042   -0.254  6.496   1.00 26.10  ? 170 ILE A N   1 
ATOM   1033 C  CA  . ILE A 1 131 ? 2.695   -1.485  7.246   1.00 30.11  ? 170 ILE A CA  1 
ATOM   1034 C  C   . ILE A 1 131 ? 2.935   -1.243  8.735   1.00 34.92  ? 170 ILE A C   1 
ATOM   1035 O  O   . ILE A 1 131 ? 3.743   -0.338  9.085   1.00 31.50  ? 170 ILE A O   1 
ATOM   1036 C  CB  . ILE A 1 131 ? 3.459   -2.703  6.741   1.00 30.55  ? 170 ILE A CB  1 
ATOM   1037 C  CG1 . ILE A 1 131 ? 4.967   -2.553  6.930   1.00 32.72  ? 170 ILE A CG1 1 
ATOM   1038 C  CG2 . ILE A 1 131 ? 3.087   -2.984  5.298   1.00 32.56  ? 170 ILE A CG2 1 
ATOM   1039 C  CD1 . ILE A 1 131 ? 5.720   -3.846  6.885   1.00 38.15  ? 170 ILE A CD1 1 
ATOM   1040 N  N   . HIS A 1 132 ? 2.222   -2.034  9.528   1.00 33.72  ? 171 HIS A N   1 
ATOM   1041 C  CA  . HIS A 1 132 ? 2.394   -2.175  10.981  1.00 30.78  ? 171 HIS A CA  1 
ATOM   1042 C  C   . HIS A 1 132 ? 2.704   -3.634  11.274  1.00 34.10  ? 171 HIS A C   1 
ATOM   1043 O  O   . HIS A 1 132 ? 1.947   -4.521  10.791  1.00 31.34  ? 171 HIS A O   1 
ATOM   1044 C  CB  . HIS A 1 132 ? 1.171   -1.684  11.707  1.00 31.74  ? 171 HIS A CB  1 
ATOM   1045 C  CG  . HIS A 1 132 ? 0.673   -0.377  11.217  1.00 37.02  ? 171 HIS A CG  1 
ATOM   1046 N  ND1 . HIS A 1 132 ? 1.278   0.812   11.597  1.00 33.63  ? 171 HIS A ND1 1 
ATOM   1047 C  CD2 . HIS A 1 132 ? -0.377  -0.052  10.432  1.00 34.52  ? 171 HIS A CD2 1 
ATOM   1048 C  CE1 . HIS A 1 132 ? 0.633   1.816   11.044  1.00 31.96  ? 171 HIS A CE1 1 
ATOM   1049 N  NE2 . HIS A 1 132 ? -0.403  1.308   10.327  1.00 38.03  ? 171 HIS A NE2 1 
ATOM   1050 N  N   . ILE A 1 133 ? 3.830   -3.871  11.950  1.00 32.17  ? 172 ILE A N   1 
ATOM   1051 C  CA  . ILE A 1 133 ? 4.148   -5.221  12.496  1.00 33.67  ? 172 ILE A CA  1 
ATOM   1052 C  C   . ILE A 1 133 ? 3.757   -5.214  13.971  1.00 37.11  ? 172 ILE A C   1 
ATOM   1053 O  O   . ILE A 1 133 ? 4.358   -4.419  14.757  1.00 31.89  ? 172 ILE A O   1 
ATOM   1054 C  CB  . ILE A 1 133 ? 5.606   -5.596  12.221  1.00 38.17  ? 172 ILE A CB  1 
ATOM   1055 C  CG1 . ILE A 1 133 ? 5.869   -5.596  10.714  1.00 35.43  ? 172 ILE A CG1 1 
ATOM   1056 C  CG2 . ILE A 1 133 ? 5.892   -6.959  12.831  1.00 34.52  ? 172 ILE A CG2 1 
ATOM   1057 C  CD1 . ILE A 1 133 ? 7.314   -5.657  10.334  1.00 37.99  ? 172 ILE A CD1 1 
ATOM   1058 N  N   . VAL A 1 134 ? 2.700   -5.965  14.308  1.00 37.61  ? 173 VAL A N   1 
ATOM   1059 C  CA  . VAL A 1 134 ? 2.089   -5.990  15.673  1.00 32.51  ? 173 VAL A CA  1 
ATOM   1060 C  C   . VAL A 1 134 ? 2.491   -7.323  16.333  1.00 35.90  ? 173 VAL A C   1 
ATOM   1061 O  O   . VAL A 1 134 ? 2.102   -8.381  15.802  1.00 36.21  ? 173 VAL A O   1 
ATOM   1062 C  CB  . VAL A 1 134 ? 0.566   -5.786  15.623  1.00 35.98  ? 173 VAL A CB  1 
ATOM   1063 C  CG1 . VAL A 1 134 ? -0.049  -5.682  17.018  1.00 33.68  ? 173 VAL A CG1 1 
ATOM   1064 C  CG2 . VAL A 1 134 ? 0.181   -4.539  14.809  1.00 40.61  ? 173 VAL A CG2 1 
ATOM   1065 N  N   . ARG A 1 135 ? 3.328   -7.269  17.366  1.00 36.58  ? 174 ARG A N   1 
ATOM   1066 C  CA  . ARG A 1 135 ? 3.599   -8.435  18.262  1.00 41.04  ? 174 ARG A CA  1 
ATOM   1067 C  C   . ARG A 1 135 ? 2.386   -8.695  19.156  1.00 38.29  ? 174 ARG A C   1 
ATOM   1068 O  O   . ARG A 1 135 ? 2.046   -7.824  19.986  1.00 43.78  ? 174 ARG A O   1 
ATOM   1069 C  CB  . ARG A 1 135 ? 4.875   -8.196  19.079  1.00 46.57  ? 174 ARG A CB  1 
ATOM   1070 C  CG  . ARG A 1 135 ? 5.441   -9.469  19.694  1.00 49.97  ? 174 ARG A CG  1 
ATOM   1071 C  CD  . ARG A 1 135 ? 6.698   -9.202  20.504  1.00 58.19  ? 174 ARG A CD  1 
ATOM   1072 N  NE  . ARG A 1 135 ? 7.102   -10.407 21.227  1.00 61.56  ? 174 ARG A NE  1 
ATOM   1073 C  CZ  . ARG A 1 135 ? 8.351   -10.693 21.597  1.00 61.30  ? 174 ARG A CZ  1 
ATOM   1074 N  NH1 . ARG A 1 135 ? 9.340   -9.862  21.324  1.00 58.16  ? 174 ARG A NH1 1 
ATOM   1075 N  NH2 . ARG A 1 135 ? 8.608   -11.822 22.233  1.00 63.30  ? 174 ARG A NH2 1 
ATOM   1076 N  N   . VAL A 1 136 ? 1.797   -9.898  19.024  1.00 41.42  ? 175 VAL A N   1 
ATOM   1077 C  CA  . VAL A 1 136 ? 0.493   -10.316 19.606  1.00 45.59  ? 175 VAL A CA  1 
ATOM   1078 C  C   . VAL A 1 136 ? 0.728   -11.532 20.528  1.00 51.97  ? 175 VAL A C   1 
ATOM   1079 O  O   . VAL A 1 136 ? 1.783   -12.199 20.398  1.00 50.21  ? 175 VAL A O   1 
ATOM   1080 C  CB  . VAL A 1 136 ? -0.511  -10.643 18.477  1.00 53.35  ? 175 VAL A CB  1 
ATOM   1081 C  CG1 . VAL A 1 136 ? -0.850  -9.429  17.622  1.00 56.44  ? 175 VAL A CG1 1 
ATOM   1082 C  CG2 . VAL A 1 136 ? -0.031  -11.760 17.559  1.00 50.59  ? 175 VAL A CG2 1 
ATOM   1083 N  N   . GLY A 1 137 ? -0.224  -11.837 21.411  1.00 62.20  ? 176 GLY A N   1 
ATOM   1084 C  CA  . GLY A 1 137 ? -0.225  -13.084 22.204  1.00 75.18  ? 176 GLY A CA  1 
ATOM   1085 C  C   . GLY A 1 137 ? 0.723   -13.028 23.391  1.00 83.19  ? 176 GLY A C   1 
ATOM   1086 O  O   . GLY A 1 137 ? 0.303   -13.440 24.498  1.00 93.99  ? 176 GLY A O   1 
ATOM   1087 N  N   . GLY A 1 138 ? 1.966   -12.580 23.161  1.00 80.97  ? 177 GLY A N   1 
ATOM   1088 C  CA  . GLY A 1 138 ? 2.917   -12.175 24.214  1.00 78.46  ? 177 GLY A CA  1 
ATOM   1089 C  C   . GLY A 1 138 ? 2.241   -11.239 25.212  1.00 79.44  ? 177 GLY A C   1 
ATOM   1090 O  O   . GLY A 1 138 ? 1.144   -10.740 24.963  1.00 75.48  ? 177 GLY A O   1 
ATOM   1091 N  N   . PRO A 1 139 ? 2.859   -10.987 26.383  1.00 89.26  ? 178 PRO A N   1 
ATOM   1092 C  CA  . PRO A 1 139 ? 2.260   -10.107 27.385  1.00 87.69  ? 178 PRO A CA  1 
ATOM   1093 C  C   . PRO A 1 139 ? 2.423   -8.651  26.927  1.00 90.51  ? 178 PRO A C   1 
ATOM   1094 O  O   . PRO A 1 139 ? 1.443   -7.906  26.955  1.00 79.80  ? 178 PRO A O   1 
ATOM   1095 C  CB  . PRO A 1 139 ? 3.061   -10.419 28.657  1.00 92.77  ? 178 PRO A CB  1 
ATOM   1096 C  CG  . PRO A 1 139 ? 4.416   -10.908 28.155  1.00 91.66  ? 178 PRO A CG  1 
ATOM   1097 C  CD  . PRO A 1 139 ? 4.176   -11.511 26.783  1.00 90.84  ? 178 PRO A CD  1 
ATOM   1098 N  N   . GLN A 1 140 ? 3.648   -8.323  26.487  1.00 89.83  ? 179 GLN A N   1 
ATOM   1099 C  CA  . GLN A 1 140 ? 4.094   -6.998  25.980  1.00 87.95  ? 179 GLN A CA  1 
ATOM   1100 C  C   . GLN A 1 140 ? 3.744   -6.903  24.487  1.00 73.96  ? 179 GLN A C   1 
ATOM   1101 O  O   . GLN A 1 140 ? 4.535   -7.360  23.637  1.00 64.31  ? 179 GLN A O   1 
ATOM   1102 C  CB  . GLN A 1 140 ? 5.591   -6.793  26.263  1.00 93.66  ? 179 GLN A CB  1 
ATOM   1103 C  CG  . GLN A 1 140 ? 6.520   -7.686  25.439  1.00 102.28 ? 179 GLN A CG  1 
ATOM   1104 C  CD  . GLN A 1 140 ? 7.818   -8.024  26.135  1.00 107.06 ? 179 GLN A CD  1 
ATOM   1105 O  OE1 . GLN A 1 140 ? 8.589   -7.145  26.522  1.00 106.07 ? 179 GLN A OE1 1 
ATOM   1106 N  NE2 . GLN A 1 140 ? 8.080   -9.316  26.277  1.00 107.17 ? 179 GLN A NE2 1 
ATOM   1107 N  N   . ARG A 1 141 ? 2.575   -6.340  24.189  1.00 57.25  ? 180 ARG A N   1 
ATOM   1108 C  CA  . ARG A 1 141 ? 2.202   -5.858  22.832  1.00 56.85  ? 180 ARG A CA  1 
ATOM   1109 C  C   . ARG A 1 141 ? 3.275   -4.879  22.325  1.00 53.87  ? 180 ARG A C   1 
ATOM   1110 O  O   . ARG A 1 141 ? 3.824   -4.131  23.160  1.00 44.89  ? 180 ARG A O   1 
ATOM   1111 C  CB  . ARG A 1 141 ? 0.812   -5.229  22.930  1.00 60.47  ? 180 ARG A CB  1 
ATOM   1112 C  CG  . ARG A 1 141 ? 0.372   -4.469  21.688  1.00 70.71  ? 180 ARG A CG  1 
ATOM   1113 C  CD  . ARG A 1 141 ? -1.089  -4.700  21.382  1.00 73.40  ? 180 ARG A CD  1 
ATOM   1114 N  NE  . ARG A 1 141 ? -1.249  -6.039  20.837  1.00 78.99  ? 180 ARG A NE  1 
ATOM   1115 C  CZ  . ARG A 1 141 ? -2.408  -6.655  20.664  1.00 85.07  ? 180 ARG A CZ  1 
ATOM   1116 N  NH1 . ARG A 1 141 ? -2.433  -7.871  20.150  1.00 83.51  ? 180 ARG A NH1 1 
ATOM   1117 N  NH2 . ARG A 1 141 ? -3.539  -6.067  21.012  1.00 96.78  ? 180 ARG A NH2 1 
ATOM   1118 N  N   . MET A 1 142 ? 3.610   -4.904  21.021  1.00 46.84  ? 181 MET A N   1 
ATOM   1119 C  CA  . MET A 1 142 ? 4.561   -3.938  20.403  1.00 43.27  ? 181 MET A CA  1 
ATOM   1120 C  C   . MET A 1 142 ? 4.173   -3.730  18.938  1.00 42.41  ? 181 MET A C   1 
ATOM   1121 O  O   . MET A 1 142 ? 3.639   -4.670  18.310  1.00 34.73  ? 181 MET A O   1 
ATOM   1122 C  CB  . MET A 1 142 ? 6.026   -4.381  20.490  1.00 44.56  ? 181 MET A CB  1 
ATOM   1123 C  CG  . MET A 1 142 ? 7.053   -3.338  19.973  1.00 46.84  ? 181 MET A CG  1 
ATOM   1124 S  SD  . MET A 1 142 ? 6.874   -1.637  20.645  1.00 47.85  ? 181 MET A SD  1 
ATOM   1125 C  CE  . MET A 1 142 ? 8.131   -0.822  19.662  1.00 55.44  ? 181 MET A CE  1 
ATOM   1126 N  N   . ILE A 1 143 ? 4.379   -2.512  18.442  1.00 37.91  ? 182 ILE A N   1 
ATOM   1127 C  CA  . ILE A 1 143 ? 4.073   -2.143  17.029  1.00 36.79  ? 182 ILE A CA  1 
ATOM   1128 C  C   . ILE A 1 143 ? 5.317   -1.489  16.453  1.00 40.38  ? 182 ILE A C   1 
ATOM   1129 O  O   . ILE A 1 143 ? 5.827   -0.525  17.108  1.00 36.62  ? 182 ILE A O   1 
ATOM   1130 C  CB  . ILE A 1 143 ? 2.856   -1.220  16.913  1.00 39.01  ? 182 ILE A CB  1 
ATOM   1131 C  CG1 . ILE A 1 143 ? 1.614   -1.928  17.431  1.00 37.86  ? 182 ILE A CG1 1 
ATOM   1132 C  CG2 . ILE A 1 143 ? 2.715   -0.716  15.470  1.00 40.41  ? 182 ILE A CG2 1 
ATOM   1133 C  CD1 . ILE A 1 143 ? 0.463   -1.036  17.687  1.00 43.20  ? 182 ILE A CD1 1 
ATOM   1134 N  N   . THR A 1 144 ? 5.763   -1.979  15.295  1.00 35.49  ? 183 THR A N   1 
ATOM   1135 C  CA  . THR A 1 144 ? 6.760   -1.297  14.432  1.00 38.92  ? 183 THR A CA  1 
ATOM   1136 C  C   . THR A 1 144 ? 6.064   -0.912  13.121  1.00 40.28  ? 183 THR A C   1 
ATOM   1137 O  O   . THR A 1 144 ? 5.364   -1.772  12.542  1.00 35.73  ? 183 THR A O   1 
ATOM   1138 C  CB  . THR A 1 144 ? 8.005   -2.154  14.248  1.00 41.44  ? 183 THR A CB  1 
ATOM   1139 O  OG1 . THR A 1 144 ? 7.682   -3.303  13.475  1.00 65.67  ? 183 THR A OG1 1 
ATOM   1140 C  CG2 . THR A 1 144 ? 8.564   -2.652  15.556  1.00 39.56  ? 183 THR A CG2 1 
ATOM   1141 N  N   . SER A 1 145 ? 6.208   0.343   12.711  1.00 37.45  ? 184 SER A N   1 
ATOM   1142 C  CA  . SER A 1 145 ? 5.569   0.844   11.469  1.00 35.72  ? 184 SER A CA  1 
ATOM   1143 C  C   . SER A 1 145 ? 6.648   1.168   10.458  1.00 40.15  ? 184 SER A C   1 
ATOM   1144 O  O   . SER A 1 145 ? 7.802   1.510   10.809  1.00 38.18  ? 184 SER A O   1 
ATOM   1145 C  CB  . SER A 1 145 ? 4.680   1.973   11.737  1.00 36.12  ? 184 SER A CB  1 
ATOM   1146 O  OG  . SER A 1 145 ? 3.652   1.563   12.623  1.00 37.06  ? 184 SER A OG  1 
ATOM   1147 N  N   . HIS A 1 146 ? 6.312   1.022   9.200   1.00 30.48  ? 185 HIS A N   1 
ATOM   1148 C  CA  . HIS A 1 146 ? 7.245   1.288   8.097   1.00 31.50  ? 185 HIS A CA  1 
ATOM   1149 C  C   . HIS A 1 146 ? 6.452   1.767   6.883   1.00 29.76  ? 185 HIS A C   1 
ATOM   1150 O  O   . HIS A 1 146 ? 5.461   1.089   6.478   1.00 36.63  ? 185 HIS A O   1 
ATOM   1151 C  CB  . HIS A 1 146 ? 8.065   0.067   7.748   1.00 35.07  ? 185 HIS A CB  1 
ATOM   1152 C  CG  . HIS A 1 146 ? 9.299   0.429   7.008   1.00 39.80  ? 185 HIS A CG  1 
ATOM   1153 N  ND1 . HIS A 1 146 ? 9.326   0.581   5.636   1.00 43.36  ? 185 HIS A ND1 1 
ATOM   1154 C  CD2 . HIS A 1 146 ? 10.529  0.751   7.458   1.00 39.46  ? 185 HIS A CD2 1 
ATOM   1155 C  CE1 . HIS A 1 146 ? 10.531  0.920   5.272   1.00 41.85  ? 185 HIS A CE1 1 
ATOM   1156 N  NE2 . HIS A 1 146 ? 11.282  1.030   6.364   1.00 45.18  ? 185 HIS A NE2 1 
ATOM   1157 N  N   A CYS A 1 147 ? 6.898   2.895   6.318   0.25 32.15  ? 186 CYS A N   1 
ATOM   1158 N  N   B CYS A 1 147 ? 6.829   2.898   6.295   0.25 29.37  ? 186 CYS A N   1 
ATOM   1159 C  CA  A CYS A 1 147 ? 6.352   3.554   5.100   0.25 30.24  ? 186 CYS A CA  1 
ATOM   1160 C  CA  B CYS A 1 147 ? 6.155   3.417   5.074   0.25 25.69  ? 186 CYS A CA  1 
ATOM   1161 C  C   A CYS A 1 147 ? 7.162   3.158   3.881   0.25 30.12  ? 186 CYS A C   1 
ATOM   1162 C  C   B CYS A 1 147 ? 7.122   3.352   3.892   0.25 26.77  ? 186 CYS A C   1 
ATOM   1163 O  O   A CYS A 1 147 ? 8.353   2.855   4.045   0.25 32.07  ? 186 CYS A O   1 
ATOM   1164 O  O   B CYS A 1 147 ? 8.346   3.430   4.091   0.25 27.87  ? 186 CYS A O   1 
ATOM   1165 C  CB  A CYS A 1 147 ? 6.485   5.063   5.173   0.25 33.93  ? 186 CYS A CB  1 
ATOM   1166 C  CB  B CYS A 1 147 ? 5.626   4.827   5.273   0.25 25.16  ? 186 CYS A CB  1 
ATOM   1167 S  SG  A CYS A 1 147 ? 5.512   5.776   6.507   0.25 30.86  ? 186 CYS A SG  1 
ATOM   1168 S  SG  B CYS A 1 147 ? 6.929   5.971   5.783   0.25 21.91  ? 186 CYS A SG  1 
ATOM   1169 N  N   . PHE A 1 148 ? 6.548   3.216   2.695   1.00 29.48  ? 187 PHE A N   1 
ATOM   1170 C  CA  . PHE A 1 148 ? 7.261   2.876   1.457   1.00 29.40  ? 187 PHE A CA  1 
ATOM   1171 C  C   . PHE A 1 148 ? 7.040   4.001   0.462   1.00 32.94  ? 187 PHE A C   1 
ATOM   1172 O  O   . PHE A 1 148 ? 6.140   3.921   -0.375  1.00 33.50  ? 187 PHE A O   1 
ATOM   1173 C  CB  . PHE A 1 148 ? 6.717   1.539   0.995   1.00 30.97  ? 187 PHE A CB  1 
ATOM   1174 C  CG  . PHE A 1 148 ? 6.943   0.410   1.961   1.00 29.81  ? 187 PHE A CG  1 
ATOM   1175 C  CD1 . PHE A 1 148 ? 8.157   -0.274  1.948   1.00 35.80  ? 187 PHE A CD1 1 
ATOM   1176 C  CD2 . PHE A 1 148 ? 5.967   0.061   2.885   1.00 32.81  ? 187 PHE A CD2 1 
ATOM   1177 C  CE1 . PHE A 1 148 ? 8.384   -1.317  2.847   1.00 36.60  ? 187 PHE A CE1 1 
ATOM   1178 C  CE2 . PHE A 1 148 ? 6.188   -1.002  3.759   1.00 36.57  ? 187 PHE A CE2 1 
ATOM   1179 C  CZ  . PHE A 1 148 ? 7.404   -1.666  3.751   1.00 34.56  ? 187 PHE A CZ  1 
ATOM   1180 N  N   . PRO A 1 149 ? 7.847   5.079   0.541   1.00 30.96  ? 188 PRO A N   1 
ATOM   1181 C  CA  . PRO A 1 149 ? 7.723   6.192   -0.391  1.00 30.26  ? 188 PRO A CA  1 
ATOM   1182 C  C   . PRO A 1 149 ? 7.785   5.772   -1.874  1.00 29.96  ? 188 PRO A C   1 
ATOM   1183 O  O   . PRO A 1 149 ? 7.132   6.419   -2.664  1.00 31.65  ? 188 PRO A O   1 
ATOM   1184 C  CB  . PRO A 1 149 ? 8.912   7.095   -0.021  1.00 34.56  ? 188 PRO A CB  1 
ATOM   1185 C  CG  . PRO A 1 149 ? 9.273   6.753   1.403   1.00 40.87  ? 188 PRO A CG  1 
ATOM   1186 C  CD  . PRO A 1 149 ? 8.802   5.328   1.628   1.00 34.39  ? 188 PRO A CD  1 
ATOM   1187 N  N   . GLU A 1 150 ? 8.570   4.738   -2.189  1.00 29.30  ? 189 GLU A N   1 
ATOM   1188 C  CA  . GLU A 1 150 ? 8.760   4.203   -3.565  1.00 31.21  ? 189 GLU A CA  1 
ATOM   1189 C  C   . GLU A 1 150 ? 7.419   3.737   -4.142  1.00 30.39  ? 189 GLU A C   1 
ATOM   1190 O  O   . GLU A 1 150 ? 7.333   3.556   -5.384  1.00 32.68  ? 189 GLU A O   1 
ATOM   1191 C  CB  . GLU A 1 150 ? 9.771   3.060   -3.516  1.00 36.87  ? 189 GLU A CB  1 
ATOM   1192 C  CG  . GLU A 1 150 ? 10.964  3.346   -2.589  1.00 44.08  ? 189 GLU A CG  1 
ATOM   1193 C  CD  . GLU A 1 150 ? 11.065  2.617   -1.241  1.00 45.23  ? 189 GLU A CD  1 
ATOM   1194 O  OE1 . GLU A 1 150 ? 12.159  2.019   -1.011  1.00 55.62  ? 189 GLU A OE1 1 
ATOM   1195 O  OE2 . GLU A 1 150 ? 10.100  2.632   -0.393  1.00 31.07  ? 189 GLU A OE2 1 
ATOM   1196 N  N   . THR A 1 151 ? 6.448   3.464   -3.274  1.00 28.79  ? 190 THR A N   1 
ATOM   1197 C  CA  . THR A 1 151 ? 5.174   2.783   -3.632  1.00 28.30  ? 190 THR A CA  1 
ATOM   1198 C  C   . THR A 1 151 ? 4.043   3.810   -3.679  1.00 27.68  ? 190 THR A C   1 
ATOM   1199 O  O   . THR A 1 151 ? 2.873   3.373   -3.797  1.00 31.54  ? 190 THR A O   1 
ATOM   1200 C  CB  . THR A 1 151 ? 4.866   1.595   -2.697  1.00 28.42  ? 190 THR A CB  1 
ATOM   1201 O  OG1 . THR A 1 151 ? 4.503   2.077   -1.406  1.00 28.36  ? 190 THR A OG1 1 
ATOM   1202 C  CG2 . THR A 1 151 ? 5.989   0.587   -2.626  1.00 31.49  ? 190 THR A CG2 1 
ATOM   1203 N  N   . GLN A 1 152 ? 4.337   5.122   -3.554  1.00 27.20  ? 191 GLN A N   1 
ATOM   1204 C  CA  . GLN A 1 152 ? 3.285   6.171   -3.617  1.00 27.53  ? 191 GLN A CA  1 
ATOM   1205 C  C   . GLN A 1 152 ? 2.460   6.061   -4.903  1.00 30.64  ? 191 GLN A C   1 
ATOM   1206 O  O   . GLN A 1 152 ? 3.019   5.716   -5.943  1.00 31.79  ? 191 GLN A O   1 
ATOM   1207 C  CB  . GLN A 1 152 ? 3.883   7.578   -3.537  1.00 32.28  ? 191 GLN A CB  1 
ATOM   1208 C  CG  . GLN A 1 152 ? 4.068   8.027   -2.099  1.00 35.86  ? 191 GLN A CG  1 
ATOM   1209 C  CD  . GLN A 1 152 ? 4.474   9.478   -2.033  1.00 41.90  ? 191 GLN A CD  1 
ATOM   1210 O  OE1 . GLN A 1 152 ? 4.502   10.165  -3.059  1.00 41.00  ? 191 GLN A OE1 1 
ATOM   1211 N  NE2 . GLN A 1 152 ? 4.870   9.938   -0.847  1.00 44.61  ? 191 GLN A NE2 1 
ATOM   1212 N  N   . PHE A 1 153 ? 1.178   6.354   -4.828  1.00 30.92  ? 192 PHE A N   1 
ATOM   1213 C  CA  . PHE A 1 153 ? 0.336   6.367   -6.046  1.00 29.89  ? 192 PHE A CA  1 
ATOM   1214 C  C   . PHE A 1 153 ? -0.860  7.274   -5.856  1.00 30.21  ? 192 PHE A C   1 
ATOM   1215 O  O   . PHE A 1 153 ? -1.261  7.595   -4.756  1.00 29.90  ? 192 PHE A O   1 
ATOM   1216 C  CB  . PHE A 1 153 ? -0.181  4.943   -6.350  1.00 30.05  ? 192 PHE A CB  1 
ATOM   1217 C  CG  . PHE A 1 153 ? -1.080  4.376   -5.285  1.00 27.52  ? 192 PHE A CG  1 
ATOM   1218 C  CD1 . PHE A 1 153 ? -2.446  4.627   -5.270  1.00 27.88  ? 192 PHE A CD1 1 
ATOM   1219 C  CD2 . PHE A 1 153 ? -0.562  3.594   -4.269  1.00 28.46  ? 192 PHE A CD2 1 
ATOM   1220 C  CE1 . PHE A 1 153 ? -3.265  4.136   -4.248  1.00 28.87  ? 192 PHE A CE1 1 
ATOM   1221 C  CE2 . PHE A 1 153 ? -1.382  3.088   -3.269  1.00 25.31  ? 192 PHE A CE2 1 
ATOM   1222 C  CZ  . PHE A 1 153 ? -2.745  3.321   -3.266  1.00 26.63  ? 192 PHE A CZ  1 
ATOM   1223 N  N   . ILE A 1 154 ? -1.483  7.649   -6.982  1.00 28.17  ? 193 ILE A N   1 
ATOM   1224 C  CA  . ILE A 1 154 ? -2.795  8.332   -6.962  1.00 28.84  ? 193 ILE A CA  1 
ATOM   1225 C  C   . ILE A 1 154 ? -3.858  7.291   -7.261  1.00 30.33  ? 193 ILE A C   1 
ATOM   1226 O  O   . ILE A 1 154 ? -3.607  6.515   -8.192  1.00 31.22  ? 193 ILE A O   1 
ATOM   1227 C  CB  . ILE A 1 154 ? -2.814  9.455   -8.011  1.00 32.23  ? 193 ILE A CB  1 
ATOM   1228 C  CG1 . ILE A 1 154 ? -1.644  10.412  -7.787  1.00 34.96  ? 193 ILE A CG1 1 
ATOM   1229 C  CG2 . ILE A 1 154 ? -4.166  10.165  -8.012  1.00 32.57  ? 193 ILE A CG2 1 
ATOM   1230 C  CD1 . ILE A 1 154 ? -1.556  11.521  -8.796  1.00 42.33  ? 193 ILE A CD1 1 
ATOM   1231 N  N   . ALA A 1 155 ? -4.929  7.275   -6.483  1.00 29.92  ? 194 ALA A N   1 
ATOM   1232 C  CA  . ALA A 1 155 ? -6.127  6.423   -6.655  1.00 29.57  ? 194 ALA A CA  1 
ATOM   1233 C  C   . ALA A 1 155 ? -6.945  7.005   -7.817  1.00 32.91  ? 194 ALA A C   1 
ATOM   1234 O  O   . ALA A 1 155 ? -7.225  8.224   -7.801  1.00 35.01  ? 194 ALA A O   1 
ATOM   1235 C  CB  . ALA A 1 155 ? -6.913  6.402   -5.354  1.00 31.80  ? 194 ALA A CB  1 
ATOM   1236 N  N   . VAL A 1 156 ? -7.231  6.185   -8.827  1.00 33.00  ? 195 VAL A N   1 
ATOM   1237 C  CA  . VAL A 1 156 ? -7.905  6.626   -10.089 1.00 31.80  ? 195 VAL A CA  1 
ATOM   1238 C  C   . VAL A 1 156 ? -8.993  5.607   -10.431 1.00 29.68  ? 195 VAL A C   1 
ATOM   1239 O  O   . VAL A 1 156 ? -8.877  4.457   -10.043 1.00 29.93  ? 195 VAL A O   1 
ATOM   1240 C  CB  . VAL A 1 156 ? -6.898  6.838   -11.240 1.00 31.81  ? 195 VAL A CB  1 
ATOM   1241 C  CG1 . VAL A 1 156 ? -5.863  7.912   -10.910 1.00 34.32  ? 195 VAL A CG1 1 
ATOM   1242 C  CG2 . VAL A 1 156 ? -6.226  5.542   -11.707 1.00 31.33  ? 195 VAL A CG2 1 
ATOM   1243 N  N   . THR A 1 157 ? -10.069 6.018   -11.102 1.00 33.78  ? 196 THR A N   1 
ATOM   1244 C  CA  . THR A 1 157 ? -11.076 5.030   -11.569 1.00 36.71  ? 196 THR A CA  1 
ATOM   1245 C  C   . THR A 1 157 ? -10.689 4.489   -12.960 1.00 34.12  ? 196 THR A C   1 
ATOM   1246 O  O   . THR A 1 157 ? -11.206 3.438   -13.292 1.00 32.43  ? 196 THR A O   1 
ATOM   1247 C  CB  . THR A 1 157 ? -12.478 5.642   -11.561 1.00 39.62  ? 196 THR A CB  1 
ATOM   1248 O  OG1 . THR A 1 157 ? -12.388 6.743   -12.452 1.00 38.26  ? 196 THR A OG1 1 
ATOM   1249 C  CG2 . THR A 1 157 ? -12.908 6.093   -10.184 1.00 38.02  ? 196 THR A CG2 1 
ATOM   1250 N  N   . ALA A 1 158 ? -9.781  5.144   -13.671 1.00 34.53  ? 197 ALA A N   1 
ATOM   1251 C  CA  . ALA A 1 158 ? -9.125  4.682   -14.927 1.00 36.35  ? 197 ALA A CA  1 
ATOM   1252 C  C   . ALA A 1 158 ? -7.762  5.353   -15.062 1.00 31.08  ? 197 ALA A C   1 
ATOM   1253 O  O   . ALA A 1 158 ? -7.625  6.498   -14.594 1.00 35.27  ? 197 ALA A O   1 
ATOM   1254 C  CB  . ALA A 1 158 ? -9.997  5.025   -16.107 1.00 37.54  ? 197 ALA A CB  1 
ATOM   1255 N  N   . TYR A 1 159 ? -6.809  4.723   -15.758 1.00 33.37  ? 198 TYR A N   1 
ATOM   1256 C  CA  . TYR A 1 159 ? -5.452  5.273   -15.927 1.00 31.01  ? 198 TYR A CA  1 
ATOM   1257 C  C   . TYR A 1 159 ? -5.509  6.559   -16.767 1.00 38.76  ? 198 TYR A C   1 
ATOM   1258 O  O   . TYR A 1 159 ? -6.208  6.673   -17.777 1.00 34.90  ? 198 TYR A O   1 
ATOM   1259 C  CB  . TYR A 1 159 ? -4.458  4.288   -16.530 1.00 36.72  ? 198 TYR A CB  1 
ATOM   1260 C  CG  . TYR A 1 159 ? -4.196  3.090   -15.668 1.00 35.96  ? 198 TYR A CG  1 
ATOM   1261 C  CD1 . TYR A 1 159 ? -3.793  3.238   -14.343 1.00 37.54  ? 198 TYR A CD1 1 
ATOM   1262 C  CD2 . TYR A 1 159 ? -4.445  1.815   -16.138 1.00 35.68  ? 198 TYR A CD2 1 
ATOM   1263 C  CE1 . TYR A 1 159 ? -3.599  2.146   -13.521 1.00 37.14  ? 198 TYR A CE1 1 
ATOM   1264 C  CE2 . TYR A 1 159 ? -4.279  0.709   -15.323 1.00 38.36  ? 198 TYR A CE2 1 
ATOM   1265 C  CZ  . TYR A 1 159 ? -3.827  0.875   -14.022 1.00 37.43  ? 198 TYR A CZ  1 
ATOM   1266 O  OH  . TYR A 1 159 ? -3.604  -0.207  -13.249 1.00 35.82  ? 198 TYR A OH  1 
ATOM   1267 N  N   . GLN A 1 160 ? -4.752  7.560   -16.342 1.00 34.25  ? 199 GLN A N   1 
ATOM   1268 C  CA  . GLN A 1 160 ? -4.633  8.862   -17.045 1.00 35.36  ? 199 GLN A CA  1 
ATOM   1269 C  C   . GLN A 1 160 ? -3.375  8.871   -17.891 1.00 37.81  ? 199 GLN A C   1 
ATOM   1270 O  O   . GLN A 1 160 ? -3.456  9.216   -19.075 1.00 36.00  ? 199 GLN A O   1 
ATOM   1271 C  CB  . GLN A 1 160 ? -4.673  9.978   -16.004 1.00 36.23  ? 199 GLN A CB  1 
ATOM   1272 C  CG  . GLN A 1 160 ? -5.946  9.945   -15.185 1.00 40.16  ? 199 GLN A CG  1 
ATOM   1273 C  CD  . GLN A 1 160 ? -7.150  10.184  -16.054 1.00 44.59  ? 199 GLN A CD  1 
ATOM   1274 O  OE1 . GLN A 1 160 ? -7.221  11.183  -16.764 1.00 52.33  ? 199 GLN A OE1 1 
ATOM   1275 N  NE2 . GLN A 1 160 ? -8.072  9.232   -16.037 1.00 45.51  ? 199 GLN A NE2 1 
ATOM   1276 N  N   . ASN A 1 161 ? -2.238  8.498   -17.303 1.00 31.92  ? 200 ASN A N   1 
ATOM   1277 C  CA  . ASN A 1 161 ? -0.957  8.523   -18.012 1.00 34.57  ? 200 ASN A CA  1 
ATOM   1278 C  C   . ASN A 1 161 ? -0.766  7.167   -18.717 1.00 33.49  ? 200 ASN A C   1 
ATOM   1279 O  O   . ASN A 1 161 ? -0.579  6.155   -18.055 1.00 31.74  ? 200 ASN A O   1 
ATOM   1280 C  CB  . ASN A 1 161 ? 0.128   8.898   -17.019 1.00 33.50  ? 200 ASN A CB  1 
ATOM   1281 C  CG  . ASN A 1 161 ? 1.513   8.875   -17.583 1.00 34.60  ? 200 ASN A CG  1 
ATOM   1282 O  OD1 . ASN A 1 161 ? 1.701   8.700   -18.779 1.00 34.46  ? 200 ASN A OD1 1 
ATOM   1283 N  ND2 . ASN A 1 161 ? 2.497   8.960   -16.695 1.00 34.10  ? 200 ASN A ND2 1 
ATOM   1284 N  N   . GLU A 1 162 ? -0.748  7.143   -20.048 1.00 35.01  ? 201 GLU A N   1 
ATOM   1285 C  CA  . GLU A 1 162 ? -0.621  5.853   -20.771 1.00 32.25  ? 201 GLU A CA  1 
ATOM   1286 C  C   . GLU A 1 162 ? 0.749   5.213   -20.476 1.00 31.34  ? 201 GLU A C   1 
ATOM   1287 O  O   . GLU A 1 162 ? 0.850   4.002   -20.620 1.00 33.31  ? 201 GLU A O   1 
ATOM   1288 C  CB  . GLU A 1 162 ? -0.849  6.094   -22.264 1.00 34.01  ? 201 GLU A CB  1 
ATOM   1289 C  CG  . GLU A 1 162 ? 0.338   6.777   -22.904 1.00 41.26  ? 201 GLU A CG  1 
ATOM   1290 C  CD  . GLU A 1 162 ? 0.181   7.384   -24.294 1.00 55.98  ? 201 GLU A CD  1 
ATOM   1291 O  OE1 . GLU A 1 162 ? 0.887   6.930   -25.243 1.00 47.76  ? 201 GLU A OE1 1 
ATOM   1292 O  OE2 . GLU A 1 162 ? -0.576  8.375   -24.418 1.00 84.89  ? 201 GLU A OE2 1 
ATOM   1293 N  N   . GLU A 1 163 ? 1.782   5.984   -20.105 1.00 31.54  ? 202 GLU A N   1 
ATOM   1294 C  CA  . GLU A 1 163 ? 3.099   5.418   -19.736 1.00 33.14  ? 202 GLU A CA  1 
ATOM   1295 C  C   . GLU A 1 163 ? 2.906   4.429   -18.573 1.00 29.16  ? 202 GLU A C   1 
ATOM   1296 O  O   . GLU A 1 163 ? 3.626   3.447   -18.527 1.00 32.03  ? 202 GLU A O   1 
ATOM   1297 C  CB  . GLU A 1 163 ? 4.107   6.506   -19.352 1.00 33.97  ? 202 GLU A CB  1 
ATOM   1298 C  CG  . GLU A 1 163 ? 4.495   7.467   -20.460 1.00 38.90  ? 202 GLU A CG  1 
ATOM   1299 C  CD  . GLU A 1 163 ? 5.188   8.703   -19.894 1.00 46.63  ? 202 GLU A CD  1 
ATOM   1300 O  OE1 . GLU A 1 163 ? 5.972   9.317   -20.625 1.00 55.97  ? 202 GLU A OE1 1 
ATOM   1301 O  OE2 . GLU A 1 163 ? 4.945   9.034   -18.695 1.00 49.60  ? 202 GLU A OE2 1 
ATOM   1302 N  N   . ILE A 1 164 ? 2.035   4.742   -17.602 1.00 30.56  ? 203 ILE A N   1 
ATOM   1303 C  CA  . ILE A 1 164 ? 1.685   3.851   -16.459 1.00 31.02  ? 203 ILE A CA  1 
ATOM   1304 C  C   . ILE A 1 164 ? 0.988   2.603   -16.991 1.00 31.97  ? 203 ILE A C   1 
ATOM   1305 O  O   . ILE A 1 164 ? 1.361   1.513   -16.613 1.00 29.47  ? 203 ILE A O   1 
ATOM   1306 C  CB  . ILE A 1 164 ? 0.843   4.604   -15.406 1.00 29.83  ? 203 ILE A CB  1 
ATOM   1307 C  CG1 . ILE A 1 164 ? 1.711   5.648   -14.702 1.00 33.66  ? 203 ILE A CG1 1 
ATOM   1308 C  CG2 . ILE A 1 164 ? 0.166   3.663   -14.425 1.00 33.85  ? 203 ILE A CG2 1 
ATOM   1309 C  CD1 . ILE A 1 164 ? 2.855   5.059   -13.864 1.00 35.90  ? 203 ILE A CD1 1 
ATOM   1310 N  N   . THR A 1 165 ? 0.014   2.761   -17.882 1.00 30.86  ? 204 THR A N   1 
ATOM   1311 C  CA  . THR A 1 165 ? -0.732  1.623   -18.440 1.00 31.41  ? 204 THR A CA  1 
ATOM   1312 C  C   . THR A 1 165 ? 0.250   0.655   -19.093 1.00 29.25  ? 204 THR A C   1 
ATOM   1313 O  O   . THR A 1 165 ? 0.186   -0.533  -18.825 1.00 32.11  ? 204 THR A O   1 
ATOM   1314 C  CB  . THR A 1 165 ? -1.781  2.133   -19.423 1.00 33.51  ? 204 THR A CB  1 
ATOM   1315 O  OG1 . THR A 1 165 ? -2.409  3.233   -18.756 1.00 33.44  ? 204 THR A OG1 1 
ATOM   1316 C  CG2 . THR A 1 165 ? -2.740  1.040   -19.848 1.00 33.05  ? 204 THR A CG2 1 
ATOM   1317 N  N   . ALA A 1 166 ? 1.175   1.191   -19.852 1.00 32.53  ? 205 ALA A N   1 
ATOM   1318 C  CA  . ALA A 1 166 ? 2.156   0.387   -20.618 1.00 31.52  ? 205 ALA A CA  1 
ATOM   1319 C  C   . ALA A 1 166 ? 3.073   -0.351  -19.638 1.00 34.64  ? 205 ALA A C   1 
ATOM   1320 O  O   . ALA A 1 166 ? 3.451   -1.512  -19.893 1.00 31.53  ? 205 ALA A O   1 
ATOM   1321 C  CB  . ALA A 1 166 ? 2.893   1.277   -21.542 1.00 34.84  ? 205 ALA A CB  1 
ATOM   1322 N  N   . LEU A 1 167 ? 3.504   0.308   -18.559 1.00 33.69  ? 206 LEU A N   1 
ATOM   1323 C  CA  . LEU A 1 167 ? 4.414   -0.365  -17.607 1.00 34.11  ? 206 LEU A CA  1 
ATOM   1324 C  C   . LEU A 1 167 ? 3.660   -1.472  -16.866 1.00 31.15  ? 206 LEU A C   1 
ATOM   1325 O  O   . LEU A 1 167 ? 4.313   -2.487  -16.592 1.00 34.94  ? 206 LEU A O   1 
ATOM   1326 C  CB  . LEU A 1 167 ? 4.930   0.636   -16.564 1.00 36.29  ? 206 LEU A CB  1 
ATOM   1327 C  CG  . LEU A 1 167 ? 6.348   1.179   -16.662 1.00 46.73  ? 206 LEU A CG  1 
ATOM   1328 C  CD1 . LEU A 1 167 ? 6.819   1.527   -15.244 1.00 41.17  ? 206 LEU A CD1 1 
ATOM   1329 C  CD2 . LEU A 1 167 ? 7.334   0.234   -17.351 1.00 46.60  ? 206 LEU A CD2 1 
ATOM   1330 N  N   . LYS A 1 168 ? 2.398   -1.223  -16.485 1.00 30.44  ? 207 LYS A N   1 
ATOM   1331 C  CA  . LYS A 1 168 ? 1.520   -2.176  -15.755 1.00 31.18  ? 207 LYS A CA  1 
ATOM   1332 C  C   . LYS A 1 168 ? 1.444   -3.450  -16.619 1.00 37.89  ? 207 LYS A C   1 
ATOM   1333 O  O   . LYS A 1 168 ? 1.665   -4.573  -16.121 1.00 38.42  ? 207 LYS A O   1 
ATOM   1334 C  CB  . LYS A 1 168 ? 0.115   -1.624  -15.524 1.00 32.37  ? 207 LYS A CB  1 
ATOM   1335 C  CG  . LYS A 1 168 ? 0.013   -0.380  -14.647 1.00 35.67  ? 207 LYS A CG  1 
ATOM   1336 C  CD  . LYS A 1 168 ? -0.165  -0.662  -13.202 1.00 33.94  ? 207 LYS A CD  1 
ATOM   1337 C  CE  . LYS A 1 168 ? -0.335  0.607   -12.383 1.00 32.64  ? 207 LYS A CE  1 
ATOM   1338 N  NZ  . LYS A 1 168 ? -0.993  0.320   -11.100 1.00 37.97  ? 207 LYS A NZ  1 
ATOM   1339 N  N   . ILE A 1 169 ? 1.236   -3.275  -17.914 1.00 32.99  ? 208 ILE A N   1 
ATOM   1340 C  CA  . ILE A 1 169 ? 1.061   -4.452  -18.814 1.00 32.69  ? 208 ILE A CA  1 
ATOM   1341 C  C   . ILE A 1 169 ? 2.431   -5.123  -19.007 1.00 32.70  ? 208 ILE A C   1 
ATOM   1342 O  O   . ILE A 1 169 ? 2.512   -6.357  -18.948 1.00 32.84  ? 208 ILE A O   1 
ATOM   1343 C  CB  . ILE A 1 169 ? 0.383   -4.044  -20.143 1.00 31.54  ? 208 ILE A CB  1 
ATOM   1344 C  CG1 . ILE A 1 169 ? -1.052  -3.590  -19.916 1.00 29.18  ? 208 ILE A CG1 1 
ATOM   1345 C  CG2 . ILE A 1 169 ? 0.418   -5.213  -21.129 1.00 31.54  ? 208 ILE A CG2 1 
ATOM   1346 C  CD1 . ILE A 1 169 ? -1.627  -2.766  -21.048 1.00 30.96  ? 208 ILE A CD1 1 
ATOM   1347 N  N   . LYS A 1 170 ? 3.495   -4.353  -19.208 1.00 33.02  ? 209 LYS A N   1 
ATOM   1348 C  CA  . LYS A 1 170 ? 4.825   -4.932  -19.552 1.00 34.38  ? 209 LYS A CA  1 
ATOM   1349 C  C   . LYS A 1 170 ? 5.249   -5.915  -18.449 1.00 35.03  ? 209 LYS A C   1 
ATOM   1350 O  O   . LYS A 1 170 ? 5.858   -6.973  -18.782 1.00 37.75  ? 209 LYS A O   1 
ATOM   1351 C  CB  . LYS A 1 170 ? 5.869   -3.829  -19.769 1.00 36.79  ? 209 LYS A CB  1 
ATOM   1352 C  CG  . LYS A 1 170 ? 7.159   -4.258  -20.462 1.00 41.95  ? 209 LYS A CG  1 
ATOM   1353 C  CD  . LYS A 1 170 ? 8.061   -3.055  -20.843 1.00 43.37  ? 209 LYS A CD  1 
ATOM   1354 C  CE  . LYS A 1 170 ? 9.290   -3.406  -21.661 1.00 51.94  ? 209 LYS A CE  1 
ATOM   1355 N  NZ  . LYS A 1 170 ? 10.331  -4.082  -20.853 1.00 54.55  ? 209 LYS A NZ  1 
ATOM   1356 N  N   . TYR A 1 171 ? 5.000   -5.571  -17.185 1.00 36.32  ? 210 TYR A N   1 
ATOM   1357 C  CA  . TYR A 1 171 ? 5.538   -6.297  -16.013 1.00 39.20  ? 210 TYR A CA  1 
ATOM   1358 C  C   . TYR A 1 171 ? 4.502   -7.211  -15.364 1.00 38.97  ? 210 TYR A C   1 
ATOM   1359 O  O   . TYR A 1 171 ? 4.853   -7.928  -14.409 1.00 42.23  ? 210 TYR A O   1 
ATOM   1360 C  CB  . TYR A 1 171 ? 6.198   -5.298  -15.061 1.00 40.81  ? 210 TYR A CB  1 
ATOM   1361 C  CG  . TYR A 1 171 ? 7.461   -4.790  -15.697 1.00 38.90  ? 210 TYR A CG  1 
ATOM   1362 C  CD1 . TYR A 1 171 ? 8.559   -5.627  -15.817 1.00 48.06  ? 210 TYR A CD1 1 
ATOM   1363 C  CD2 . TYR A 1 171 ? 7.527   -3.541  -16.293 1.00 42.33  ? 210 TYR A CD2 1 
ATOM   1364 C  CE1 . TYR A 1 171 ? 9.709   -5.213  -16.472 1.00 48.46  ? 210 TYR A CE1 1 
ATOM   1365 C  CE2 . TYR A 1 171 ? 8.660   -3.115  -16.968 1.00 45.79  ? 210 TYR A CE2 1 
ATOM   1366 C  CZ  . TYR A 1 171 ? 9.756   -3.957  -17.048 1.00 52.19  ? 210 TYR A CZ  1 
ATOM   1367 O  OH  . TYR A 1 171 ? 10.882  -3.546  -17.695 1.00 56.52  ? 210 TYR A OH  1 
ATOM   1368 N  N   . ASN A 1 172 ? 3.263   -7.232  -15.836 1.00 39.50  ? 211 ASN A N   1 
ATOM   1369 C  CA  . ASN A 1 172 ? 2.252   -8.103  -15.200 1.00 41.83  ? 211 ASN A CA  1 
ATOM   1370 C  C   . ASN A 1 172 ? 2.298   -9.459  -15.917 1.00 52.16  ? 211 ASN A C   1 
ATOM   1371 O  O   . ASN A 1 172 ? 2.944   -9.578  -16.962 1.00 50.76  ? 211 ASN A O   1 
ATOM   1372 C  CB  . ASN A 1 172 ? 0.891   -7.414  -15.091 1.00 46.35  ? 211 ASN A CB  1 
ATOM   1373 C  CG  . ASN A 1 172 ? 0.065   -7.402  -16.370 1.00 49.19  ? 211 ASN A CG  1 
ATOM   1374 O  OD1 . ASN A 1 172 ? -1.001  -6.785  -16.403 1.00 49.21  ? 211 ASN A OD1 1 
ATOM   1375 N  ND2 . ASN A 1 172 ? 0.550   -8.050  -17.413 1.00 41.21  ? 211 ASN A ND2 1 
HETATM 1376 CD CD  . CD  B 2 .   ? 5.707   8.208   5.772   0.50 28.72  ? 301 CD  A CD  1 
HETATM 1377 CD CD  . CD  C 2 .   ? 6.592   9.838   2.666   1.00 30.89  ? 302 CD  A CD  1 
HETATM 1378 CD CD  . CD  D 2 .   ? -13.424 -0.098  6.454   1.00 55.77  ? 303 CD  A CD  1 
HETATM 1379 CD CD  . CD  E 2 .   ? -1.398  21.931  0.960   1.00 39.35  ? 304 CD  A CD  1 
HETATM 1380 CD CD  . CD  F 2 .   ? -11.923 0.721   9.836   1.00 55.49  ? 305 CD  A CD  1 
HETATM 1381 N  N1  . NZ1 G 3 .   ? -12.258 13.685  3.774   0.66 69.78  ? 306 NZ1 A N1  1 
HETATM 1382 C  C4  . NZ1 G 3 .   ? -13.062 9.380   1.159   0.66 61.97  ? 306 NZ1 A C4  1 
HETATM 1383 C  C5  . NZ1 G 3 .   ? -12.628 10.504  1.856   0.66 61.79  ? 306 NZ1 A C5  1 
HETATM 1384 C  C6  . NZ1 G 3 .   ? -12.137 12.537  3.109   0.66 66.41  ? 306 NZ1 A C6  1 
HETATM 1385 C  C7  . NZ1 G 3 .   ? -11.514 10.451  2.708   0.66 62.33  ? 306 NZ1 A C7  1 
HETATM 1386 C  C8  . NZ1 G 3 .   ? -10.826 9.251   2.873   0.66 61.56  ? 306 NZ1 A C8  1 
HETATM 1387 C  C1  . NZ1 G 3 .   ? -9.567  6.815   3.253   0.66 54.02  ? 306 NZ1 A C1  1 
HETATM 1388 C  C2  . NZ1 G 3 .   ? -11.267 8.129   2.177   0.66 60.45  ? 306 NZ1 A C2  1 
HETATM 1389 C  C3  . NZ1 G 3 .   ? -12.376 8.192   1.329   0.66 61.05  ? 306 NZ1 A C3  1 
HETATM 1390 N  N2  . NZ1 G 3 .   ? -11.195 11.654  3.333   0.66 64.47  ? 306 NZ1 A N2  1 
HETATM 1391 O  O1  . NZ1 G 3 .   ? -10.620 6.929   2.299   0.66 57.08  ? 306 NZ1 A O1  1 
HETATM 1392 S  S1  . NZ1 G 3 .   ? -13.285 12.115  1.847   0.66 64.01  ? 306 NZ1 A S1  1 
HETATM 1393 O  O   . HOH H 4 .   ? -7.291  -10.952 1.942   1.00 39.80  ? 401 HOH A O   1 
HETATM 1394 O  O   . HOH H 4 .   ? 13.657  -12.676 6.383   1.00 60.57  ? 402 HOH A O   1 
HETATM 1395 O  O   . HOH H 4 .   ? 9.963   -8.693  18.202  1.00 44.39  ? 403 HOH A O   1 
HETATM 1396 O  O   . HOH H 4 .   ? 5.727   3.293   -20.037 1.00 40.53  ? 404 HOH A O   1 
HETATM 1397 O  O   . HOH H 4 .   ? 2.523   -17.274 2.903   1.00 45.11  ? 405 HOH A O   1 
HETATM 1398 O  O   . HOH H 4 .   ? 10.543  4.520   5.000   1.00 49.18  ? 406 HOH A O   1 
HETATM 1399 O  O   . HOH H 4 .   ? -4.812  3.512   9.441   1.00 43.48  ? 407 HOH A O   1 
HETATM 1400 O  O   . HOH H 4 .   ? 9.457   3.495   11.302  1.00 44.78  ? 408 HOH A O   1 
HETATM 1401 O  O   . HOH H 4 .   ? -3.989  13.605  -2.116  1.00 33.72  ? 409 HOH A O   1 
HETATM 1402 O  O   . HOH H 4 .   ? -16.703 0.334   -10.035 1.00 56.63  ? 410 HOH A O   1 
HETATM 1403 O  O   . HOH H 4 .   ? 6.125   2.018   16.403  1.00 43.16  ? 411 HOH A O   1 
HETATM 1404 O  O   . HOH H 4 .   ? 0.747   9.111   -14.025 1.00 32.53  ? 412 HOH A O   1 
HETATM 1405 O  O   . HOH H 4 .   ? 3.556   -14.133 4.227   1.00 39.61  ? 413 HOH A O   1 
HETATM 1406 O  O   . HOH H 4 .   ? -5.695  -1.275  -7.274  1.00 36.69  ? 414 HOH A O   1 
HETATM 1407 O  O   . HOH H 4 .   ? -10.550 2.870   4.147   1.00 38.70  ? 415 HOH A O   1 
HETATM 1408 O  O   . HOH H 4 .   ? -13.561 7.665   -2.688  1.00 61.41  ? 416 HOH A O   1 
HETATM 1409 O  O   . HOH H 4 .   ? 2.248   14.721  -1.936  1.00 35.35  ? 417 HOH A O   1 
HETATM 1410 O  O   . HOH H 4 .   ? -2.492  -18.042 11.240  0.50 37.83  ? 418 HOH A O   1 
HETATM 1411 O  O   . HOH H 4 .   ? 6.366   -6.631  -6.168  1.00 46.37  ? 419 HOH A O   1 
HETATM 1412 O  O   . HOH H 4 .   ? -9.078  -6.127  0.611   1.00 38.45  ? 420 HOH A O   1 
HETATM 1413 O  O   . HOH H 4 .   ? 7.153   -5.140  -3.825  1.00 35.29  ? 421 HOH A O   1 
HETATM 1414 O  O   . HOH H 4 .   ? 7.431   -7.984  -20.786 1.00 36.95  ? 422 HOH A O   1 
HETATM 1415 O  O   . HOH H 4 .   ? -3.380  -6.384  -4.164  1.00 33.05  ? 423 HOH A O   1 
HETATM 1416 O  O   . HOH H 4 .   ? 3.111   -13.480 1.593   1.00 38.17  ? 424 HOH A O   1 
HETATM 1417 O  O   . HOH H 4 .   ? -10.861 1.572   -15.356 1.00 54.08  ? 425 HOH A O   1 
HETATM 1418 O  O   . HOH H 4 .   ? 5.086   4.000   -7.009  1.00 29.59  ? 426 HOH A O   1 
HETATM 1419 O  O   . HOH H 4 .   ? -1.373  9.510   -21.440 1.00 43.54  ? 427 HOH A O   1 
HETATM 1420 O  O   . HOH H 4 .   ? 10.516  -11.518 4.971   1.00 42.76  ? 428 HOH A O   1 
HETATM 1421 O  O   . HOH H 4 .   ? 6.435   -14.765 4.672   1.00 40.88  ? 429 HOH A O   1 
HETATM 1422 O  O   . HOH H 4 .   ? 4.101   7.759   -7.590  1.00 35.38  ? 430 HOH A O   1 
HETATM 1423 O  O   . HOH H 4 .   ? 2.421   14.269  -13.896 1.00 41.63  ? 431 HOH A O   1 
HETATM 1424 O  O   . HOH H 4 .   ? -0.211  -4.894  -2.629  1.00 31.60  ? 432 HOH A O   1 
HETATM 1425 O  O   . HOH H 4 .   ? 10.004  -6.817  -20.074 1.00 44.71  ? 433 HOH A O   1 
HETATM 1426 O  O   . HOH H 4 .   ? 7.711   2.092   14.435  1.00 40.83  ? 434 HOH A O   1 
HETATM 1427 O  O   . HOH H 4 .   ? 14.438  -4.958  -4.528  1.00 64.05  ? 435 HOH A O   1 
HETATM 1428 O  O   . HOH H 4 .   ? -7.773  2.345   -17.082 1.00 40.78  ? 436 HOH A O   1 
HETATM 1429 O  O   . HOH H 4 .   ? -2.668  -10.056 0.644   1.00 30.30  ? 437 HOH A O   1 
HETATM 1430 O  O   . HOH H 4 .   ? 6.552   -4.879  16.630  1.00 46.98  ? 438 HOH A O   1 
HETATM 1431 O  O   . HOH H 4 .   ? -10.579 -11.830 -8.632  1.00 57.17  ? 439 HOH A O   1 
HETATM 1432 O  O   . HOH H 4 .   ? 11.103  7.219   -3.691  1.00 47.73  ? 440 HOH A O   1 
HETATM 1433 O  O   . HOH H 4 .   ? 3.508   7.231   9.268   1.00 29.81  ? 441 HOH A O   1 
HETATM 1434 O  O   . HOH H 4 .   ? 13.857  -1.059  8.871   1.00 47.74  ? 442 HOH A O   1 
HETATM 1435 O  O   . HOH H 4 .   ? -9.023  -7.334  -8.662  1.00 37.58  ? 443 HOH A O   1 
HETATM 1436 O  O   . HOH H 4 .   ? -1.556  -12.581 0.622   1.00 42.62  ? 444 HOH A O   1 
HETATM 1437 O  O   . HOH H 4 .   ? -0.999  18.720  2.184   1.00 41.39  ? 445 HOH A O   1 
HETATM 1438 O  O   . HOH H 4 .   ? -8.342  -14.553 -4.460  1.00 45.64  ? 446 HOH A O   1 
HETATM 1439 O  O   . HOH H 4 .   ? -4.437  -17.172 9.494   1.00 38.77  ? 447 HOH A O   1 
HETATM 1440 O  O   . HOH H 4 .   ? -10.300 9.015   -11.713 1.00 41.92  ? 448 HOH A O   1 
HETATM 1441 O  O   . HOH H 4 .   ? 4.336   -7.273  -8.206  1.00 40.12  ? 449 HOH A O   1 
HETATM 1442 O  O   . HOH H 4 .   ? 15.402  -3.951  -6.919  1.00 44.32  ? 450 HOH A O   1 
HETATM 1443 O  O   . HOH H 4 .   ? -9.778  -0.579  10.129  1.00 35.13  ? 451 HOH A O   1 
HETATM 1444 O  O   . HOH H 4 .   ? -7.251  20.372  -3.658  1.00 36.13  ? 452 HOH A O   1 
HETATM 1445 O  O   . HOH H 4 .   ? 3.714   7.868   6.393   0.50 26.32  ? 453 HOH A O   1 
HETATM 1446 O  O   . HOH H 4 .   ? -12.926 0.522   4.123   1.00 33.99  ? 454 HOH A O   1 
HETATM 1447 O  O   . HOH H 4 .   ? -11.919 -2.580  5.741   1.00 53.25  ? 455 HOH A O   1 
HETATM 1448 O  O   . HOH H 4 .   ? 9.230   4.424   8.207   1.00 27.38  ? 456 HOH A O   1 
HETATM 1449 O  O   . HOH H 4 .   ? 0.781   -14.156 0.614   1.00 42.35  ? 457 HOH A O   1 
HETATM 1450 O  O   . HOH H 4 .   ? 5.197   11.786  2.119   1.00 23.86  ? 458 HOH A O   1 
HETATM 1451 O  O   . HOH H 4 .   ? 0.474   20.438  0.754   1.00 30.33  ? 459 HOH A O   1 
HETATM 1452 O  O   . HOH H 4 .   ? -1.163  24.249  0.365   1.00 26.07  ? 460 HOH A O   1 
HETATM 1453 O  O   . HOH H 4 .   ? -2.994  -1.612  -17.479 1.00 58.79  ? 461 HOH A O   1 
HETATM 1454 O  O   . HOH H 4 .   ? -2.432  21.750  3.009   1.00 34.80  ? 462 HOH A O   1 
HETATM 1455 O  O   . HOH H 4 .   ? 6.469   0.581   -20.851 1.00 45.70  ? 463 HOH A O   1 
HETATM 1456 O  O   . HOH H 4 .   ? 3.981   -5.889  -22.977 1.00 38.13  ? 464 HOH A O   1 
HETATM 1457 O  O   . HOH H 4 .   ? -8.779  -16.010 -2.711  1.00 40.63  ? 465 HOH A O   1 
HETATM 1458 O  O   . HOH H 4 .   ? 7.459   6.068   -23.076 1.00 40.36  ? 466 HOH A O   1 
HETATM 1459 O  O   . HOH H 4 .   ? -26.610 -2.196  -6.508  1.00 38.39  ? 467 HOH A O   1 
HETATM 1460 O  O   . HOH H 4 .   ? -4.354  -7.448  15.400  1.00 53.22  ? 468 HOH A O   1 
HETATM 1461 O  O   . HOH H 4 .   ? -7.373  -13.597 1.183   1.00 37.20  ? 469 HOH A O   1 
HETATM 1462 O  O   . HOH H 4 .   ? -5.224  2.696   -23.094 1.00 56.57  ? 470 HOH A O   1 
HETATM 1463 O  O   . HOH H 4 .   ? -13.765 -0.997  8.888   1.00 43.54  ? 471 HOH A O   1 
HETATM 1464 O  O   . HOH H 4 .   ? -14.238 1.877   9.836   1.00 50.54  ? 472 HOH A O   1 
# 
